data_9B6Q
#
_entry.id   9B6Q
#
_cell.length_a   1.00
_cell.length_b   1.00
_cell.length_c   1.00
_cell.angle_alpha   90.00
_cell.angle_beta   90.00
_cell.angle_gamma   90.00
#
_symmetry.space_group_name_H-M   'P 1'
#
loop_
_entity.id
_entity.type
_entity.pdbx_description
1 polymer 'Capsid protein VP1'
2 polymer 'Fab1-4 heavy chain'
3 polymer 'Fab1-4 light chain'
#
loop_
_entity_poly.entity_id
_entity_poly.type
_entity_poly.pdbx_seq_one_letter_code
_entity_poly.pdbx_strand_id
1 'polypeptide(L)'
;MASGGGAPVADNNEGADGVGSSSGNWHCDSQWLGDRVITTSTRTWALPTYNNHLYKQISNSTSGGSSNDNAYFGYSTPWG
YFDFNRFHCHFSPRDWQRLINNNWGFRPKRLNFKLFNIQVKEVTDNNGVKTIANNLTSTVQVFTDSDYQLPYVLGSAHEG
CLPPFPADVFMIPQYGYLTLNDGSQAVGRSSFYCLEYFPSQMLRTGNNFQFSYEFENVPFHSSYAHSQSLDRLMNPLIDQ
YLYYLSKTINGSGQNQQTLKFSVAGPSNMAVQGRNYIPGPSYRQQRVSTTVTQNNNSEFAWPGASSWALNGRNSLMNPGP
AMASHKEGEDRFFPLSGSLIFGKQGTGRDNVDADKVMITNEEEIKTTNPVATESYGQVATNHQSAQAQAQTGWVQNQGIL
PGMVWQDRDVYLQGPIWAKIPHTDGNFHPSPLMGGFGMKHPPPQILIKNTPVPADPPTAFNKDKLNSFITQYSTGQVSVE
IEWELQKENSKRWNPEIQYTSNYYKSNNVEFAVNTEGVYSEPRPIGTRYLTRNL
;
A,B,C,D,E,F
2 'polypeptide(L)'
;QVQVVESGAEVKKPGASVKVSCKASGYAFTTYYMHWVRQAPGQGLEWMGLINPSGDSITYAQRFQGRVTMTKDTSTSTVY
MELSSLRSEDTAIYYCARDPNVAFYYGSGNYYKDNAMDVWGQGTTVTVSS
;
H
3 'polypeptide(L)'
;QSVLTQPPSASGTPGQRVTISCSGSSSNIGSNPVNWYQQLPGTAPKLLIYSNNQRPSGVPDRFSGSKSGTSASLAISGLQ
SEDEADYYCAAWDDSLNGVLFGGGTKLTVLG
;
L
#
# COMPACT_ATOMS: atom_id res chain seq x y z
N VAL A 37 -21.60 25.83 40.99
CA VAL A 37 -21.10 27.18 40.80
C VAL A 37 -21.21 27.52 39.32
N ILE A 38 -21.18 28.81 38.99
CA ILE A 38 -20.95 29.27 37.63
C ILE A 38 -19.98 30.43 37.71
N THR A 39 -18.91 30.36 36.95
CA THR A 39 -17.89 31.39 36.95
C THR A 39 -17.86 32.05 35.58
N THR A 40 -17.38 33.29 35.55
CA THR A 40 -17.19 34.01 34.30
C THR A 40 -15.91 34.81 34.42
N SER A 41 -15.06 34.69 33.41
CA SER A 41 -13.78 35.39 33.40
C SER A 41 -13.59 36.06 32.05
N THR A 42 -13.18 37.32 32.07
CA THR A 42 -12.86 38.06 30.86
C THR A 42 -11.45 38.61 30.99
N ARG A 43 -10.67 38.47 29.92
CA ARG A 43 -9.28 38.89 29.91
C ARG A 43 -8.99 39.63 28.61
N THR A 44 -7.85 40.31 28.59
CA THR A 44 -7.34 40.97 27.40
C THR A 44 -6.09 40.25 26.94
N TRP A 45 -6.03 39.92 25.65
CA TRP A 45 -4.92 39.16 25.08
C TRP A 45 -4.28 39.92 23.93
N ALA A 46 -3.08 39.47 23.57
CA ALA A 46 -2.35 39.98 22.42
C ALA A 46 -1.80 38.80 21.64
N LEU A 47 -2.04 38.77 20.34
CA LEU A 47 -1.59 37.68 19.48
C LEU A 47 -0.59 38.19 18.46
N PRO A 48 0.67 37.79 18.54
CA PRO A 48 1.66 38.21 17.53
C PRO A 48 1.60 37.29 16.33
N THR A 49 2.54 37.51 15.42
CA THR A 49 2.86 36.57 14.36
C THR A 49 3.95 35.63 14.85
N TYR A 50 3.68 34.32 14.81
CA TYR A 50 4.66 33.31 15.17
C TYR A 50 5.28 32.71 13.92
N ASN A 51 6.60 32.49 13.96
CA ASN A 51 7.33 31.81 12.89
C ASN A 51 7.23 32.52 11.55
N ASN A 52 6.91 33.81 11.54
CA ASN A 52 6.73 34.56 10.30
C ASN A 52 5.71 33.88 9.38
N HIS A 53 4.58 33.47 9.98
CA HIS A 53 3.46 32.89 9.25
C HIS A 53 3.83 31.58 8.57
N LEU A 54 4.55 30.72 9.29
CA LEU A 54 5.24 29.62 8.63
C LEU A 54 5.29 28.39 9.53
N TYR A 55 5.11 27.22 8.92
CA TYR A 55 5.27 25.93 9.59
C TYR A 55 6.73 25.49 9.51
N LYS A 56 7.26 25.01 10.62
CA LYS A 56 8.67 24.61 10.68
C LYS A 56 8.82 23.26 11.35
N GLN A 57 9.64 22.40 10.76
CA GLN A 57 10.09 21.20 11.43
C GLN A 57 11.02 21.53 12.58
N ILE A 58 10.82 20.89 13.72
CA ILE A 58 11.67 21.05 14.89
C ILE A 58 12.07 19.67 15.39
N SER A 59 13.28 19.57 15.93
CA SER A 59 13.79 18.34 16.51
C SER A 59 14.89 18.73 17.48
N ASN A 60 15.30 17.78 18.32
CA ASN A 60 16.37 18.02 19.28
C ASN A 60 17.61 18.55 18.56
N SER A 61 17.79 18.12 17.31
CA SER A 61 18.95 18.57 16.53
C SER A 61 18.82 20.04 16.16
N THR A 62 17.59 20.52 15.97
CA THR A 62 17.41 21.96 15.78
C THR A 62 17.66 22.71 17.08
N SER A 63 17.52 22.04 18.22
CA SER A 63 17.85 22.60 19.53
C SER A 63 19.24 22.19 20.01
N GLY A 64 20.04 21.51 19.18
CA GLY A 64 21.38 21.11 19.54
C GLY A 64 21.61 19.63 19.74
N GLY A 65 20.56 18.82 19.75
CA GLY A 65 20.71 17.37 19.72
C GLY A 65 20.52 16.66 21.04
N SER A 66 20.75 17.32 22.16
CA SER A 66 20.45 16.77 23.49
C SER A 66 20.97 15.35 23.68
N SER A 67 20.09 14.48 24.19
CA SER A 67 20.40 13.07 24.43
C SER A 67 19.24 12.24 23.91
N ASN A 68 19.30 10.92 24.12
CA ASN A 68 18.25 10.05 23.60
C ASN A 68 16.95 10.21 24.38
N ASP A 69 17.04 10.38 25.70
CA ASP A 69 15.83 10.54 26.50
C ASP A 69 15.06 11.77 26.08
N ASN A 70 15.77 12.82 25.66
CA ASN A 70 15.17 14.08 25.28
C ASN A 70 14.95 14.20 23.78
N ALA A 71 15.23 13.16 23.02
CA ALA A 71 15.06 13.21 21.57
C ALA A 71 13.58 13.39 21.21
N TYR A 72 13.34 14.22 20.21
CA TYR A 72 11.97 14.49 19.78
C TYR A 72 11.98 14.95 18.33
N PHE A 73 10.82 14.84 17.69
CA PHE A 73 10.61 15.32 16.33
C PHE A 73 9.20 15.89 16.25
N GLY A 74 9.06 17.05 15.60
CA GLY A 74 7.75 17.64 15.50
C GLY A 74 7.75 18.92 14.69
N TYR A 75 6.70 19.72 14.88
CA TYR A 75 6.50 20.93 14.11
C TYR A 75 6.06 22.08 15.01
N SER A 76 6.49 23.28 14.65
CA SER A 76 5.96 24.50 15.22
C SER A 76 5.05 25.16 14.20
N THR A 77 3.95 25.73 14.67
CA THR A 77 2.95 26.29 13.78
C THR A 77 2.85 27.80 13.96
N PRO A 78 2.40 28.53 12.93
CA PRO A 78 2.11 29.95 13.10
C PRO A 78 0.91 30.23 14.01
N TRP A 79 0.08 29.24 14.29
CA TRP A 79 -1.12 29.42 15.08
C TRP A 79 -0.80 29.56 16.57
N GLY A 80 -1.68 30.28 17.28
CA GLY A 80 -1.72 30.29 18.71
C GLY A 80 -2.93 29.51 19.22
N TYR A 81 -3.05 29.42 20.54
CA TYR A 81 -4.20 28.75 21.14
C TYR A 81 -4.47 29.30 22.53
N PHE A 82 -5.72 29.13 22.98
CA PHE A 82 -6.15 29.55 24.30
C PHE A 82 -6.11 28.39 25.27
N ASP A 83 -5.57 28.63 26.47
CA ASP A 83 -5.56 27.63 27.52
C ASP A 83 -6.10 28.24 28.80
N PHE A 84 -7.31 27.85 29.21
CA PHE A 84 -7.87 28.18 30.51
C PHE A 84 -7.85 27.02 31.50
N ASN A 85 -7.14 25.94 31.20
CA ASN A 85 -7.18 24.66 31.91
C ASN A 85 -6.84 24.73 33.40
N ARG A 86 -6.39 25.86 33.95
CA ARG A 86 -6.04 25.95 35.36
C ARG A 86 -7.16 26.60 36.17
N PHE A 87 -7.31 26.14 37.42
CA PHE A 87 -8.42 26.60 38.25
C PHE A 87 -8.37 28.10 38.51
N HIS A 88 -7.21 28.67 38.83
CA HIS A 88 -7.17 30.08 39.16
C HIS A 88 -7.63 30.98 38.02
N CYS A 89 -7.74 30.45 36.81
CA CYS A 89 -8.40 31.18 35.75
C CYS A 89 -9.85 31.49 36.13
N HIS A 90 -10.58 30.47 36.57
CA HIS A 90 -12.02 30.60 36.78
C HIS A 90 -12.42 30.95 38.21
N PHE A 91 -11.51 30.89 39.18
CA PHE A 91 -11.86 31.12 40.58
C PHE A 91 -10.95 32.15 41.19
N SER A 92 -11.52 33.03 42.01
CA SER A 92 -10.75 33.93 42.84
C SER A 92 -10.40 33.23 44.16
N PRO A 93 -9.40 33.74 44.89
CA PRO A 93 -9.08 33.20 46.21
C PRO A 93 -10.16 33.52 47.25
N GLY A 105 -17.32 17.89 47.17
CA GLY A 105 -17.39 17.43 45.80
C GLY A 105 -17.79 18.51 44.81
N PHE A 106 -17.16 18.50 43.64
CA PHE A 106 -17.55 19.40 42.56
C PHE A 106 -17.04 18.81 41.25
N ARG A 107 -17.54 19.37 40.14
CA ARG A 107 -17.15 18.92 38.81
C ARG A 107 -17.76 19.84 37.75
N PRO A 108 -17.09 20.03 36.62
CA PRO A 108 -17.67 20.88 35.57
C PRO A 108 -18.84 20.21 34.88
N LYS A 109 -19.68 21.05 34.29
CA LYS A 109 -20.86 20.61 33.54
C LYS A 109 -20.91 21.23 32.16
N ARG A 110 -21.02 22.56 32.09
CA ARG A 110 -21.17 23.27 30.84
C ARG A 110 -20.00 24.23 30.64
N LEU A 111 -19.83 24.66 29.40
CA LEU A 111 -18.75 25.56 29.02
C LEU A 111 -19.28 26.54 28.00
N ASN A 112 -18.90 27.81 28.12
CA ASN A 112 -19.24 28.80 27.12
C ASN A 112 -18.06 29.73 26.93
N PHE A 113 -17.75 30.03 25.66
CA PHE A 113 -16.52 30.71 25.28
C PHE A 113 -16.86 31.79 24.27
N LYS A 114 -16.29 32.98 24.45
CA LYS A 114 -16.47 34.06 23.50
C LYS A 114 -15.15 34.75 23.23
N LEU A 115 -15.03 35.28 22.01
CA LEU A 115 -13.86 36.03 21.57
C LEU A 115 -14.37 37.27 20.87
N PHE A 116 -14.02 38.45 21.39
CA PHE A 116 -14.66 39.65 20.86
C PHE A 116 -13.73 40.85 21.01
N ASN A 117 -14.21 41.99 20.48
CA ASN A 117 -13.49 43.26 20.48
C ASN A 117 -12.12 43.13 19.84
N ILE A 118 -12.10 42.52 18.64
CA ILE A 118 -10.85 42.27 17.94
C ILE A 118 -10.28 43.57 17.41
N GLN A 119 -9.01 43.81 17.72
CA GLN A 119 -8.29 44.97 17.20
C GLN A 119 -6.99 44.49 16.58
N VAL A 120 -6.87 44.65 15.27
CA VAL A 120 -5.66 44.27 14.54
C VAL A 120 -4.79 45.49 14.39
N LYS A 121 -3.57 45.41 14.91
CA LYS A 121 -2.59 46.49 14.83
C LYS A 121 -1.54 46.13 13.78
N GLU A 122 -1.00 47.15 13.13
CA GLU A 122 0.15 47.00 12.26
C GLU A 122 1.32 47.78 12.86
N VAL A 123 2.53 47.35 12.56
CA VAL A 123 3.71 47.98 13.14
C VAL A 123 4.64 48.50 12.06
N ILE A 132 2.88 52.14 15.03
CA ILE A 132 1.69 51.33 15.30
C ILE A 132 0.44 52.04 14.85
N ALA A 133 -0.37 51.37 14.05
CA ALA A 133 -1.62 51.90 13.52
C ALA A 133 -2.67 50.80 13.52
N ASN A 134 -3.91 51.20 13.32
CA ASN A 134 -4.98 50.22 13.17
C ASN A 134 -5.06 49.75 11.73
N ASN A 135 -5.29 48.46 11.54
CA ASN A 135 -5.65 47.92 10.24
C ASN A 135 -7.08 47.39 10.36
N LEU A 136 -8.02 48.13 9.76
CA LEU A 136 -9.43 47.79 9.89
C LEU A 136 -9.87 46.72 8.88
N THR A 137 -9.06 46.47 7.87
CA THR A 137 -9.38 45.50 6.83
C THR A 137 -8.80 44.11 7.09
N SER A 138 -8.19 43.88 8.25
CA SER A 138 -7.50 42.63 8.48
C SER A 138 -8.33 41.68 9.33
N THR A 139 -8.20 40.38 9.02
CA THR A 139 -8.97 39.34 9.67
C THR A 139 -8.07 38.50 10.57
N VAL A 140 -8.68 37.96 11.62
CA VAL A 140 -8.06 36.97 12.50
C VAL A 140 -8.84 35.68 12.35
N GLN A 141 -8.13 34.57 12.20
CA GLN A 141 -8.74 33.27 11.96
C GLN A 141 -8.75 32.45 13.24
N VAL A 142 -9.85 31.76 13.49
CA VAL A 142 -10.01 30.95 14.70
C VAL A 142 -10.91 29.76 14.39
N PHE A 143 -10.60 28.62 14.99
CA PHE A 143 -11.48 27.46 14.94
C PHE A 143 -11.25 26.64 16.19
N THR A 144 -12.18 25.74 16.44
CA THR A 144 -12.05 24.76 17.52
C THR A 144 -11.84 23.38 16.91
N ASP A 145 -11.13 22.53 17.64
CA ASP A 145 -10.95 21.16 17.20
C ASP A 145 -11.97 20.34 17.99
N SER A 146 -13.13 20.14 17.38
CA SER A 146 -14.24 19.47 18.05
C SER A 146 -14.38 18.01 17.64
N ASP A 147 -13.60 17.55 16.66
CA ASP A 147 -13.45 16.14 16.38
C ASP A 147 -12.19 15.58 17.00
N TYR A 148 -11.40 16.42 17.67
CA TYR A 148 -10.17 16.01 18.34
C TYR A 148 -9.19 15.41 17.34
N GLN A 149 -9.11 16.03 16.18
CA GLN A 149 -8.26 15.56 15.09
C GLN A 149 -6.83 16.08 15.17
N LEU A 150 -6.58 17.12 15.94
CA LEU A 150 -5.22 17.58 16.18
C LEU A 150 -4.63 16.96 17.44
N PRO A 151 -3.30 16.93 17.55
CA PRO A 151 -2.68 16.54 18.81
C PRO A 151 -3.07 17.47 19.94
N TYR A 152 -3.47 16.88 21.06
CA TYR A 152 -4.04 17.63 22.18
C TYR A 152 -2.93 17.97 23.17
N VAL A 153 -2.56 19.25 23.22
CA VAL A 153 -1.47 19.70 24.08
C VAL A 153 -1.96 20.34 25.37
N LEU A 154 -3.27 20.39 25.60
CA LEU A 154 -3.78 21.13 26.75
C LEU A 154 -3.65 20.35 28.06
N GLY A 155 -3.25 19.08 28.01
CA GLY A 155 -3.16 18.29 29.23
C GLY A 155 -1.74 18.07 29.71
N SER A 156 -0.82 18.89 29.22
CA SER A 156 0.60 18.74 29.55
C SER A 156 1.06 19.69 30.64
N ALA A 157 0.16 20.50 31.21
CA ALA A 157 0.48 21.44 32.29
C ALA A 157 1.48 22.50 31.84
N HIS A 158 1.27 23.04 30.65
CA HIS A 158 2.10 24.12 30.15
C HIS A 158 1.68 25.47 30.73
N GLU A 159 2.63 26.41 30.68
CA GLU A 159 2.35 27.79 31.01
C GLU A 159 1.51 28.41 29.88
N GLY A 160 1.10 29.66 30.04
CA GLY A 160 0.28 30.32 29.04
C GLY A 160 -1.20 30.37 29.34
N CYS A 161 -1.59 30.13 30.59
CA CYS A 161 -2.98 30.18 30.99
C CYS A 161 -3.48 31.63 31.05
N LEU A 162 -4.80 31.77 31.05
CA LEU A 162 -5.40 33.00 31.53
C LEU A 162 -4.83 33.31 32.92
N PRO A 163 -4.37 34.54 33.16
CA PRO A 163 -3.78 34.84 34.45
C PRO A 163 -4.84 34.83 35.55
N PRO A 164 -4.45 34.53 36.79
CA PRO A 164 -5.46 34.49 37.86
C PRO A 164 -6.02 35.86 38.21
N PHE A 165 -5.29 36.93 37.92
CA PHE A 165 -5.72 38.26 38.31
C PHE A 165 -6.36 38.95 37.12
N PRO A 166 -7.62 39.40 37.25
CA PRO A 166 -8.40 39.75 36.05
C PRO A 166 -7.88 40.95 35.28
N ALA A 167 -7.05 41.80 35.87
CA ALA A 167 -6.58 42.99 35.16
C ALA A 167 -5.35 42.73 34.31
N ASP A 168 -4.70 41.58 34.46
CA ASP A 168 -3.51 41.26 33.67
C ASP A 168 -3.85 41.06 32.20
N VAL A 169 -2.91 41.44 31.33
CA VAL A 169 -3.03 41.27 29.89
C VAL A 169 -1.91 40.34 29.44
N PHE A 170 -2.28 39.22 28.79
CA PHE A 170 -1.37 38.11 28.60
C PHE A 170 -1.16 37.82 27.11
N MET A 171 -0.09 37.10 26.83
CA MET A 171 0.29 36.72 25.48
C MET A 171 -0.16 35.29 25.20
N ILE A 172 -0.80 35.09 24.05
CA ILE A 172 -1.32 33.78 23.67
C ILE A 172 -0.16 32.89 23.26
N PRO A 173 -0.08 31.66 23.78
CA PRO A 173 1.07 30.81 23.47
C PRO A 173 1.01 30.18 22.09
N GLN A 174 2.19 29.91 21.55
CA GLN A 174 2.32 29.32 20.22
C GLN A 174 2.04 27.82 20.25
N TYR A 175 1.30 27.36 19.25
CA TYR A 175 0.90 25.96 19.17
C TYR A 175 1.96 25.12 18.47
N GLY A 176 2.31 23.99 19.09
CA GLY A 176 3.21 23.03 18.50
C GLY A 176 2.85 21.64 18.96
N TYR A 177 3.45 20.64 18.33
CA TYR A 177 3.16 19.25 18.66
C TYR A 177 4.33 18.38 18.25
N LEU A 178 4.40 17.19 18.83
CA LEU A 178 5.43 16.21 18.56
C LEU A 178 4.83 14.97 17.92
N THR A 179 5.67 14.24 17.20
CA THR A 179 5.26 13.06 16.46
C THR A 179 6.28 11.96 16.74
N LEU A 180 6.15 10.84 16.03
CA LEU A 180 7.06 9.72 16.23
C LEU A 180 8.48 10.08 15.79
N ASN A 181 9.46 9.58 16.53
CA ASN A 181 10.86 9.90 16.25
C ASN A 181 11.74 8.69 16.52
N ASP A 182 12.75 8.51 15.67
CA ASP A 182 13.79 7.51 15.93
C ASP A 182 15.03 8.18 16.52
N GLY A 183 14.93 9.46 16.84
CA GLY A 183 16.12 10.27 17.05
C GLY A 183 15.71 11.68 16.74
N SER A 184 16.66 12.48 16.26
CA SER A 184 16.31 13.75 15.62
C SER A 184 15.51 13.55 14.34
N GLN A 185 15.34 12.31 13.87
CA GLN A 185 14.70 12.01 12.62
C GLN A 185 13.24 11.60 12.80
N ALA A 186 12.58 11.37 11.68
CA ALA A 186 11.19 10.91 11.65
C ALA A 186 11.12 9.55 10.98
N VAL A 187 10.08 8.79 11.30
CA VAL A 187 9.84 7.53 10.64
C VAL A 187 8.75 7.74 9.59
N GLY A 188 8.43 6.69 8.84
CA GLY A 188 7.40 6.82 7.82
C GLY A 188 6.01 6.92 8.41
N ARG A 189 5.87 6.59 9.70
CA ARG A 189 4.58 6.63 10.35
C ARG A 189 4.29 7.99 10.96
N SER A 190 5.26 8.91 10.93
CA SER A 190 5.08 10.22 11.52
C SER A 190 4.13 11.06 10.68
N SER A 191 3.23 11.76 11.36
CA SER A 191 2.19 12.54 10.70
C SER A 191 2.48 14.03 10.78
N PHE A 192 2.06 14.74 9.75
CA PHE A 192 2.19 16.18 9.64
C PHE A 192 0.81 16.80 9.42
N TYR A 193 0.54 17.89 10.14
CA TYR A 193 -0.79 18.50 10.10
C TYR A 193 -0.66 19.94 9.66
N CYS A 194 -1.46 20.34 8.68
CA CYS A 194 -1.60 21.72 8.29
C CYS A 194 -2.92 22.25 8.86
N LEU A 195 -2.83 23.17 9.82
CA LEU A 195 -4.03 23.67 10.45
C LEU A 195 -4.90 24.50 9.51
N GLU A 196 -4.34 25.02 8.41
CA GLU A 196 -5.16 25.67 7.41
C GLU A 196 -6.12 24.71 6.73
N TYR A 197 -5.89 23.41 6.83
CA TYR A 197 -6.70 22.40 6.17
C TYR A 197 -7.94 22.03 6.99
N PHE A 198 -8.15 22.69 8.09
CA PHE A 198 -9.31 22.82 8.97
C PHE A 198 -10.08 24.08 8.64
N PRO A 199 -11.39 24.00 8.51
CA PRO A 199 -12.19 25.21 8.31
C PRO A 199 -12.20 26.06 9.57
N SER A 200 -12.10 27.37 9.40
CA SER A 200 -12.06 28.30 10.51
C SER A 200 -12.82 29.57 10.17
N GLN A 201 -13.34 30.23 11.19
CA GLN A 201 -14.04 31.50 11.00
C GLN A 201 -13.01 32.61 10.88
N MET A 202 -13.31 33.61 10.06
CA MET A 202 -12.44 34.76 9.85
C MET A 202 -13.15 36.01 10.36
N LEU A 203 -12.43 36.80 11.16
CA LEU A 203 -13.03 37.88 11.94
C LEU A 203 -12.29 39.19 11.69
N ARG A 204 -13.02 40.20 11.21
CA ARG A 204 -12.52 41.56 11.26
C ARG A 204 -12.86 42.19 12.61
N THR A 205 -12.65 43.51 12.71
CA THR A 205 -12.70 44.17 14.01
C THR A 205 -14.11 44.22 14.60
N GLY A 206 -15.15 44.07 13.79
CA GLY A 206 -16.50 44.07 14.30
C GLY A 206 -17.09 42.70 14.55
N ASN A 207 -16.43 41.66 14.06
CA ASN A 207 -16.92 40.29 14.21
C ASN A 207 -16.56 39.74 15.58
N ASN A 208 -17.34 38.77 16.03
CA ASN A 208 -17.07 38.08 17.28
C ASN A 208 -17.15 36.57 17.06
N PHE A 209 -16.69 35.82 18.05
CA PHE A 209 -16.69 34.36 17.98
C PHE A 209 -17.18 33.79 19.30
N GLN A 210 -18.08 32.81 19.22
CA GLN A 210 -18.56 32.13 20.41
C GLN A 210 -18.83 30.68 20.07
N PHE A 211 -18.70 29.83 21.08
CA PHE A 211 -19.22 28.48 21.01
C PHE A 211 -19.46 28.00 22.43
N SER A 212 -20.26 26.96 22.56
CA SER A 212 -20.49 26.34 23.86
C SER A 212 -20.11 24.87 23.79
N TYR A 213 -19.87 24.30 24.96
CA TYR A 213 -19.39 22.94 25.11
C TYR A 213 -20.03 22.29 26.33
N GLU A 214 -20.19 20.99 26.28
CA GLU A 214 -20.77 20.22 27.38
C GLU A 214 -19.77 19.21 27.88
N PHE A 215 -19.33 19.37 29.12
CA PHE A 215 -18.46 18.37 29.74
C PHE A 215 -19.16 17.02 29.80
N GLU A 216 -18.47 16.00 29.30
CA GLU A 216 -19.02 14.66 29.42
C GLU A 216 -19.03 14.25 30.89
N ASN A 217 -19.87 13.28 31.21
CA ASN A 217 -20.08 12.92 32.60
C ASN A 217 -18.79 12.36 33.19
N VAL A 218 -18.35 12.95 34.30
CA VAL A 218 -17.20 12.48 35.06
C VAL A 218 -17.61 12.37 36.52
N PRO A 219 -16.91 11.55 37.30
CA PRO A 219 -17.20 11.51 38.73
C PRO A 219 -16.89 12.82 39.41
N PHE A 220 -17.49 13.02 40.59
CA PHE A 220 -17.17 14.19 41.39
C PHE A 220 -15.74 14.09 41.92
N HIS A 221 -15.08 15.23 42.05
CA HIS A 221 -13.75 15.24 42.63
C HIS A 221 -13.93 15.24 44.14
N SER A 222 -13.17 14.43 44.85
CA SER A 222 -13.30 14.40 46.30
C SER A 222 -12.51 15.54 46.93
N SER A 223 -13.19 16.34 47.73
CA SER A 223 -12.54 17.45 48.39
C SER A 223 -12.96 17.33 49.84
N TYR A 224 -12.59 16.20 50.42
CA TYR A 224 -12.87 15.88 51.80
C TYR A 224 -11.70 15.09 52.33
N ALA A 225 -11.48 15.14 53.63
CA ALA A 225 -10.42 14.39 54.25
C ALA A 225 -11.08 13.35 55.13
N HIS A 226 -10.67 12.10 54.99
CA HIS A 226 -11.24 11.02 55.78
C HIS A 226 -10.90 11.11 57.26
N SER A 227 -11.89 10.87 58.10
CA SER A 227 -11.65 10.82 59.53
C SER A 227 -11.13 9.46 59.98
N GLN A 228 -11.34 8.42 59.19
CA GLN A 228 -10.95 7.07 59.53
C GLN A 228 -9.84 6.62 58.62
N SER A 229 -9.07 5.65 59.08
CA SER A 229 -8.02 5.04 58.28
C SER A 229 -8.39 3.60 57.98
N LEU A 230 -7.81 3.09 56.90
CA LEU A 230 -8.21 1.79 56.37
C LEU A 230 -7.94 0.67 57.36
N ASP A 231 -6.88 0.79 58.17
CA ASP A 231 -6.55 -0.25 59.13
C ASP A 231 -7.37 -0.13 60.41
N ARG A 232 -7.93 1.04 60.71
CA ARG A 232 -8.72 1.26 61.91
C ARG A 232 -10.22 1.16 61.67
N LEU A 233 -10.65 0.77 60.48
CA LEU A 233 -12.06 0.49 60.26
C LEU A 233 -12.51 -0.66 61.16
N ALA A 270 -3.92 -4.98 64.75
CA ALA A 270 -3.01 -5.08 63.62
C ALA A 270 -3.23 -6.37 62.84
N VAL A 271 -3.49 -7.46 63.56
CA VAL A 271 -3.65 -8.78 62.96
C VAL A 271 -5.10 -9.11 62.63
N GLN A 272 -6.01 -8.17 62.78
CA GLN A 272 -7.41 -8.42 62.51
C GLN A 272 -7.66 -8.61 61.02
N GLY A 273 -8.68 -9.41 60.70
CA GLY A 273 -9.06 -9.59 59.32
C GLY A 273 -9.75 -8.36 58.77
N ARG A 274 -9.31 -7.92 57.59
CA ARG A 274 -9.83 -6.71 56.96
C ARG A 274 -10.28 -7.02 55.55
N ASN A 275 -11.44 -6.46 55.18
CA ASN A 275 -12.06 -6.69 53.89
C ASN A 275 -11.39 -5.91 52.75
N TYR A 276 -10.68 -4.83 53.04
CA TYR A 276 -10.12 -3.99 51.99
C TYR A 276 -8.71 -3.59 52.37
N ILE A 277 -7.89 -3.32 51.35
CA ILE A 277 -6.46 -3.09 51.53
C ILE A 277 -6.08 -1.80 50.82
N PRO A 278 -4.97 -1.17 51.21
CA PRO A 278 -4.60 0.11 50.61
C PRO A 278 -4.22 -0.04 49.15
N GLY A 279 -4.24 1.09 48.45
CA GLY A 279 -4.04 1.13 47.02
C GLY A 279 -2.62 0.83 46.59
N PRO A 280 -2.37 0.93 45.29
CA PRO A 280 -1.05 0.56 44.76
C PRO A 280 0.06 1.52 45.16
N SER A 281 1.29 1.04 45.00
CA SER A 281 2.48 1.86 45.24
C SER A 281 3.50 1.63 44.15
N TYR A 282 4.25 2.69 43.84
CA TYR A 282 5.48 2.60 43.05
C TYR A 282 6.48 3.50 43.77
N ARG A 283 7.52 2.95 44.38
CA ARG A 283 8.21 3.69 45.43
C ARG A 283 8.98 4.88 44.86
N GLN A 284 9.06 5.95 45.66
CA GLN A 284 9.83 7.15 45.41
C GLN A 284 10.98 7.25 46.41
N GLN A 285 12.03 7.96 46.02
CA GLN A 285 13.12 8.24 46.94
C GLN A 285 12.76 9.42 47.84
N ARG A 286 13.21 9.35 49.09
CA ARG A 286 12.81 10.30 50.12
C ARG A 286 13.86 11.40 50.24
N VAL A 287 13.42 12.64 50.08
CA VAL A 287 14.32 13.80 50.15
C VAL A 287 13.88 14.66 51.33
N SER A 288 14.86 15.11 52.11
CA SER A 288 14.59 15.96 53.27
C SER A 288 14.91 17.42 52.93
N THR A 289 13.98 18.30 53.30
CA THR A 289 14.19 19.73 53.09
C THR A 289 15.29 20.29 53.99
N THR A 290 15.68 19.57 55.04
CA THR A 290 16.89 19.91 55.78
C THR A 290 18.07 19.29 55.04
N VAL A 291 18.96 20.14 54.51
CA VAL A 291 19.91 19.64 53.53
C VAL A 291 21.01 18.83 54.17
N THR A 292 21.22 18.96 55.49
CA THR A 292 22.25 18.16 56.14
C THR A 292 21.84 16.70 56.27
N GLN A 293 20.54 16.40 56.21
CA GLN A 293 20.06 15.04 56.31
C GLN A 293 20.25 14.25 55.01
N ASN A 294 20.24 14.93 53.87
CA ASN A 294 20.34 14.24 52.60
C ASN A 294 21.79 13.86 52.32
N ASN A 295 21.92 12.79 51.53
CA ASN A 295 23.20 12.23 51.11
C ASN A 295 23.99 13.24 50.31
N ASN A 296 25.28 13.34 50.58
CA ASN A 296 26.14 14.29 49.90
C ASN A 296 26.64 13.76 48.56
N SER A 297 25.73 13.70 47.60
CA SER A 297 26.05 13.23 46.27
C SER A 297 24.97 13.69 45.31
N GLU A 298 25.22 13.59 44.02
CA GLU A 298 24.17 13.93 43.08
C GLU A 298 23.36 12.65 42.92
N PHE A 299 22.06 12.71 43.09
CA PHE A 299 21.23 11.52 42.96
C PHE A 299 19.84 11.89 42.47
N ALA A 300 19.73 13.09 41.94
CA ALA A 300 18.44 13.61 41.46
C ALA A 300 17.93 12.80 40.28
N TRP A 301 18.65 12.79 39.17
CA TRP A 301 18.34 11.85 38.10
C TRP A 301 18.73 10.42 38.44
N PRO A 302 19.97 10.13 38.87
CA PRO A 302 20.35 8.72 39.06
C PRO A 302 19.52 7.98 40.09
N GLY A 303 19.00 8.66 41.11
CA GLY A 303 18.22 7.98 42.12
C GLY A 303 16.72 8.12 41.94
N ALA A 304 16.31 8.46 40.74
CA ALA A 304 14.92 8.78 40.45
C ALA A 304 14.16 7.56 39.95
N SER A 305 12.87 7.51 40.28
CA SER A 305 11.99 6.49 39.75
C SER A 305 11.57 6.85 38.34
N SER A 306 11.62 5.88 37.43
CA SER A 306 11.38 6.16 36.03
C SER A 306 10.58 5.02 35.41
N TRP A 307 10.11 5.25 34.19
CA TRP A 307 9.58 4.19 33.34
C TRP A 307 10.12 4.34 31.93
N ALA A 308 10.38 3.20 31.29
CA ALA A 308 11.04 3.15 30.00
C ALA A 308 10.05 2.83 28.90
N LEU A 309 10.13 3.59 27.81
CA LEU A 309 9.25 3.39 26.66
C LEU A 309 10.09 3.52 25.40
N ASN A 310 10.16 2.44 24.61
CA ASN A 310 10.91 2.43 23.36
C ASN A 310 12.37 2.83 23.59
N GLY A 311 12.92 2.43 24.73
CA GLY A 311 14.30 2.72 25.04
C GLY A 311 14.58 4.10 25.59
N ARG A 312 13.56 4.94 25.75
CA ARG A 312 13.69 6.25 26.35
C ARG A 312 13.15 6.21 27.77
N ASN A 313 13.90 6.80 28.70
CA ASN A 313 13.53 6.83 30.10
C ASN A 313 12.85 8.15 30.43
N SER A 314 11.63 8.05 30.96
CA SER A 314 10.91 9.20 31.47
C SER A 314 10.89 9.14 32.99
N LEU A 315 11.06 10.28 33.63
CA LEU A 315 10.88 10.36 35.06
C LEU A 315 9.45 9.98 35.42
N MET A 316 9.27 9.38 36.59
CA MET A 316 7.91 9.06 37.04
C MET A 316 7.45 10.28 37.83
N ASN A 317 6.60 11.07 37.20
CA ASN A 317 6.19 12.33 37.78
C ASN A 317 4.76 12.63 37.39
N PRO A 318 3.92 13.05 38.35
CA PRO A 318 4.16 12.91 39.78
C PRO A 318 4.03 11.44 40.19
N GLY A 319 3.38 10.65 39.36
CA GLY A 319 3.28 9.23 39.56
C GLY A 319 1.98 8.82 40.22
N PRO A 320 1.87 7.55 40.59
CA PRO A 320 0.70 7.10 41.35
C PRO A 320 0.47 7.96 42.59
N ALA A 321 -0.79 8.17 42.91
CA ALA A 321 -1.14 9.07 44.01
C ALA A 321 -0.92 8.37 45.33
N MET A 322 0.00 8.91 46.13
CA MET A 322 0.39 8.31 47.39
C MET A 322 0.62 9.42 48.41
N ALA A 323 0.61 9.05 49.69
CA ALA A 323 0.90 10.01 50.74
C ALA A 323 2.34 10.46 50.66
N SER A 324 2.58 11.75 50.86
CA SER A 324 3.91 12.31 50.65
C SER A 324 4.87 11.94 51.77
N HIS A 325 4.38 11.74 52.99
CA HIS A 325 5.24 11.46 54.13
C HIS A 325 4.43 10.79 55.23
N LYS A 326 5.13 10.16 56.16
CA LYS A 326 4.48 9.59 57.32
C LYS A 326 4.04 10.69 58.29
N GLU A 327 3.10 10.33 59.16
CA GLU A 327 2.60 11.27 60.15
C GLU A 327 3.72 11.71 61.08
N GLY A 328 3.86 13.03 61.22
CA GLY A 328 4.86 13.61 62.09
C GLY A 328 6.14 14.03 61.41
N GLU A 329 6.46 13.48 60.24
CA GLU A 329 7.63 13.88 59.49
C GLU A 329 7.14 14.76 58.34
N ASP A 330 7.31 16.06 58.48
CA ASP A 330 6.86 17.00 57.47
C ASP A 330 7.99 17.51 56.58
N ARG A 331 9.22 17.11 56.85
CA ARG A 331 10.35 17.59 56.09
C ARG A 331 10.68 16.72 54.88
N PHE A 332 10.08 15.54 54.77
CA PHE A 332 10.35 14.63 53.68
C PHE A 332 9.29 14.75 52.61
N PHE A 333 9.72 14.62 51.36
CA PHE A 333 8.83 14.65 50.21
C PHE A 333 9.43 13.74 49.15
N PRO A 334 8.57 13.07 48.36
CA PRO A 334 9.07 12.16 47.33
C PRO A 334 9.88 12.95 46.30
N LEU A 335 10.94 12.35 45.77
CA LEU A 335 11.81 13.07 44.84
C LEU A 335 11.07 13.56 43.60
N SER A 336 10.23 12.72 43.01
CA SER A 336 9.44 13.13 41.84
C SER A 336 7.95 12.93 42.10
N GLY A 337 7.61 12.59 43.34
CA GLY A 337 6.26 12.32 43.76
C GLY A 337 5.20 13.41 43.78
N SER A 338 5.59 14.62 44.16
CA SER A 338 4.61 15.71 44.26
C SER A 338 4.74 16.85 43.25
N LEU A 339 3.66 17.62 43.16
CA LEU A 339 3.59 18.82 42.33
C LEU A 339 4.27 19.97 43.05
N ILE A 340 5.17 20.66 42.34
CA ILE A 340 5.95 21.75 42.91
C ILE A 340 5.68 23.00 42.09
N PHE A 341 5.10 24.00 42.73
CA PHE A 341 4.82 25.28 42.08
C PHE A 341 5.88 26.29 42.47
N GLY A 342 6.19 27.18 41.54
CA GLY A 342 7.06 28.29 41.83
C GLY A 342 6.32 29.47 42.43
N LYS A 343 6.98 30.19 43.32
CA LYS A 343 6.46 31.45 43.81
C LYS A 343 6.56 32.51 42.73
N GLN A 344 5.75 33.55 42.85
CA GLN A 344 5.70 34.61 41.84
C GLN A 344 7.06 35.26 41.67
N GLY A 345 7.53 35.29 40.43
CA GLY A 345 8.83 35.85 40.11
C GLY A 345 9.99 34.88 40.20
N THR A 346 9.74 33.59 40.42
CA THR A 346 10.80 32.60 40.54
C THR A 346 11.48 32.38 39.20
N GLY A 347 12.81 32.28 39.19
CA GLY A 347 13.56 32.04 37.97
C GLY A 347 13.36 30.66 37.36
N ARG A 348 13.64 30.54 36.07
CA ARG A 348 13.50 29.25 35.39
C ARG A 348 14.48 28.15 35.84
N ASP A 349 15.73 28.51 36.08
CA ASP A 349 16.76 27.52 36.41
C ASP A 349 17.48 27.57 37.75
N ASN A 350 17.57 26.41 38.39
CA ASN A 350 18.29 26.23 39.65
C ASN A 350 17.93 27.14 40.82
N VAL A 351 16.63 27.31 41.07
CA VAL A 351 16.17 28.14 42.19
C VAL A 351 16.23 27.38 43.51
N ASP A 352 16.29 28.12 44.63
CA ASP A 352 16.35 27.53 45.96
C ASP A 352 14.99 26.99 46.43
N ALA A 353 14.97 26.26 47.53
CA ALA A 353 13.72 25.66 47.97
C ALA A 353 12.74 26.70 48.51
N ASP A 354 13.23 27.88 48.88
CA ASP A 354 12.33 28.95 49.28
C ASP A 354 11.64 29.61 48.10
N LYS A 355 12.07 29.34 46.87
CA LYS A 355 11.47 29.93 45.69
C LYS A 355 10.33 29.10 45.11
N VAL A 356 10.00 27.98 45.73
CA VAL A 356 9.00 27.07 45.19
C VAL A 356 8.04 26.68 46.30
N MET A 357 6.90 26.15 45.89
CA MET A 357 5.88 25.65 46.81
C MET A 357 5.67 24.18 46.52
N ILE A 358 6.08 23.33 47.46
CA ILE A 358 5.95 21.89 47.33
C ILE A 358 4.61 21.49 47.94
N THR A 359 3.73 20.90 47.14
CA THR A 359 2.49 20.39 47.68
C THR A 359 2.72 19.06 48.39
N ASN A 360 1.85 18.78 49.35
CA ASN A 360 1.90 17.51 50.06
C ASN A 360 0.52 16.87 50.05
N GLU A 361 0.50 15.56 49.88
CA GLU A 361 -0.71 14.75 49.80
C GLU A 361 -1.12 14.16 51.14
N GLU A 362 -0.53 14.61 52.25
CA GLU A 362 -0.66 13.94 53.54
C GLU A 362 -2.10 13.66 53.95
N GLU A 363 -3.09 14.31 53.33
CA GLU A 363 -4.47 14.02 53.68
C GLU A 363 -4.93 12.63 53.27
N ILE A 364 -4.31 12.05 52.24
CA ILE A 364 -4.80 10.78 51.68
C ILE A 364 -4.11 9.60 52.36
N LYS A 365 -3.32 9.86 53.39
CA LYS A 365 -2.56 8.80 54.04
C LYS A 365 -3.45 7.77 54.73
N THR A 366 -4.76 8.02 54.82
CA THR A 366 -5.66 7.03 55.40
C THR A 366 -5.86 5.84 54.45
N THR A 367 -6.14 6.09 53.18
CA THR A 367 -6.32 5.01 52.22
C THR A 367 -5.11 4.74 51.32
N ASN A 368 -4.05 5.54 51.39
CA ASN A 368 -2.97 5.33 50.43
C ASN A 368 -1.65 5.09 51.13
N PRO A 369 -0.78 4.27 50.55
CA PRO A 369 0.53 4.05 51.14
C PRO A 369 1.43 5.27 51.00
N VAL A 370 2.41 5.38 51.90
CA VAL A 370 3.36 6.47 51.83
C VAL A 370 4.28 6.25 50.64
N ALA A 371 4.56 7.33 49.91
CA ALA A 371 5.26 7.23 48.63
C ALA A 371 6.67 6.69 48.80
N THR A 372 7.35 7.06 49.89
CA THR A 372 8.73 6.65 50.07
C THR A 372 8.83 5.35 50.86
N GLU A 373 7.72 4.91 51.44
CA GLU A 373 7.64 3.64 52.15
C GLU A 373 7.39 2.50 51.16
N SER A 374 7.77 1.28 51.55
CA SER A 374 7.36 0.10 50.79
C SER A 374 5.90 -0.20 51.02
N TYR A 375 5.31 -0.96 50.10
CA TYR A 375 3.91 -1.36 50.27
C TYR A 375 3.76 -2.31 51.45
N GLY A 376 4.69 -3.25 51.59
CA GLY A 376 4.60 -4.25 52.65
C GLY A 376 5.61 -5.35 52.42
N GLN A 377 5.36 -6.49 53.04
CA GLN A 377 6.24 -7.64 52.95
C GLN A 377 5.52 -8.83 52.32
N VAL A 378 6.30 -9.74 51.75
CA VAL A 378 5.81 -11.01 51.24
C VAL A 378 6.81 -12.09 51.61
N ALA A 379 6.31 -13.32 51.71
CA ALA A 379 7.17 -14.47 51.96
C ALA A 379 7.87 -14.86 50.66
N THR A 380 9.18 -15.02 50.73
CA THR A 380 9.97 -15.39 49.56
C THR A 380 10.33 -16.87 49.51
N ASN A 381 9.96 -17.67 50.51
CA ASN A 381 10.42 -19.05 50.55
C ASN A 381 9.35 -19.94 51.16
N HIS A 382 9.67 -21.22 51.26
CA HIS A 382 8.95 -22.18 52.09
C HIS A 382 9.78 -22.48 53.33
N GLN A 383 9.21 -22.20 54.49
CA GLN A 383 9.84 -22.62 55.73
C GLN A 383 9.81 -24.15 55.82
N SER A 384 10.71 -24.67 56.65
CA SER A 384 10.80 -26.11 56.89
C SER A 384 11.69 -26.30 58.10
N ALA A 385 11.89 -27.56 58.49
CA ALA A 385 12.76 -27.83 59.62
C ALA A 385 14.18 -27.35 59.37
N GLN A 386 14.58 -27.27 58.09
CA GLN A 386 15.90 -26.81 57.72
C GLN A 386 15.97 -25.36 57.28
N ALA A 387 14.84 -24.67 57.19
CA ALA A 387 14.80 -23.34 56.57
C ALA A 387 13.90 -22.41 57.37
N GLN A 388 14.41 -21.24 57.70
CA GLN A 388 13.61 -20.21 58.35
C GLN A 388 12.68 -19.54 57.35
N ALA A 389 11.64 -18.90 57.88
CA ALA A 389 10.77 -18.09 57.04
C ALA A 389 11.51 -16.84 56.59
N GLN A 390 11.41 -16.54 55.30
CA GLN A 390 12.06 -15.38 54.71
C GLN A 390 11.03 -14.43 54.15
N THR A 391 11.36 -13.14 54.15
CA THR A 391 10.46 -12.12 53.65
C THR A 391 11.24 -11.17 52.76
N GLY A 392 10.50 -10.36 52.01
CA GLY A 392 11.08 -9.37 51.14
C GLY A 392 10.16 -8.17 51.02
N TRP A 393 10.75 -7.05 50.65
CA TRP A 393 10.00 -5.81 50.63
C TRP A 393 9.37 -5.58 49.28
N VAL A 394 8.09 -5.20 49.28
CA VAL A 394 7.37 -4.94 48.05
C VAL A 394 7.57 -3.46 47.74
N GLN A 395 8.37 -3.18 46.72
CA GLN A 395 8.67 -1.81 46.35
C GLN A 395 7.57 -1.22 45.49
N ASN A 396 7.09 -2.03 44.55
CA ASN A 396 6.04 -1.61 43.66
C ASN A 396 4.98 -2.69 43.67
N GLN A 397 3.73 -2.28 43.76
CA GLN A 397 2.63 -3.23 43.78
C GLN A 397 1.49 -2.73 42.92
N GLY A 398 1.02 -3.57 42.01
CA GLY A 398 -0.08 -3.24 41.13
C GLY A 398 -1.42 -3.43 41.80
N ILE A 399 -2.48 -3.13 41.05
CA ILE A 399 -3.83 -3.26 41.58
C ILE A 399 -4.10 -4.69 42.01
N LEU A 400 -4.68 -4.85 43.19
CA LEU A 400 -5.21 -6.10 43.68
C LEU A 400 -6.70 -5.96 43.94
N PRO A 401 -7.47 -7.03 43.81
CA PRO A 401 -8.89 -6.97 44.22
C PRO A 401 -9.01 -6.61 45.68
N GLY A 402 -9.92 -5.70 45.98
CA GLY A 402 -10.11 -5.23 47.33
C GLY A 402 -9.34 -3.98 47.70
N MET A 403 -8.62 -3.38 46.76
CA MET A 403 -7.93 -2.13 47.04
C MET A 403 -8.86 -0.94 46.93
N VAL A 404 -8.57 0.09 47.71
CA VAL A 404 -9.24 1.38 47.62
C VAL A 404 -8.16 2.45 47.73
N TRP A 405 -8.37 3.55 47.00
CA TRP A 405 -7.38 4.61 47.00
C TRP A 405 -8.09 5.92 46.69
N GLN A 406 -7.50 7.01 47.19
CA GLN A 406 -7.89 8.35 46.84
C GLN A 406 -7.03 8.85 45.70
N ASP A 407 -7.62 9.65 44.83
CA ASP A 407 -6.89 10.33 43.77
C ASP A 407 -6.08 11.48 44.35
N ARG A 408 -5.37 12.17 43.48
CA ARG A 408 -4.58 13.32 43.89
C ARG A 408 -5.46 14.57 43.98
N ASP A 409 -5.15 15.42 44.95
CA ASP A 409 -5.95 16.60 45.20
C ASP A 409 -5.72 17.64 44.10
N VAL A 410 -6.76 18.42 43.84
CA VAL A 410 -6.66 19.53 42.90
C VAL A 410 -6.31 20.78 43.68
N TYR A 411 -5.52 21.64 43.05
CA TYR A 411 -5.04 22.87 43.67
C TYR A 411 -5.52 24.07 42.87
N LEU A 412 -5.53 25.23 43.54
CA LEU A 412 -5.95 26.46 42.88
C LEU A 412 -5.10 26.74 41.65
N GLN A 413 -3.79 26.48 41.74
CA GLN A 413 -2.91 26.67 40.60
C GLN A 413 -2.84 25.43 39.70
N GLY A 414 -3.53 24.36 40.05
CA GLY A 414 -3.40 23.10 39.34
C GLY A 414 -4.28 23.03 38.11
N PRO A 415 -4.12 21.95 37.34
CA PRO A 415 -4.96 21.77 36.15
C PRO A 415 -6.34 21.25 36.50
N ILE A 416 -7.26 21.48 35.58
CA ILE A 416 -8.65 21.03 35.74
C ILE A 416 -8.82 19.69 35.06
N TRP A 417 -8.67 19.65 33.75
CA TRP A 417 -8.96 18.46 32.96
C TRP A 417 -7.73 17.99 32.20
N ALA A 418 -7.81 16.76 31.70
CA ALA A 418 -6.85 16.21 30.77
C ALA A 418 -7.57 15.28 29.81
N LYS A 419 -6.99 15.08 28.64
CA LYS A 419 -7.58 14.21 27.64
C LYS A 419 -7.10 12.78 27.85
N ILE A 420 -8.03 11.85 27.96
CA ILE A 420 -7.67 10.44 28.04
C ILE A 420 -7.18 9.98 26.67
N PRO A 421 -5.96 9.44 26.55
CA PRO A 421 -5.48 8.99 25.25
C PRO A 421 -6.40 7.93 24.67
N HIS A 422 -6.50 7.91 23.35
CA HIS A 422 -7.37 6.95 22.67
C HIS A 422 -6.60 5.65 22.55
N THR A 423 -7.06 4.61 23.25
CA THR A 423 -6.33 3.36 23.35
C THR A 423 -7.33 2.22 23.44
N ASP A 424 -6.82 0.99 23.31
CA ASP A 424 -7.65 -0.17 23.55
C ASP A 424 -8.10 -0.26 25.00
N GLY A 425 -7.21 0.13 25.93
CA GLY A 425 -7.52 -0.05 27.33
C GLY A 425 -6.85 0.96 28.22
N ASN A 426 -7.46 1.14 29.39
CA ASN A 426 -6.93 1.98 30.44
C ASN A 426 -7.55 1.53 31.76
N PHE A 427 -6.94 1.96 32.86
CA PHE A 427 -7.50 1.67 34.17
C PHE A 427 -7.51 2.94 35.01
N HIS A 428 -8.69 3.26 35.56
CA HIS A 428 -8.92 4.42 36.41
C HIS A 428 -8.28 5.63 35.74
N PRO A 429 -8.86 6.08 34.64
CA PRO A 429 -8.18 7.05 33.76
C PRO A 429 -7.86 8.41 34.38
N SER A 430 -8.31 8.69 35.59
CA SER A 430 -8.11 9.99 36.20
C SER A 430 -6.65 10.42 36.09
N PRO A 431 -6.37 11.59 35.52
CA PRO A 431 -4.99 11.98 35.24
C PRO A 431 -4.16 12.11 36.50
N LEU A 432 -2.88 11.73 36.38
CA LEU A 432 -2.04 11.59 37.56
C LEU A 432 -1.56 12.93 38.11
N MET A 433 -1.57 13.99 37.31
CA MET A 433 -1.25 15.30 37.87
C MET A 433 -2.44 15.93 38.56
N GLY A 434 -3.58 15.26 38.57
CA GLY A 434 -4.78 15.72 39.23
C GLY A 434 -5.79 16.28 38.24
N GLY A 435 -7.05 16.21 38.63
CA GLY A 435 -8.12 16.71 37.81
C GLY A 435 -8.96 15.63 37.16
N PHE A 436 -9.80 16.08 36.22
CA PHE A 436 -10.85 15.28 35.62
C PHE A 436 -10.36 14.73 34.28
N GLY A 437 -10.28 13.40 34.15
CA GLY A 437 -9.95 12.80 32.88
C GLY A 437 -11.17 12.65 31.99
N MET A 438 -10.97 12.92 30.70
CA MET A 438 -12.09 12.97 29.76
C MET A 438 -11.63 12.44 28.42
N LYS A 439 -12.47 11.59 27.81
CA LYS A 439 -12.20 11.19 26.44
C LYS A 439 -12.46 12.31 25.45
N HIS A 440 -13.43 13.18 25.73
CA HIS A 440 -13.73 14.34 24.90
C HIS A 440 -13.65 15.59 25.76
N PRO A 441 -12.46 16.05 26.08
CA PRO A 441 -12.30 17.19 26.97
C PRO A 441 -12.76 18.47 26.28
N PRO A 442 -12.68 19.62 26.95
CA PRO A 442 -12.89 20.88 26.25
C PRO A 442 -11.99 20.98 25.04
N PRO A 443 -12.53 21.34 23.88
CA PRO A 443 -11.74 21.29 22.65
C PRO A 443 -10.69 22.39 22.61
N GLN A 444 -9.65 22.15 21.82
CA GLN A 444 -8.65 23.18 21.59
C GLN A 444 -9.21 24.31 20.75
N ILE A 445 -8.75 25.53 21.02
CA ILE A 445 -9.19 26.72 20.31
C ILE A 445 -7.96 27.32 19.65
N LEU A 446 -7.90 27.28 18.33
CA LEU A 446 -6.71 27.68 17.59
C LEU A 446 -6.95 29.02 16.91
N ILE A 447 -5.94 29.90 16.99
CA ILE A 447 -6.08 31.27 16.49
C ILE A 447 -4.75 31.71 15.87
N LYS A 448 -4.84 32.38 14.72
CA LYS A 448 -3.68 33.04 14.13
C LYS A 448 -4.16 34.29 13.43
N ASN A 449 -3.21 35.18 13.15
CA ASN A 449 -3.49 36.36 12.34
C ASN A 449 -3.32 36.01 10.87
N THR A 450 -4.29 36.42 10.05
CA THR A 450 -4.16 36.23 8.62
C THR A 450 -2.97 37.05 8.12
N PRO A 451 -2.06 36.44 7.36
CA PRO A 451 -0.92 37.21 6.84
C PRO A 451 -1.35 38.18 5.76
N VAL A 452 -0.78 39.39 5.82
CA VAL A 452 -1.05 40.40 4.80
C VAL A 452 0.25 40.72 4.09
N PRO A 453 0.39 40.35 2.82
CA PRO A 453 1.67 40.53 2.14
C PRO A 453 2.02 41.98 1.95
N ALA A 454 3.32 42.25 1.87
CA ALA A 454 3.81 43.56 1.51
C ALA A 454 3.67 43.76 0.01
N ASP A 455 4.24 44.84 -0.51
CA ASP A 455 4.07 45.17 -1.92
C ASP A 455 4.76 44.14 -2.81
N PRO A 456 4.01 43.43 -3.65
CA PRO A 456 4.61 42.41 -4.52
C PRO A 456 5.32 43.06 -5.70
N PRO A 457 6.17 42.30 -6.40
CA PRO A 457 6.82 42.85 -7.60
C PRO A 457 5.84 43.02 -8.73
N THR A 458 6.20 43.88 -9.68
CA THR A 458 5.33 44.19 -10.81
C THR A 458 5.52 43.25 -11.99
N ALA A 459 6.38 42.25 -11.86
CA ALA A 459 6.50 41.17 -12.83
C ALA A 459 6.29 39.86 -12.11
N PHE A 460 5.54 38.94 -12.73
CA PHE A 460 5.14 37.73 -12.04
C PHE A 460 6.34 36.88 -11.66
N ASN A 461 6.25 36.27 -10.48
CA ASN A 461 7.23 35.32 -9.99
C ASN A 461 6.50 34.22 -9.24
N LYS A 462 6.90 32.97 -9.46
CA LYS A 462 6.15 31.83 -8.95
C LYS A 462 6.49 31.48 -7.51
N ASP A 463 7.46 32.15 -6.91
CA ASP A 463 7.79 31.87 -5.52
C ASP A 463 6.63 32.29 -4.62
N LYS A 464 6.48 31.59 -3.51
CA LYS A 464 5.60 32.08 -2.47
C LYS A 464 6.15 33.38 -1.90
N LEU A 465 5.26 34.17 -1.32
CA LEU A 465 5.64 35.51 -0.87
C LEU A 465 6.26 35.43 0.51
N ASN A 466 7.50 35.92 0.63
CA ASN A 466 8.22 35.95 1.89
C ASN A 466 8.20 37.31 2.58
N SER A 467 7.50 38.30 2.04
CA SER A 467 7.51 39.66 2.55
C SER A 467 6.14 40.04 3.06
N PHE A 468 6.04 40.37 4.35
CA PHE A 468 4.76 40.64 4.97
C PHE A 468 4.80 41.92 5.79
N ILE A 469 3.61 42.41 6.12
CA ILE A 469 3.44 43.56 6.98
C ILE A 469 3.52 43.10 8.42
N THR A 470 4.30 43.80 9.25
CA THR A 470 4.36 43.45 10.67
C THR A 470 3.05 43.82 11.34
N GLN A 471 2.43 42.83 11.97
CA GLN A 471 1.02 42.90 12.34
C GLN A 471 0.78 42.05 13.57
N TYR A 472 -0.08 42.54 14.46
CA TYR A 472 -0.52 41.75 15.60
C TYR A 472 -1.95 42.14 15.92
N SER A 473 -2.61 41.30 16.71
CA SER A 473 -4.01 41.52 17.04
C SER A 473 -4.18 41.47 18.56
N THR A 474 -5.34 41.96 19.00
CA THR A 474 -5.68 41.98 20.41
C THR A 474 -7.19 42.02 20.56
N GLY A 475 -7.66 41.62 21.72
CA GLY A 475 -9.10 41.56 21.95
C GLY A 475 -9.42 41.09 23.35
N GLN A 476 -10.66 40.62 23.53
CA GLN A 476 -11.14 40.16 24.82
C GLN A 476 -11.61 38.72 24.70
N VAL A 477 -11.51 37.98 25.81
CA VAL A 477 -11.93 36.59 25.88
C VAL A 477 -12.78 36.39 27.12
N SER A 478 -13.92 35.73 26.97
CA SER A 478 -14.77 35.36 28.11
C SER A 478 -15.00 33.86 28.12
N VAL A 479 -14.90 33.26 29.31
CA VAL A 479 -15.14 31.85 29.51
C VAL A 479 -16.06 31.67 30.71
N GLU A 480 -17.12 30.89 30.53
CA GLU A 480 -18.11 30.66 31.57
C GLU A 480 -18.30 29.16 31.74
N ILE A 481 -18.06 28.67 32.95
CA ILE A 481 -18.20 27.25 33.27
C ILE A 481 -19.23 27.11 34.38
N GLU A 482 -20.19 26.21 34.19
CA GLU A 482 -21.13 25.83 35.23
C GLU A 482 -20.59 24.65 36.01
N TRP A 483 -20.31 24.87 37.29
CA TRP A 483 -19.79 23.85 38.18
C TRP A 483 -20.92 23.26 39.01
N GLU A 484 -21.10 21.95 38.93
CA GLU A 484 -21.99 21.25 39.86
C GLU A 484 -21.19 20.84 41.08
N LEU A 485 -21.80 21.03 42.25
CA LEU A 485 -21.15 20.83 43.53
C LEU A 485 -21.73 19.61 44.24
N GLN A 486 -20.92 19.01 45.09
CA GLN A 486 -21.41 18.02 46.04
C GLN A 486 -20.92 18.34 47.44
N VAL B 218 -25.80 -6.46 43.34
CA VAL B 218 -24.58 -7.25 43.40
C VAL B 218 -24.68 -8.48 42.50
N PRO B 219 -23.54 -9.01 42.07
CA PRO B 219 -23.56 -10.28 41.33
C PRO B 219 -23.86 -11.45 42.25
N PHE B 220 -24.38 -12.52 41.66
CA PHE B 220 -24.57 -13.76 42.39
C PHE B 220 -23.25 -14.23 42.97
N HIS B 221 -23.30 -14.73 44.20
CA HIS B 221 -22.17 -15.51 44.68
C HIS B 221 -22.06 -16.78 43.84
N SER B 222 -20.84 -17.24 43.53
CA SER B 222 -20.60 -18.47 42.78
C SER B 222 -20.45 -19.71 43.66
N SER B 223 -21.53 -20.45 43.91
CA SER B 223 -21.47 -21.68 44.73
C SER B 223 -20.63 -22.83 44.15
N TYR B 224 -20.70 -22.98 42.83
CA TYR B 224 -20.03 -24.05 42.09
C TYR B 224 -18.51 -23.97 42.00
N ALA B 225 -17.88 -25.13 41.76
CA ALA B 225 -16.44 -25.24 41.56
C ALA B 225 -16.22 -25.55 40.07
N HIS B 226 -15.04 -25.23 39.53
CA HIS B 226 -14.76 -25.48 38.13
C HIS B 226 -14.32 -26.92 37.92
N SER B 227 -14.95 -27.56 36.94
CA SER B 227 -14.57 -28.90 36.48
C SER B 227 -13.44 -28.85 35.46
N GLN B 228 -12.92 -27.67 35.17
CA GLN B 228 -11.76 -27.48 34.31
C GLN B 228 -10.78 -26.53 34.96
N SER B 229 -9.51 -26.71 34.64
CA SER B 229 -8.45 -25.82 35.07
C SER B 229 -8.04 -24.93 33.90
N LEU B 230 -7.60 -23.73 34.24
CA LEU B 230 -7.33 -22.70 33.23
C LEU B 230 -6.36 -23.20 32.15
N ASP B 231 -5.32 -23.91 32.54
CA ASP B 231 -4.30 -24.35 31.60
C ASP B 231 -4.72 -25.52 30.73
N ARG B 232 -5.86 -26.16 31.01
CA ARG B 232 -6.30 -27.34 30.28
C ARG B 232 -7.43 -27.08 29.28
N LEU B 233 -7.80 -25.84 29.02
CA LEU B 233 -8.98 -25.53 28.20
C LEU B 233 -8.89 -26.00 26.75
N MET B 234 -7.75 -26.54 26.33
CA MET B 234 -7.53 -26.95 24.94
C MET B 234 -8.28 -28.23 24.58
N ASN B 235 -8.42 -28.46 23.28
CA ASN B 235 -8.76 -29.79 22.76
C ASN B 235 -7.52 -30.68 22.82
N PRO B 236 -7.56 -31.76 23.59
CA PRO B 236 -6.37 -32.62 23.72
C PRO B 236 -6.01 -33.38 22.45
N LEU B 237 -6.88 -33.43 21.45
CA LEU B 237 -6.64 -34.30 20.30
C LEU B 237 -5.96 -33.61 19.13
N ILE B 238 -5.87 -32.28 19.13
CA ILE B 238 -5.57 -31.51 17.92
C ILE B 238 -4.36 -30.61 18.17
N ASP B 239 -3.52 -30.45 17.13
CA ASP B 239 -2.42 -29.51 17.19
C ASP B 239 -2.90 -28.08 17.07
N GLN B 240 -2.08 -27.16 17.58
CA GLN B 240 -2.18 -25.75 17.27
C GLN B 240 -1.48 -25.42 15.95
N TYR B 241 -1.90 -24.30 15.35
CA TYR B 241 -1.20 -23.73 14.20
C TYR B 241 -0.10 -22.76 14.62
N LEU B 242 0.22 -22.70 15.90
CA LEU B 242 1.25 -21.82 16.42
C LEU B 242 2.51 -22.62 16.75
N TYR B 243 3.66 -21.95 16.61
CA TYR B 243 4.96 -22.54 16.90
C TYR B 243 5.58 -21.87 18.11
N TYR B 244 6.44 -22.62 18.80
CA TYR B 244 7.19 -22.15 19.95
C TYR B 244 8.67 -22.46 19.70
N LEU B 245 9.54 -21.87 20.51
CA LEU B 245 10.97 -22.09 20.30
C LEU B 245 11.38 -23.31 21.10
N SER B 246 11.65 -24.40 20.39
CA SER B 246 11.94 -25.67 21.06
C SER B 246 13.42 -25.80 21.42
N LYS B 247 14.31 -25.40 20.52
CA LYS B 247 15.72 -25.79 20.61
C LYS B 247 16.60 -24.61 20.24
N THR B 248 17.53 -24.24 21.13
CA THR B 248 18.45 -23.15 20.87
C THR B 248 19.88 -23.60 20.52
N ILE B 249 20.23 -24.85 20.82
CA ILE B 249 21.57 -25.33 20.49
C ILE B 249 21.52 -26.68 19.79
N ASN B 250 22.33 -26.83 18.76
CA ASN B 250 22.42 -28.07 18.00
C ASN B 250 22.93 -29.19 18.91
N GLY B 251 23.90 -28.86 19.76
CA GLY B 251 24.41 -29.79 20.77
C GLY B 251 25.83 -30.31 20.82
N SER B 252 26.32 -30.40 22.06
CA SER B 252 27.63 -30.95 22.39
C SER B 252 28.87 -30.38 21.71
N GLY B 253 28.92 -29.07 21.51
CA GLY B 253 30.08 -28.46 20.88
C GLY B 253 30.14 -26.95 21.04
N GLN B 254 31.29 -26.35 20.72
CA GLN B 254 31.40 -24.90 20.73
C GLN B 254 30.64 -24.37 19.50
N ASN B 255 30.10 -23.16 19.61
CA ASN B 255 29.35 -22.53 18.52
C ASN B 255 28.21 -23.38 17.94
N GLN B 256 27.50 -24.09 18.81
CA GLN B 256 26.33 -24.88 18.42
C GLN B 256 25.25 -23.94 18.86
N GLN B 257 24.61 -23.26 17.92
CA GLN B 257 23.60 -22.26 18.11
C GLN B 257 22.62 -22.34 16.95
N THR B 258 21.34 -22.41 17.27
CA THR B 258 20.34 -22.63 16.25
C THR B 258 19.01 -22.12 16.76
N LEU B 259 18.06 -21.99 15.85
CA LEU B 259 16.67 -21.75 16.19
C LEU B 259 15.85 -22.86 15.57
N LYS B 260 15.24 -23.68 16.41
CA LYS B 260 14.34 -24.74 15.96
C LYS B 260 12.98 -24.53 16.60
N PHE B 261 11.93 -24.70 15.81
CA PHE B 261 10.58 -24.41 16.23
C PHE B 261 9.72 -25.65 16.05
N SER B 262 8.82 -25.90 17.00
CA SER B 262 7.94 -27.03 16.93
C SER B 262 6.49 -26.56 17.01
N VAL B 263 5.59 -27.39 16.51
CA VAL B 263 4.17 -27.20 16.77
C VAL B 263 3.88 -27.54 18.22
N ALA B 264 3.04 -26.73 18.86
CA ALA B 264 2.57 -27.05 20.20
C ALA B 264 1.28 -27.84 20.08
N GLY B 265 1.15 -28.88 20.87
CA GLY B 265 0.08 -29.83 20.69
C GLY B 265 -0.15 -30.72 21.88
N PRO B 266 -0.88 -31.82 21.66
CA PRO B 266 -1.25 -32.71 22.77
C PRO B 266 -0.09 -33.17 23.62
N SER B 267 1.04 -33.55 23.02
CA SER B 267 2.13 -34.12 23.80
C SER B 267 2.78 -33.10 24.71
N ASN B 268 2.97 -31.87 24.24
CA ASN B 268 3.51 -30.81 25.09
C ASN B 268 2.43 -29.74 25.25
N MET B 269 1.75 -29.75 26.39
CA MET B 269 0.70 -28.80 26.67
C MET B 269 1.18 -27.60 27.48
N ALA B 270 2.38 -27.65 28.04
CA ALA B 270 2.84 -26.56 28.87
C ALA B 270 3.25 -25.35 28.06
N VAL B 271 3.57 -25.54 26.77
CA VAL B 271 4.08 -24.44 25.95
C VAL B 271 3.01 -23.81 25.07
N GLN B 272 1.78 -24.33 25.08
CA GLN B 272 0.80 -23.84 24.12
C GLN B 272 0.40 -22.39 24.39
N GLY B 273 0.00 -21.70 23.33
CA GLY B 273 -0.55 -20.37 23.49
C GLY B 273 -1.92 -20.41 24.14
N ARG B 274 -2.11 -19.57 25.15
CA ARG B 274 -3.36 -19.50 25.88
C ARG B 274 -3.87 -18.07 25.88
N ASN B 275 -5.19 -17.93 25.91
CA ASN B 275 -5.84 -16.63 25.92
C ASN B 275 -5.92 -15.99 27.30
N TYR B 276 -5.94 -16.77 28.38
CA TYR B 276 -6.17 -16.20 29.70
C TYR B 276 -5.17 -16.76 30.70
N ILE B 277 -4.89 -15.98 31.73
CA ILE B 277 -3.86 -16.31 32.71
C ILE B 277 -4.48 -16.22 34.10
N PRO B 278 -3.90 -16.90 35.08
CA PRO B 278 -4.48 -16.90 36.42
C PRO B 278 -4.35 -15.55 37.11
N GLY B 279 -5.15 -15.38 38.15
CA GLY B 279 -5.32 -14.10 38.79
C GLY B 279 -4.16 -13.65 39.64
N PRO B 280 -4.35 -12.57 40.39
CA PRO B 280 -3.25 -11.96 41.13
C PRO B 280 -2.89 -12.73 42.39
N SER B 281 -1.63 -12.56 42.81
CA SER B 281 -1.10 -13.29 43.94
C SER B 281 -0.28 -12.37 44.83
N TYR B 282 -0.37 -12.62 46.14
CA TYR B 282 0.49 -11.99 47.15
C TYR B 282 0.91 -13.12 48.08
N ARG B 283 2.19 -13.51 48.08
CA ARG B 283 2.51 -14.81 48.65
C ARG B 283 2.43 -14.81 50.17
N GLN B 284 1.76 -15.82 50.71
CA GLN B 284 1.70 -16.13 52.13
C GLN B 284 2.76 -17.17 52.47
N GLN B 285 3.32 -17.06 53.68
CA GLN B 285 4.21 -18.09 54.18
C GLN B 285 3.42 -19.36 54.51
N ARG B 286 3.99 -20.51 54.13
CA ARG B 286 3.31 -21.79 54.22
C ARG B 286 3.54 -22.41 55.61
N VAL B 287 2.48 -22.96 56.20
CA VAL B 287 2.55 -23.56 57.52
C VAL B 287 1.91 -24.94 57.45
N SER B 288 2.61 -25.93 58.03
CA SER B 288 2.14 -27.31 58.03
C SER B 288 1.37 -27.61 59.32
N THR B 289 0.22 -28.27 59.16
CA THR B 289 -0.51 -28.76 60.33
C THR B 289 0.23 -29.87 61.07
N THR B 290 1.30 -30.40 60.49
CA THR B 290 2.20 -31.31 61.19
C THR B 290 3.34 -30.48 61.78
N VAL B 291 3.40 -30.39 63.11
CA VAL B 291 4.28 -29.41 63.74
C VAL B 291 5.75 -29.74 63.51
N THR B 292 6.10 -31.00 63.31
CA THR B 292 7.50 -31.37 63.16
C THR B 292 8.09 -30.90 61.83
N GLN B 293 7.26 -30.58 60.86
CA GLN B 293 7.77 -30.09 59.58
C GLN B 293 8.11 -28.61 59.62
N ASN B 294 7.61 -27.87 60.61
CA ASN B 294 7.88 -26.44 60.72
C ASN B 294 9.24 -26.20 61.34
N ASN B 295 9.79 -25.03 61.03
CA ASN B 295 11.08 -24.59 61.55
C ASN B 295 10.92 -24.28 63.03
N ASN B 296 11.96 -24.54 63.81
CA ASN B 296 11.91 -24.28 65.24
C ASN B 296 12.25 -22.84 65.56
N SER B 297 11.31 -21.95 65.27
CA SER B 297 11.48 -20.52 65.53
C SER B 297 10.11 -19.89 65.66
N GLU B 298 10.06 -18.68 66.21
CA GLU B 298 8.79 -17.98 66.35
C GLU B 298 8.60 -17.12 65.11
N PHE B 299 7.76 -17.59 64.19
CA PHE B 299 7.51 -16.86 62.95
C PHE B 299 6.08 -16.33 62.74
N ALA B 300 5.24 -16.38 63.77
CA ALA B 300 3.86 -15.90 63.70
C ALA B 300 3.80 -14.50 63.11
N TRP B 301 4.54 -13.59 63.74
CA TRP B 301 4.66 -12.22 63.25
C TRP B 301 5.86 -12.01 62.35
N PRO B 302 7.09 -12.43 62.71
CA PRO B 302 8.25 -12.07 61.87
C PRO B 302 8.16 -12.55 60.44
N GLY B 303 7.54 -13.70 60.19
CA GLY B 303 7.49 -14.24 58.84
C GLY B 303 6.16 -14.01 58.15
N ALA B 304 5.42 -13.00 58.60
CA ALA B 304 4.06 -12.75 58.12
C ALA B 304 4.08 -11.76 56.96
N SER B 305 3.16 -11.96 56.01
CA SER B 305 3.01 -11.00 54.91
C SER B 305 2.09 -9.87 55.34
N SER B 306 2.52 -8.64 55.09
CA SER B 306 1.84 -7.47 55.64
C SER B 306 1.77 -6.36 54.60
N TRP B 307 0.92 -5.38 54.90
CA TRP B 307 0.91 -4.12 54.18
C TRP B 307 1.02 -2.98 55.18
N ALA B 308 1.74 -1.94 54.78
CA ALA B 308 2.03 -0.79 55.63
C ALA B 308 1.12 0.37 55.27
N LEU B 309 0.54 1.00 56.30
CA LEU B 309 -0.30 2.17 56.10
C LEU B 309 0.09 3.21 57.14
N ASN B 310 0.53 4.38 56.67
CA ASN B 310 0.94 5.49 57.53
C ASN B 310 1.90 5.02 58.61
N GLY B 311 2.96 4.33 58.19
CA GLY B 311 3.97 3.83 59.10
C GLY B 311 3.49 2.77 60.06
N ARG B 312 2.27 2.26 59.90
CA ARG B 312 1.75 1.18 60.71
C ARG B 312 1.66 -0.09 59.89
N ASN B 313 2.10 -1.19 60.48
CA ASN B 313 2.12 -2.48 59.82
C ASN B 313 0.86 -3.27 60.18
N SER B 314 0.09 -3.63 59.18
CA SER B 314 -1.06 -4.51 59.35
C SER B 314 -0.79 -5.82 58.62
N LEU B 315 -1.11 -6.91 59.29
CA LEU B 315 -1.04 -8.22 58.66
C LEU B 315 -2.00 -8.28 57.48
N MET B 316 -1.66 -9.07 56.47
CA MET B 316 -2.55 -9.27 55.34
C MET B 316 -3.43 -10.46 55.68
N ASN B 317 -4.68 -10.18 56.05
CA ASN B 317 -5.60 -11.22 56.45
C ASN B 317 -7.00 -10.89 55.95
N PRO B 318 -7.66 -11.86 55.30
CA PRO B 318 -7.05 -13.06 54.73
C PRO B 318 -6.18 -12.73 53.50
N GLY B 319 -6.46 -11.60 52.86
CA GLY B 319 -5.70 -11.18 51.71
C GLY B 319 -6.37 -11.53 50.40
N PRO B 320 -5.61 -11.53 49.31
CA PRO B 320 -6.16 -11.92 48.01
C PRO B 320 -6.60 -13.38 48.02
N ALA B 321 -7.65 -13.67 47.27
CA ALA B 321 -8.19 -15.02 47.21
C ALA B 321 -7.27 -15.89 46.37
N MET B 322 -6.76 -16.96 46.98
CA MET B 322 -5.81 -17.85 46.34
C MET B 322 -6.05 -19.27 46.85
N ALA B 323 -5.53 -20.25 46.13
CA ALA B 323 -5.69 -21.63 46.55
C ALA B 323 -4.86 -21.92 47.79
N SER B 324 -5.46 -22.64 48.74
CA SER B 324 -4.81 -22.87 50.02
C SER B 324 -3.54 -23.70 49.86
N HIS B 325 -3.60 -24.75 49.04
CA HIS B 325 -2.52 -25.70 48.94
C HIS B 325 -2.60 -26.40 47.60
N LYS B 326 -1.50 -27.04 47.22
CA LYS B 326 -1.46 -27.78 45.97
C LYS B 326 -2.22 -29.09 46.11
N GLU B 327 -2.84 -29.51 45.01
CA GLU B 327 -3.63 -30.74 45.01
C GLU B 327 -2.80 -31.93 45.46
N GLY B 328 -3.32 -32.65 46.45
CA GLY B 328 -2.64 -33.77 47.04
C GLY B 328 -1.98 -33.49 48.38
N GLU B 329 -1.68 -32.23 48.68
CA GLU B 329 -1.10 -31.85 49.96
C GLU B 329 -2.16 -31.06 50.71
N ASP B 330 -2.81 -31.69 51.68
CA ASP B 330 -3.88 -31.05 52.44
C ASP B 330 -3.42 -30.55 53.80
N ARG B 331 -2.17 -30.79 54.18
CA ARG B 331 -1.69 -30.41 55.50
C ARG B 331 -1.18 -28.98 55.57
N PHE B 332 -0.94 -28.34 54.44
CA PHE B 332 -0.39 -27.00 54.41
C PHE B 332 -1.48 -25.95 54.30
N PHE B 333 -1.28 -24.82 54.96
CA PHE B 333 -2.21 -23.71 54.88
C PHE B 333 -1.42 -22.41 54.89
N PRO B 334 -1.95 -21.34 54.26
CA PRO B 334 -1.27 -20.05 54.29
C PRO B 334 -1.32 -19.51 55.73
N LEU B 335 -0.25 -18.90 56.21
CA LEU B 335 -0.21 -18.46 57.60
C LEU B 335 -1.31 -17.48 57.98
N SER B 336 -1.55 -16.47 57.15
CA SER B 336 -2.66 -15.55 57.40
C SER B 336 -3.63 -15.52 56.22
N GLY B 337 -3.39 -16.41 55.26
CA GLY B 337 -4.17 -16.50 54.05
C GLY B 337 -5.63 -16.86 54.16
N SER B 338 -5.96 -17.76 55.08
CA SER B 338 -7.35 -18.20 55.23
C SER B 338 -8.09 -17.72 56.48
N LEU B 339 -9.38 -18.01 56.47
CA LEU B 339 -10.31 -17.73 57.56
C LEU B 339 -10.26 -18.86 58.57
N ILE B 340 -9.99 -18.52 59.82
CA ILE B 340 -9.89 -19.54 60.86
C ILE B 340 -10.92 -19.27 61.95
N ILE B 358 -10.08 -24.18 60.40
CA ILE B 358 -9.24 -23.71 59.31
C ILE B 358 -9.87 -24.09 57.98
N THR B 359 -10.43 -23.11 57.28
CA THR B 359 -11.05 -23.38 56.01
C THR B 359 -10.02 -23.39 54.89
N ASN B 360 -10.25 -24.26 53.90
CA ASN B 360 -9.41 -24.34 52.71
C ASN B 360 -10.17 -23.79 51.51
N GLU B 361 -9.41 -23.17 50.61
CA GLU B 361 -9.93 -22.60 49.37
C GLU B 361 -9.79 -23.54 48.17
N GLU B 362 -9.44 -24.80 48.39
CA GLU B 362 -8.88 -25.66 47.35
C GLU B 362 -9.67 -25.67 46.05
N GLU B 363 -10.96 -25.29 46.07
CA GLU B 363 -11.76 -25.35 44.86
C GLU B 363 -11.29 -24.35 43.80
N ILE B 364 -10.66 -23.26 44.23
CA ILE B 364 -10.38 -22.16 43.31
C ILE B 364 -9.02 -22.32 42.66
N LYS B 365 -8.33 -23.43 42.92
CA LYS B 365 -7.03 -23.63 42.32
C LYS B 365 -7.09 -23.83 40.81
N THR B 366 -8.29 -23.95 40.25
CA THR B 366 -8.42 -24.01 38.80
C THR B 366 -8.01 -22.69 38.16
N THR B 367 -8.59 -21.57 38.60
CA THR B 367 -8.22 -20.27 38.05
C THR B 367 -7.25 -19.47 38.92
N ASN B 368 -6.93 -19.92 40.13
CA ASN B 368 -6.12 -19.02 40.95
C ASN B 368 -4.77 -19.64 41.27
N PRO B 369 -3.75 -18.82 41.48
CA PRO B 369 -2.46 -19.35 41.94
C PRO B 369 -2.54 -19.81 43.39
N VAL B 370 -1.61 -20.69 43.75
CA VAL B 370 -1.53 -21.17 45.13
C VAL B 370 -0.93 -20.10 46.02
N ALA B 371 -1.50 -19.93 47.21
CA ALA B 371 -1.12 -18.80 48.06
C ALA B 371 0.34 -18.87 48.49
N THR B 372 0.90 -20.07 48.63
CA THR B 372 2.24 -20.24 49.16
C THR B 372 3.30 -20.39 48.08
N GLU B 373 2.93 -20.23 46.81
CA GLU B 373 3.83 -20.41 45.69
C GLU B 373 4.05 -19.09 44.98
N SER B 374 5.15 -18.98 44.26
CA SER B 374 5.36 -17.84 43.39
C SER B 374 4.34 -17.86 42.25
N TYR B 375 4.03 -16.67 41.74
CA TYR B 375 3.14 -16.59 40.60
C TYR B 375 3.82 -17.15 39.35
N GLY B 376 5.14 -17.09 39.29
CA GLY B 376 5.85 -17.61 38.13
C GLY B 376 7.24 -17.04 38.05
N GLN B 377 7.79 -17.03 36.84
CA GLN B 377 9.12 -16.52 36.57
C GLN B 377 9.10 -15.49 35.46
N VAL B 378 10.05 -14.56 35.54
CA VAL B 378 10.29 -13.55 34.50
C VAL B 378 11.77 -13.54 34.17
N ALA B 379 12.09 -12.98 33.01
CA ALA B 379 13.48 -12.84 32.61
C ALA B 379 14.08 -11.59 33.24
N THR B 380 15.24 -11.76 33.88
CA THR B 380 15.92 -10.65 34.54
C THR B 380 17.08 -10.06 33.76
N ASN B 381 17.37 -10.53 32.55
CA ASN B 381 18.53 -10.04 31.83
C ASN B 381 18.33 -10.22 30.33
N HIS B 382 19.19 -9.56 29.55
CA HIS B 382 19.39 -9.88 28.14
C HIS B 382 20.49 -10.93 28.03
N GLN B 383 20.16 -12.08 27.46
CA GLN B 383 21.17 -13.06 27.12
C GLN B 383 22.04 -12.55 25.98
N SER B 384 23.19 -13.18 25.81
CA SER B 384 24.07 -12.90 24.68
C SER B 384 25.06 -14.05 24.58
N ALA B 385 26.01 -13.92 23.65
CA ALA B 385 27.04 -14.94 23.52
C ALA B 385 27.86 -15.06 24.80
N GLN B 386 27.99 -13.95 25.55
CA GLN B 386 28.72 -14.00 26.81
C GLN B 386 27.85 -14.47 27.97
N ALA B 387 26.61 -14.00 28.04
CA ALA B 387 25.80 -14.10 29.25
C ALA B 387 24.67 -15.10 29.09
N GLN B 388 24.52 -15.98 30.08
CA GLN B 388 23.42 -16.93 30.07
C GLN B 388 22.11 -16.24 30.44
N ALA B 389 21.01 -16.88 30.06
CA ALA B 389 19.69 -16.38 30.40
C ALA B 389 19.42 -16.57 31.89
N GLN B 390 18.78 -15.58 32.50
CA GLN B 390 18.51 -15.56 33.93
C GLN B 390 17.04 -15.26 34.15
N THR B 391 16.46 -15.92 35.16
CA THR B 391 15.08 -15.67 35.54
C THR B 391 15.01 -15.36 37.03
N GLY B 392 13.81 -15.07 37.49
CA GLY B 392 13.58 -14.75 38.89
C GLY B 392 12.12 -14.97 39.22
N TRP B 393 11.86 -15.24 40.49
CA TRP B 393 10.52 -15.63 40.90
C TRP B 393 9.66 -14.40 41.13
N VAL B 394 8.42 -14.44 40.69
CA VAL B 394 7.47 -13.36 40.95
C VAL B 394 6.74 -13.71 42.24
N GLN B 395 7.04 -13.00 43.31
CA GLN B 395 6.42 -13.29 44.60
C GLN B 395 5.06 -12.63 44.74
N ASN B 396 4.88 -11.45 44.16
CA ASN B 396 3.60 -10.77 44.12
C ASN B 396 3.34 -10.28 42.71
N GLN B 397 2.11 -10.48 42.24
CA GLN B 397 1.75 -10.11 40.87
C GLN B 397 0.40 -9.44 40.89
N GLY B 398 0.35 -8.18 40.47
CA GLY B 398 -0.89 -7.46 40.39
C GLY B 398 -1.72 -7.85 39.18
N ILE B 399 -2.80 -7.10 38.98
CA ILE B 399 -3.71 -7.37 37.87
C ILE B 399 -2.98 -7.21 36.54
N LEU B 400 -3.25 -8.12 35.62
CA LEU B 400 -2.84 -8.02 34.23
C LEU B 400 -4.05 -8.21 33.33
N PRO B 401 -4.07 -7.58 32.16
CA PRO B 401 -5.13 -7.87 31.19
C PRO B 401 -5.12 -9.35 30.81
N GLY B 402 -6.30 -9.95 30.80
CA GLY B 402 -6.44 -11.36 30.53
C GLY B 402 -6.40 -12.25 31.75
N MET B 403 -6.45 -11.68 32.95
CA MET B 403 -6.57 -12.48 34.15
C MET B 403 -8.03 -12.84 34.44
N VAL B 404 -8.22 -14.02 34.99
CA VAL B 404 -9.50 -14.45 35.53
C VAL B 404 -9.22 -15.06 36.90
N TRP B 405 -10.14 -14.84 37.84
CA TRP B 405 -9.94 -15.37 39.18
C TRP B 405 -11.30 -15.64 39.81
N GLN B 406 -11.27 -16.43 40.87
CA GLN B 406 -12.42 -16.67 41.73
C GLN B 406 -12.25 -15.92 43.04
N ASP B 407 -13.36 -15.47 43.60
CA ASP B 407 -13.36 -14.82 44.89
C ASP B 407 -13.31 -15.88 45.99
N ARG B 408 -13.25 -15.43 47.24
CA ARG B 408 -13.26 -16.34 48.36
C ARG B 408 -14.66 -16.89 48.59
N ASP B 409 -14.73 -18.12 49.07
CA ASP B 409 -16.02 -18.76 49.28
C ASP B 409 -16.59 -18.39 50.65
N VAL B 410 -17.88 -18.08 50.67
CA VAL B 410 -18.57 -17.68 51.89
C VAL B 410 -18.89 -18.89 52.76
N ASP C 17 -35.81 -32.58 1.02
CA ASP C 17 -36.84 -32.64 -0.02
C ASP C 17 -36.79 -33.99 -0.73
N GLY C 18 -35.68 -34.25 -1.43
CA GLY C 18 -35.55 -35.51 -2.14
C GLY C 18 -34.10 -35.88 -2.37
N VAL C 19 -33.91 -36.98 -3.09
CA VAL C 19 -32.56 -37.46 -3.40
C VAL C 19 -31.95 -36.66 -4.54
N GLY C 20 -32.70 -36.44 -5.61
CA GLY C 20 -32.19 -35.84 -6.82
C GLY C 20 -32.29 -34.34 -6.92
N SER C 21 -32.39 -33.65 -5.80
CA SER C 21 -32.47 -32.19 -5.79
C SER C 21 -31.50 -31.64 -4.74
N SER C 22 -30.80 -30.58 -5.10
CA SER C 22 -29.80 -29.98 -4.23
C SER C 22 -30.47 -29.20 -3.09
N SER C 23 -29.90 -29.34 -1.90
CA SER C 23 -30.41 -28.66 -0.71
C SER C 23 -29.72 -27.33 -0.44
N GLY C 24 -28.85 -26.88 -1.33
CA GLY C 24 -28.21 -25.60 -1.14
C GLY C 24 -27.30 -25.28 -2.31
N ASN C 25 -26.96 -24.00 -2.41
CA ASN C 25 -26.11 -23.51 -3.48
C ASN C 25 -24.76 -23.06 -2.92
N TRP C 26 -23.90 -22.62 -3.82
CA TRP C 26 -22.54 -22.22 -3.49
C TRP C 26 -22.52 -20.70 -3.33
N HIS C 27 -22.22 -20.23 -2.13
CA HIS C 27 -22.11 -18.79 -1.87
C HIS C 27 -20.72 -18.49 -1.33
N CYS C 28 -19.91 -17.84 -2.15
CA CYS C 28 -18.66 -17.23 -1.70
C CYS C 28 -18.55 -15.86 -2.35
N ASP C 29 -18.54 -14.82 -1.53
CA ASP C 29 -18.11 -13.49 -1.95
C ASP C 29 -18.05 -12.60 -0.73
N SER C 30 -17.65 -11.36 -0.96
CA SER C 30 -17.75 -10.29 0.02
C SER C 30 -18.63 -9.20 -0.57
N GLN C 31 -19.32 -8.48 0.30
CA GLN C 31 -20.15 -7.36 -0.11
C GLN C 31 -19.80 -6.19 0.80
N TRP C 32 -19.30 -5.11 0.21
CA TRP C 32 -18.84 -3.95 0.95
C TRP C 32 -19.95 -2.90 0.86
N LEU C 33 -20.65 -2.69 1.97
CA LEU C 33 -21.74 -1.72 2.00
C LEU C 33 -21.45 -0.69 3.07
N GLY C 34 -21.07 0.51 2.65
CA GLY C 34 -20.96 1.59 3.61
C GLY C 34 -20.04 1.24 4.77
N ASP C 35 -20.61 1.26 5.96
CA ASP C 35 -19.92 1.01 7.22
C ASP C 35 -19.91 -0.46 7.61
N ARG C 36 -20.34 -1.37 6.75
CA ARG C 36 -20.34 -2.78 7.06
C ARG C 36 -19.83 -3.61 5.89
N VAL C 37 -19.39 -4.83 6.18
CA VAL C 37 -18.94 -5.80 5.18
C VAL C 37 -19.64 -7.11 5.46
N ILE C 38 -20.00 -7.84 4.42
CA ILE C 38 -20.62 -9.13 4.55
C ILE C 38 -19.74 -10.17 3.87
N THR C 39 -19.11 -11.01 4.66
CA THR C 39 -18.25 -12.07 4.15
C THR C 39 -19.04 -13.36 4.07
N THR C 40 -18.93 -14.05 2.94
CA THR C 40 -19.62 -15.31 2.71
C THR C 40 -18.62 -16.32 2.18
N SER C 41 -18.56 -17.48 2.82
CA SER C 41 -17.60 -18.52 2.48
C SER C 41 -18.31 -19.87 2.41
N THR C 42 -18.06 -20.61 1.33
CA THR C 42 -18.54 -21.97 1.19
C THR C 42 -17.34 -22.88 1.01
N ARG C 43 -17.38 -24.06 1.63
CA ARG C 43 -16.33 -25.05 1.47
C ARG C 43 -16.94 -26.44 1.35
N THR C 44 -16.12 -27.39 0.94
CA THR C 44 -16.49 -28.81 0.92
C THR C 44 -15.73 -29.53 2.02
N TRP C 45 -16.43 -30.37 2.77
CA TRP C 45 -15.88 -31.08 3.91
C TRP C 45 -16.09 -32.57 3.77
N ALA C 46 -15.34 -33.34 4.56
CA ALA C 46 -15.48 -34.80 4.65
C ALA C 46 -15.40 -35.21 6.11
N LEU C 47 -16.38 -35.98 6.57
CA LEU C 47 -16.47 -36.39 7.96
C LEU C 47 -16.31 -37.90 8.07
N PRO C 48 -15.25 -38.40 8.68
CA PRO C 48 -15.13 -39.85 8.89
C PRO C 48 -15.83 -40.29 10.16
N THR C 49 -15.62 -41.54 10.55
CA THR C 49 -16.00 -41.98 11.89
C THR C 49 -14.78 -41.98 12.79
N TYR C 50 -14.92 -41.38 13.97
CA TYR C 50 -13.85 -41.33 14.96
C TYR C 50 -14.12 -42.32 16.08
N ASN C 51 -13.04 -42.94 16.59
CA ASN C 51 -13.09 -43.81 17.77
C ASN C 51 -13.95 -45.04 17.54
N ASN C 52 -14.20 -45.40 16.29
CA ASN C 52 -15.15 -46.47 15.96
C ASN C 52 -16.47 -46.29 16.72
N HIS C 53 -17.03 -45.08 16.65
CA HIS C 53 -18.30 -44.73 17.29
C HIS C 53 -18.24 -44.74 18.81
N LEU C 54 -17.07 -44.52 19.42
CA LEU C 54 -16.90 -44.75 20.86
C LEU C 54 -16.46 -43.49 21.60
N TYR C 55 -16.76 -43.47 22.89
CA TYR C 55 -16.26 -42.45 23.81
C TYR C 55 -15.17 -43.02 24.68
N LYS C 56 -13.94 -42.57 24.46
CA LYS C 56 -12.81 -43.21 25.13
C LYS C 56 -12.09 -42.21 26.02
N GLN C 57 -11.89 -42.60 27.27
CA GLN C 57 -11.00 -41.92 28.19
C GLN C 57 -9.60 -41.81 27.58
N ILE C 58 -8.98 -40.65 27.72
CA ILE C 58 -7.60 -40.43 27.32
C ILE C 58 -6.88 -39.75 28.47
N SER C 59 -5.59 -40.03 28.59
CA SER C 59 -4.76 -39.42 29.61
C SER C 59 -3.32 -39.47 29.14
N ASN C 60 -2.46 -38.70 29.81
CA ASN C 60 -1.04 -38.73 29.47
C ASN C 60 -0.48 -40.13 29.62
N SER C 61 -1.04 -40.92 30.54
CA SER C 61 -0.60 -42.29 30.75
C SER C 61 -0.78 -43.12 29.49
N THR C 62 -1.80 -42.81 28.69
CA THR C 62 -1.97 -43.48 27.40
C THR C 62 -0.84 -43.13 26.45
N SER C 63 -0.29 -41.92 26.59
CA SER C 63 0.92 -41.53 25.87
C SER C 63 2.18 -41.69 26.71
N GLY C 64 2.06 -42.12 27.96
CA GLY C 64 3.18 -42.34 28.84
C GLY C 64 3.39 -41.29 29.91
N GLY C 65 2.91 -40.07 29.70
CA GLY C 65 2.91 -39.07 30.75
C GLY C 65 4.26 -38.70 31.31
N SER C 66 5.15 -38.19 30.46
CA SER C 66 6.51 -37.91 30.90
C SER C 66 6.55 -36.90 32.04
N SER C 67 6.04 -35.70 31.83
CA SER C 67 6.26 -34.60 32.75
C SER C 67 4.96 -34.22 33.46
N ASN C 68 5.10 -33.75 34.70
CA ASN C 68 3.94 -33.32 35.47
C ASN C 68 3.27 -32.12 34.80
N ASP C 69 4.07 -31.24 34.21
CA ASP C 69 3.51 -30.05 33.56
C ASP C 69 2.67 -30.42 32.35
N ASN C 70 2.90 -31.62 31.80
CA ASN C 70 2.14 -32.04 30.63
C ASN C 70 0.97 -32.96 31.00
N ALA C 71 0.77 -33.22 32.29
CA ALA C 71 -0.24 -34.18 32.70
C ALA C 71 -1.65 -33.68 32.37
N TYR C 72 -2.49 -34.58 31.88
CA TYR C 72 -3.86 -34.24 31.53
C TYR C 72 -4.75 -35.47 31.67
N PHE C 73 -6.06 -35.22 31.75
CA PHE C 73 -7.08 -36.27 31.75
C PHE C 73 -8.30 -35.77 31.00
N GLY C 74 -8.86 -36.61 30.14
CA GLY C 74 -10.03 -36.20 29.38
C GLY C 74 -10.61 -37.35 28.58
N TYR C 75 -11.46 -36.98 27.63
CA TYR C 75 -12.20 -37.95 26.83
C TYR C 75 -12.20 -37.53 25.37
N SER C 76 -11.94 -38.47 24.49
CA SER C 76 -12.21 -38.29 23.07
C SER C 76 -13.63 -38.72 22.78
N THR C 77 -14.30 -37.99 21.90
CA THR C 77 -15.66 -38.30 21.52
C THR C 77 -15.72 -38.67 20.04
N PRO C 78 -16.71 -39.45 19.61
CA PRO C 78 -16.85 -39.75 18.18
C PRO C 78 -17.27 -38.55 17.34
N TRP C 79 -17.70 -37.46 17.96
CA TRP C 79 -18.19 -36.28 17.26
C TRP C 79 -17.05 -35.48 16.62
N GLY C 80 -17.38 -34.78 15.53
CA GLY C 80 -16.53 -33.76 14.97
C GLY C 80 -17.12 -32.38 15.21
N TYR C 81 -16.41 -31.35 14.74
CA TYR C 81 -16.90 -30.00 14.90
C TYR C 81 -16.33 -29.09 13.82
N PHE C 82 -17.04 -28.00 13.56
CA PHE C 82 -16.62 -27.01 12.57
C PHE C 82 -15.89 -25.86 13.25
N ASP C 83 -14.80 -25.42 12.63
CA ASP C 83 -14.03 -24.29 13.15
C ASP C 83 -13.81 -23.29 12.02
N PHE C 84 -14.51 -22.16 12.08
CA PHE C 84 -14.29 -21.01 11.21
C PHE C 84 -13.60 -19.83 11.90
N ASN C 85 -12.97 -20.05 13.06
CA ASN C 85 -12.51 -19.01 13.97
C ASN C 85 -11.21 -18.31 13.49
N ARG C 86 -10.68 -18.58 12.32
CA ARG C 86 -9.54 -17.84 11.81
C ARG C 86 -9.98 -16.85 10.74
N PHE C 87 -9.29 -15.71 10.66
CA PHE C 87 -9.71 -14.66 9.74
C PHE C 87 -9.62 -15.07 8.28
N HIS C 88 -8.59 -15.84 7.88
CA HIS C 88 -8.51 -16.21 6.47
C HIS C 88 -9.64 -17.12 6.03
N CYS C 89 -10.44 -17.63 6.96
CA CYS C 89 -11.66 -18.32 6.56
C CYS C 89 -12.62 -17.38 5.85
N HIS C 90 -12.79 -16.17 6.39
CA HIS C 90 -13.81 -15.25 5.93
C HIS C 90 -13.32 -14.15 4.98
N PHE C 91 -12.02 -13.93 4.86
CA PHE C 91 -11.49 -12.82 4.07
C PHE C 91 -10.50 -13.34 3.04
N SER C 92 -10.67 -12.90 1.80
CA SER C 92 -9.63 -13.10 0.81
C SER C 92 -8.48 -12.14 1.08
N PRO C 93 -7.28 -12.43 0.57
CA PRO C 93 -6.19 -11.48 0.74
C PRO C 93 -6.48 -10.11 0.17
N ARG C 94 -7.24 -10.03 -0.93
CA ARG C 94 -7.65 -8.73 -1.45
C ARG C 94 -8.65 -8.06 -0.52
N ASP C 95 -9.60 -8.83 0.02
CA ASP C 95 -10.57 -8.25 0.93
C ASP C 95 -9.93 -7.83 2.24
N TRP C 96 -8.94 -8.57 2.70
CA TRP C 96 -8.23 -8.18 3.92
C TRP C 96 -7.48 -6.88 3.69
N GLN C 97 -6.87 -6.74 2.52
CA GLN C 97 -6.22 -5.48 2.15
C GLN C 97 -7.23 -4.35 2.09
N ARG C 98 -8.38 -4.60 1.46
CA ARG C 98 -9.40 -3.56 1.35
C ARG C 98 -9.88 -3.13 2.72
N LEU C 99 -9.80 -4.02 3.70
CA LEU C 99 -10.17 -3.70 5.08
C LEU C 99 -9.09 -2.87 5.75
N ILE C 100 -7.89 -3.44 5.91
CA ILE C 100 -6.88 -2.84 6.78
C ILE C 100 -6.34 -1.51 6.28
N ASN C 101 -6.45 -1.22 4.99
CA ASN C 101 -5.98 0.06 4.49
C ASN C 101 -6.97 1.18 4.72
N ASN C 102 -8.26 0.88 4.73
CA ASN C 102 -9.29 1.91 4.74
C ASN C 102 -9.99 2.14 6.07
N ASN C 103 -9.67 1.40 7.13
CA ASN C 103 -10.51 1.42 8.31
C ASN C 103 -9.70 1.50 9.59
N TRP C 104 -10.22 2.26 10.56
CA TRP C 104 -9.67 2.32 11.91
C TRP C 104 -10.17 1.20 12.81
N GLY C 105 -11.25 0.52 12.45
CA GLY C 105 -11.77 -0.49 13.34
C GLY C 105 -12.82 -1.34 12.68
N PHE C 106 -13.01 -2.52 13.25
CA PHE C 106 -14.01 -3.46 12.77
C PHE C 106 -14.36 -4.39 13.92
N ARG C 107 -15.45 -5.13 13.75
CA ARG C 107 -15.94 -6.08 14.74
C ARG C 107 -17.10 -6.87 14.18
N PRO C 108 -17.25 -8.14 14.58
CA PRO C 108 -18.33 -8.96 14.05
C PRO C 108 -19.68 -8.60 14.66
N LYS C 109 -20.71 -8.71 13.82
CA LYS C 109 -22.09 -8.41 14.22
C LYS C 109 -22.97 -9.64 14.19
N ARG C 110 -23.16 -10.25 13.02
CA ARG C 110 -24.07 -11.37 12.84
C ARG C 110 -23.38 -12.52 12.14
N LEU C 111 -23.89 -13.73 12.38
CA LEU C 111 -23.33 -14.98 11.91
C LEU C 111 -24.45 -15.82 11.31
N ASN C 112 -24.20 -16.40 10.13
CA ASN C 112 -25.18 -17.24 9.47
C ASN C 112 -24.49 -18.50 8.99
N PHE C 113 -24.90 -19.65 9.53
CA PHE C 113 -24.26 -20.92 9.24
C PHE C 113 -25.25 -21.83 8.51
N LYS C 114 -24.77 -22.56 7.52
CA LYS C 114 -25.62 -23.48 6.77
C LYS C 114 -24.84 -24.76 6.48
N LEU C 115 -25.59 -25.86 6.44
CA LEU C 115 -25.05 -27.19 6.20
C LEU C 115 -25.97 -27.88 5.22
N PHE C 116 -25.44 -28.35 4.10
CA PHE C 116 -26.31 -28.84 3.04
C PHE C 116 -25.53 -29.77 2.12
N ASN C 117 -26.25 -30.33 1.15
CA ASN C 117 -25.73 -31.28 0.16
C ASN C 117 -25.05 -32.48 0.82
N ILE C 118 -25.79 -33.13 1.71
CA ILE C 118 -25.28 -34.31 2.40
C ILE C 118 -25.09 -35.47 1.43
N GLN C 119 -23.95 -36.16 1.58
CA GLN C 119 -23.69 -37.41 0.89
C GLN C 119 -23.07 -38.35 1.90
N VAL C 120 -23.59 -39.57 2.01
CA VAL C 120 -23.04 -40.58 2.90
C VAL C 120 -22.59 -41.76 2.06
N LYS C 121 -21.41 -42.28 2.36
CA LYS C 121 -20.75 -43.31 1.56
C LYS C 121 -20.51 -44.55 2.39
N GLU C 122 -20.43 -45.70 1.72
CA GLU C 122 -19.95 -46.93 2.32
C GLU C 122 -18.76 -47.43 1.50
N VAL C 123 -17.88 -48.20 2.13
CA VAL C 123 -16.67 -48.65 1.45
C VAL C 123 -16.61 -50.17 1.37
N ILE C 132 -16.72 -47.90 -3.19
CA ILE C 132 -17.48 -46.79 -2.60
C ILE C 132 -18.86 -46.75 -3.21
N ALA C 133 -19.88 -46.56 -2.38
CA ALA C 133 -21.26 -46.53 -2.81
C ALA C 133 -22.06 -45.57 -1.95
N ASN C 134 -23.10 -45.00 -2.55
CA ASN C 134 -24.00 -44.11 -1.82
C ASN C 134 -24.87 -44.91 -0.86
N ASN C 135 -25.06 -44.37 0.34
CA ASN C 135 -26.01 -44.90 1.30
C ASN C 135 -27.11 -43.86 1.47
N LEU C 136 -28.29 -44.16 0.93
CA LEU C 136 -29.35 -43.17 0.88
C LEU C 136 -30.09 -43.04 2.21
N THR C 137 -30.14 -44.09 3.02
CA THR C 137 -30.91 -44.07 4.25
C THR C 137 -30.06 -43.74 5.48
N SER C 138 -28.75 -43.62 5.34
CA SER C 138 -27.94 -43.21 6.48
C SER C 138 -28.20 -41.75 6.82
N THR C 139 -27.93 -41.41 8.07
CA THR C 139 -28.13 -40.06 8.56
C THR C 139 -26.84 -39.49 9.13
N VAL C 140 -26.84 -38.17 9.29
CA VAL C 140 -25.77 -37.44 9.95
C VAL C 140 -26.39 -36.57 11.02
N GLN C 141 -25.87 -36.68 12.24
CA GLN C 141 -26.37 -35.88 13.36
C GLN C 141 -25.57 -34.59 13.48
N VAL C 142 -26.28 -33.50 13.74
CA VAL C 142 -25.66 -32.20 13.92
C VAL C 142 -26.45 -31.42 14.98
N PHE C 143 -25.74 -30.73 15.85
CA PHE C 143 -26.38 -29.79 16.77
C PHE C 143 -25.37 -28.74 17.17
N THR C 144 -25.87 -27.66 17.74
CA THR C 144 -25.03 -26.63 18.32
C THR C 144 -25.28 -26.58 19.82
N ASP C 145 -24.25 -26.20 20.58
CA ASP C 145 -24.44 -25.98 22.00
C ASP C 145 -24.54 -24.47 22.17
N SER C 146 -25.77 -23.98 22.30
CA SER C 146 -26.02 -22.56 22.43
C SER C 146 -26.28 -22.12 23.86
N ASP C 147 -26.38 -23.07 24.79
CA ASP C 147 -26.41 -22.76 26.21
C ASP C 147 -25.04 -22.92 26.85
N TYR C 148 -24.04 -23.29 26.06
CA TYR C 148 -22.64 -23.33 26.50
C TYR C 148 -22.43 -24.34 27.61
N GLN C 149 -23.03 -25.52 27.45
CA GLN C 149 -22.90 -26.58 28.43
C GLN C 149 -21.68 -27.46 28.21
N LEU C 150 -21.10 -27.48 27.02
CA LEU C 150 -19.92 -28.29 26.76
C LEU C 150 -18.64 -27.51 26.97
N PRO C 151 -17.54 -28.20 27.29
CA PRO C 151 -16.23 -27.56 27.25
C PRO C 151 -15.97 -26.93 25.90
N TYR C 152 -15.49 -25.69 25.92
CA TYR C 152 -15.37 -24.88 24.72
C TYR C 152 -13.91 -24.92 24.26
N VAL C 153 -13.65 -25.63 23.17
CA VAL C 153 -12.29 -25.84 22.66
C VAL C 153 -11.94 -24.93 21.50
N LEU C 154 -12.85 -24.05 21.07
CA LEU C 154 -12.58 -23.23 19.89
C LEU C 154 -11.67 -22.04 20.16
N GLY C 155 -11.33 -21.76 21.41
CA GLY C 155 -10.52 -20.59 21.70
C GLY C 155 -9.03 -20.89 21.85
N SER C 156 -8.64 -22.14 21.61
CA SER C 156 -7.29 -22.59 21.88
C SER C 156 -6.37 -22.56 20.64
N ALA C 157 -6.86 -22.00 19.53
CA ALA C 157 -6.05 -21.83 18.31
C ALA C 157 -5.61 -23.17 17.72
N HIS C 158 -6.50 -24.15 17.76
CA HIS C 158 -6.20 -25.45 17.18
C HIS C 158 -6.29 -25.40 15.66
N GLU C 159 -5.67 -26.39 15.04
CA GLU C 159 -5.81 -26.59 13.61
C GLU C 159 -7.22 -27.15 13.32
N GLY C 160 -7.53 -27.33 12.05
CA GLY C 160 -8.84 -27.79 11.66
C GLY C 160 -9.82 -26.72 11.23
N CYS C 161 -9.33 -25.54 10.87
CA CYS C 161 -10.22 -24.49 10.40
C CYS C 161 -10.72 -24.81 9.00
N LEU C 162 -11.56 -23.93 8.47
CA LEU C 162 -11.88 -24.00 7.06
C LEU C 162 -10.66 -23.56 6.25
N PRO C 163 -10.45 -24.11 5.06
CA PRO C 163 -9.27 -23.76 4.29
C PRO C 163 -9.29 -22.30 3.87
N PRO C 164 -8.15 -21.63 3.81
CA PRO C 164 -8.14 -20.25 3.32
C PRO C 164 -8.63 -20.14 1.89
N PHE C 165 -8.36 -21.14 1.10
CA PHE C 165 -8.58 -21.09 -0.34
C PHE C 165 -9.81 -21.93 -0.70
N PRO C 166 -10.81 -21.34 -1.37
CA PRO C 166 -12.12 -21.99 -1.46
C PRO C 166 -12.14 -23.32 -2.19
N ALA C 167 -11.11 -23.63 -2.99
CA ALA C 167 -11.16 -24.84 -3.79
C ALA C 167 -10.62 -26.04 -3.02
N ASP C 168 -10.25 -25.85 -1.76
CA ASP C 168 -9.69 -26.94 -0.99
C ASP C 168 -10.79 -27.65 -0.19
N VAL C 169 -10.74 -28.97 -0.21
CA VAL C 169 -11.61 -29.82 0.60
C VAL C 169 -10.89 -30.13 1.89
N PHE C 170 -11.59 -30.06 3.01
CA PHE C 170 -10.97 -30.20 4.31
C PHE C 170 -11.65 -31.30 5.11
N MET C 171 -10.84 -31.96 5.93
CA MET C 171 -11.29 -32.95 6.89
C MET C 171 -11.76 -32.23 8.15
N ILE C 172 -12.77 -32.78 8.83
CA ILE C 172 -13.32 -32.14 10.02
C ILE C 172 -12.57 -32.64 11.25
N PRO C 173 -12.17 -31.76 12.17
CA PRO C 173 -11.43 -32.20 13.35
C PRO C 173 -12.30 -32.91 14.36
N GLN C 174 -11.70 -33.88 15.04
CA GLN C 174 -12.40 -34.62 16.08
C GLN C 174 -12.57 -33.76 17.33
N TYR C 175 -13.73 -33.90 17.97
CA TYR C 175 -13.98 -33.19 19.20
C TYR C 175 -13.50 -34.00 20.39
N GLY C 176 -12.79 -33.34 21.30
CA GLY C 176 -12.33 -33.96 22.53
C GLY C 176 -12.12 -32.87 23.56
N TYR C 177 -12.14 -33.27 24.82
CA TYR C 177 -12.05 -32.29 25.88
C TYR C 177 -11.26 -32.83 27.05
N LEU C 178 -10.89 -31.93 27.94
CA LEU C 178 -10.14 -32.26 29.15
C LEU C 178 -10.92 -31.83 30.38
N THR C 179 -10.56 -32.40 31.52
CA THR C 179 -11.19 -32.05 32.79
C THR C 179 -10.15 -32.12 33.90
N LEU C 180 -10.59 -32.03 35.16
CA LEU C 180 -9.65 -32.01 36.26
C LEU C 180 -8.83 -33.29 36.30
N ASN C 181 -7.52 -33.14 36.48
CA ASN C 181 -6.63 -34.29 36.57
C ASN C 181 -5.77 -34.19 37.81
N ASP C 182 -5.37 -35.34 38.32
CA ASP C 182 -4.28 -35.45 39.28
C ASP C 182 -3.32 -36.49 38.73
N GLY C 183 -2.14 -36.04 38.32
CA GLY C 183 -1.32 -36.88 37.47
C GLY C 183 -2.12 -37.26 36.24
N SER C 184 -2.17 -38.55 35.94
CA SER C 184 -3.05 -39.05 34.90
C SER C 184 -4.38 -39.57 35.43
N GLN C 185 -4.58 -39.55 36.75
CA GLN C 185 -5.83 -39.94 37.37
C GLN C 185 -6.84 -38.79 37.33
N ALA C 186 -8.12 -39.16 37.43
CA ALA C 186 -9.19 -38.19 37.58
C ALA C 186 -9.41 -37.89 39.07
N VAL C 187 -10.35 -36.99 39.35
CA VAL C 187 -10.76 -36.68 40.71
C VAL C 187 -12.28 -36.77 40.77
N GLY C 188 -12.80 -36.83 41.99
CA GLY C 188 -14.24 -36.88 42.17
C GLY C 188 -14.98 -35.72 41.54
N ARG C 189 -14.32 -34.58 41.40
CA ARG C 189 -14.94 -33.39 40.84
C ARG C 189 -14.88 -33.36 39.31
N SER C 190 -14.17 -34.29 38.69
CA SER C 190 -14.09 -34.32 37.24
C SER C 190 -15.44 -34.65 36.63
N SER C 191 -15.73 -34.02 35.49
CA SER C 191 -16.98 -34.21 34.78
C SER C 191 -16.77 -35.06 33.55
N PHE C 192 -17.76 -35.88 33.23
CA PHE C 192 -17.82 -36.60 31.98
C PHE C 192 -19.03 -36.13 31.20
N TYR C 193 -18.88 -35.96 29.90
CA TYR C 193 -19.94 -35.46 29.04
C TYR C 193 -20.23 -36.47 27.93
N CYS C 194 -21.50 -36.82 27.80
CA CYS C 194 -21.98 -37.59 26.67
C CYS C 194 -22.73 -36.66 25.74
N LEU C 195 -22.18 -36.46 24.55
CA LEU C 195 -22.85 -35.59 23.57
C LEU C 195 -24.08 -36.24 22.98
N GLU C 196 -24.27 -37.54 23.19
CA GLU C 196 -25.52 -38.20 22.82
C GLU C 196 -26.68 -37.72 23.67
N TYR C 197 -26.40 -37.09 24.80
CA TYR C 197 -27.41 -36.60 25.73
C TYR C 197 -28.00 -35.28 25.28
N PHE C 198 -27.57 -34.76 24.20
CA PHE C 198 -28.03 -33.55 23.54
C PHE C 198 -28.98 -33.87 22.40
N PRO C 199 -30.12 -33.21 22.34
CA PRO C 199 -30.97 -33.29 21.15
C PRO C 199 -30.25 -32.73 19.94
N SER C 200 -30.46 -33.37 18.79
CA SER C 200 -29.80 -32.97 17.56
C SER C 200 -30.70 -33.23 16.37
N GLN C 201 -30.38 -32.58 15.27
CA GLN C 201 -31.09 -32.76 14.02
C GLN C 201 -30.38 -33.79 13.16
N MET C 202 -31.13 -34.80 12.72
CA MET C 202 -30.60 -35.89 11.92
C MET C 202 -30.91 -35.62 10.46
N LEU C 203 -29.88 -35.65 9.62
CA LEU C 203 -29.98 -35.24 8.23
C LEU C 203 -29.74 -36.42 7.30
N ARG C 204 -30.58 -36.56 6.29
CA ARG C 204 -30.29 -37.44 5.17
C ARG C 204 -29.87 -36.60 3.96
N THR C 205 -29.66 -37.28 2.83
CA THR C 205 -29.11 -36.63 1.65
C THR C 205 -29.97 -35.49 1.14
N GLY C 206 -31.23 -35.40 1.54
CA GLY C 206 -32.08 -34.32 1.13
C GLY C 206 -32.28 -33.22 2.14
N ASN C 207 -31.92 -33.46 3.39
CA ASN C 207 -32.10 -32.47 4.45
C ASN C 207 -30.95 -31.46 4.46
N ASN C 208 -31.23 -30.26 4.96
CA ASN C 208 -30.22 -29.24 5.19
C ASN C 208 -30.40 -28.66 6.60
N PHE C 209 -29.41 -27.90 7.04
CA PHE C 209 -29.35 -27.39 8.39
C PHE C 209 -28.87 -25.94 8.39
N GLN C 210 -29.39 -25.13 9.30
CA GLN C 210 -28.93 -23.76 9.43
C GLN C 210 -29.24 -23.24 10.82
N PHE C 211 -28.54 -22.16 11.19
CA PHE C 211 -28.91 -21.37 12.35
C PHE C 211 -28.29 -19.99 12.19
N SER C 212 -28.81 -19.04 12.94
CA SER C 212 -28.30 -17.68 12.96
C SER C 212 -27.80 -17.36 14.36
N TYR C 213 -26.72 -16.58 14.41
CA TYR C 213 -26.10 -16.17 15.67
C TYR C 213 -25.89 -14.66 15.66
N GLU C 214 -26.08 -14.06 16.82
CA GLU C 214 -25.89 -12.63 17.02
C GLU C 214 -24.69 -12.43 17.92
N PHE C 215 -23.60 -11.89 17.37
CA PHE C 215 -22.44 -11.55 18.19
C PHE C 215 -22.82 -10.57 19.29
N GLU C 216 -22.44 -10.88 20.52
CA GLU C 216 -22.66 -9.92 21.59
C GLU C 216 -21.71 -8.74 21.40
N ASN C 217 -22.08 -7.61 22.01
CA ASN C 217 -21.39 -6.37 21.70
C ASN C 217 -19.97 -6.40 22.23
N VAL C 218 -19.01 -6.16 21.33
CA VAL C 218 -17.60 -6.10 21.69
C VAL C 218 -17.06 -4.77 21.19
N PRO C 219 -15.98 -4.27 21.80
CA PRO C 219 -15.35 -3.05 21.28
C PRO C 219 -14.70 -3.32 19.94
N PHE C 220 -14.61 -2.26 19.12
CA PHE C 220 -13.92 -2.38 17.85
C PHE C 220 -12.46 -2.74 18.09
N HIS C 221 -11.93 -3.66 17.29
CA HIS C 221 -10.52 -3.97 17.39
C HIS C 221 -9.83 -2.75 16.79
N SER C 222 -8.73 -2.30 17.39
CA SER C 222 -8.08 -1.11 16.87
C SER C 222 -7.13 -1.43 15.73
N SER C 223 -7.60 -1.19 14.51
CA SER C 223 -6.81 -1.43 13.32
C SER C 223 -6.00 -0.19 12.93
N TYR C 224 -5.13 0.26 13.81
CA TYR C 224 -4.30 1.45 13.56
C TYR C 224 -3.07 1.50 14.46
N ALA C 225 -2.14 2.39 14.11
CA ALA C 225 -0.92 2.60 14.89
C ALA C 225 -0.89 4.06 15.31
N HIS C 226 -0.42 4.35 16.52
CA HIS C 226 -0.36 5.73 16.99
C HIS C 226 0.78 6.54 16.36
N SER C 227 0.47 7.74 15.92
CA SER C 227 1.46 8.65 15.38
C SER C 227 2.13 9.48 16.47
N GLN C 228 1.78 9.23 17.73
CA GLN C 228 2.46 9.85 18.87
C GLN C 228 2.83 8.78 19.88
N SER C 229 3.79 9.11 20.73
CA SER C 229 4.18 8.24 21.84
C SER C 229 3.72 8.87 23.14
N LEU C 230 3.47 8.00 24.13
CA LEU C 230 2.86 8.43 25.39
C LEU C 230 3.70 9.50 26.07
N ASP C 231 5.02 9.46 25.89
CA ASP C 231 5.92 10.36 26.56
C ASP C 231 6.19 11.65 25.78
N ARG C 232 5.74 11.74 24.53
CA ARG C 232 5.92 12.93 23.71
C ARG C 232 4.68 13.81 23.56
N LEU C 233 3.62 13.59 24.36
CA LEU C 233 2.34 14.24 24.13
C LEU C 233 2.37 15.77 24.26
N MET C 234 3.46 16.35 24.74
CA MET C 234 3.55 17.74 25.16
C MET C 234 3.58 18.72 23.99
N ASN C 235 3.30 19.98 24.30
CA ASN C 235 3.59 21.08 23.39
C ASN C 235 5.09 21.37 23.42
N PRO C 236 5.82 21.14 22.33
CA PRO C 236 7.28 21.25 22.36
C PRO C 236 7.79 22.67 22.52
N LEU C 237 6.95 23.69 22.36
CA LEU C 237 7.42 25.06 22.37
C LEU C 237 7.34 25.74 23.73
N ILE C 238 6.66 25.15 24.71
CA ILE C 238 6.25 25.85 25.91
C ILE C 238 6.71 25.08 27.14
N ASP C 239 7.17 25.81 28.16
CA ASP C 239 7.53 25.22 29.44
C ASP C 239 6.30 24.72 30.17
N GLN C 240 6.52 23.75 31.05
CA GLN C 240 5.54 23.47 32.09
C GLN C 240 5.68 24.51 33.20
N TYR C 241 4.64 24.62 34.03
CA TYR C 241 4.74 25.43 35.23
C TYR C 241 5.13 24.64 36.46
N LEU C 242 5.36 23.34 36.33
CA LEU C 242 5.85 22.50 37.40
C LEU C 242 7.38 22.55 37.49
N TYR C 243 7.91 22.29 38.69
CA TYR C 243 9.34 22.22 38.93
C TYR C 243 9.76 20.80 39.30
N TYR C 244 11.00 20.47 38.94
CA TYR C 244 11.63 19.22 39.30
C TYR C 244 12.97 19.54 39.95
N LEU C 245 13.46 18.64 40.81
CA LEU C 245 14.70 18.87 41.53
C LEU C 245 15.87 18.59 40.58
N SER C 246 16.63 19.64 40.27
CA SER C 246 17.77 19.54 39.36
C SER C 246 19.07 19.16 40.04
N LYS C 247 19.40 19.75 41.18
CA LYS C 247 20.68 19.50 41.84
C LYS C 247 20.47 19.13 43.30
N THR C 248 21.11 18.06 43.73
CA THR C 248 21.14 17.71 45.14
C THR C 248 22.43 18.11 45.85
N ILE C 249 23.42 18.65 45.12
CA ILE C 249 24.65 19.14 45.70
C ILE C 249 25.16 20.33 44.89
N ASN C 250 26.00 21.15 45.52
CA ASN C 250 26.56 22.32 44.85
C ASN C 250 27.71 21.94 43.93
N GLY C 251 28.59 21.06 44.40
CA GLY C 251 29.72 20.67 43.60
C GLY C 251 30.55 19.63 44.33
N SER C 252 31.73 19.37 43.78
CA SER C 252 32.66 18.45 44.40
C SER C 252 33.18 19.03 45.71
N GLY C 253 33.18 18.20 46.75
CA GLY C 253 33.62 18.62 48.06
C GLY C 253 32.85 17.88 49.13
N GLN C 254 32.94 18.39 50.34
CA GLN C 254 32.21 17.86 51.48
C GLN C 254 31.09 18.81 51.88
N ASN C 255 29.97 18.24 52.30
CA ASN C 255 28.84 19.00 52.85
C ASN C 255 28.31 20.00 51.84
N GLN C 256 28.22 19.58 50.57
CA GLN C 256 27.78 20.42 49.49
C GLN C 256 26.29 20.26 49.19
N GLN C 257 25.56 19.53 50.02
CA GLN C 257 24.14 19.29 49.81
C GLN C 257 23.39 20.59 49.55
N THR C 258 22.46 20.54 48.60
CA THR C 258 21.60 21.68 48.30
C THR C 258 20.35 21.16 47.62
N LEU C 259 19.34 22.02 47.55
CA LEU C 259 18.12 21.74 46.80
C LEU C 259 17.93 22.81 45.74
N LYS C 260 18.09 22.43 44.47
CA LYS C 260 17.90 23.34 43.34
C LYS C 260 16.81 22.80 42.44
N PHE C 261 15.96 23.68 41.93
CA PHE C 261 14.79 23.28 41.15
C PHE C 261 14.78 24.01 39.81
N SER C 262 15.02 23.25 38.74
CA SER C 262 14.74 23.72 37.40
C SER C 262 13.28 23.46 37.04
N VAL C 263 12.77 24.25 36.11
CA VAL C 263 11.43 24.01 35.60
C VAL C 263 11.50 23.14 34.35
N ALA C 264 10.54 22.24 34.20
CA ALA C 264 10.53 21.31 33.07
C ALA C 264 10.09 22.04 31.82
N GLY C 265 10.79 21.81 30.72
CA GLY C 265 10.57 22.53 29.49
C GLY C 265 10.97 21.72 28.28
N PRO C 266 10.94 22.35 27.11
CA PRO C 266 11.27 21.62 25.87
C PRO C 266 12.63 20.97 25.88
N SER C 267 13.62 21.61 26.50
CA SER C 267 14.99 21.13 26.41
C SER C 267 15.17 19.79 27.10
N ASN C 268 14.59 19.64 28.30
CA ASN C 268 14.57 18.37 29.00
C ASN C 268 13.13 17.89 29.10
N MET C 269 12.77 16.91 28.25
CA MET C 269 11.40 16.42 28.23
C MET C 269 11.24 15.18 29.10
N ALA C 270 12.35 14.60 29.53
CA ALA C 270 12.30 13.34 30.25
C ALA C 270 11.72 13.53 31.64
N VAL C 271 11.89 14.72 32.21
CA VAL C 271 11.48 14.99 33.59
C VAL C 271 10.13 15.66 33.69
N GLN C 272 9.45 15.92 32.58
CA GLN C 272 8.20 16.64 32.69
C GLN C 272 7.13 15.80 33.38
N GLY C 273 6.20 16.49 34.04
CA GLY C 273 5.07 15.80 34.64
C GLY C 273 4.09 15.34 33.57
N ARG C 274 3.62 14.11 33.72
CA ARG C 274 2.72 13.50 32.75
C ARG C 274 1.52 12.90 33.46
N ASN C 275 0.38 12.92 32.79
CA ASN C 275 -0.88 12.44 33.32
C ASN C 275 -1.06 10.93 33.16
N TYR C 276 -0.37 10.30 32.22
CA TYR C 276 -0.62 8.91 31.89
C TYR C 276 0.71 8.19 31.68
N ILE C 277 0.72 6.90 32.03
CA ILE C 277 1.94 6.10 32.02
C ILE C 277 1.70 4.84 31.22
N PRO C 278 2.75 4.22 30.70
CA PRO C 278 2.57 3.04 29.86
C PRO C 278 2.04 1.85 30.64
N GLY C 279 1.55 0.86 29.90
CA GLY C 279 0.82 -0.25 30.47
C GLY C 279 1.69 -1.32 31.11
N PRO C 280 1.05 -2.43 31.50
CA PRO C 280 1.76 -3.44 32.30
C PRO C 280 2.75 -4.24 31.47
N SER C 281 3.65 -4.93 32.16
CA SER C 281 4.71 -5.67 31.50
C SER C 281 5.05 -6.92 32.30
N TYR C 282 5.39 -7.99 31.60
CA TYR C 282 5.92 -9.20 32.19
C TYR C 282 7.10 -9.63 31.32
N ARG C 283 8.32 -9.53 31.83
CA ARG C 283 9.44 -9.48 30.90
C ARG C 283 9.68 -10.82 30.22
N GLN C 284 9.98 -10.76 28.93
CA GLN C 284 10.41 -11.89 28.11
C GLN C 284 11.92 -11.83 27.94
N GLN C 285 12.54 -13.00 27.84
CA GLN C 285 13.91 -13.09 27.38
C GLN C 285 13.95 -12.85 25.89
N ARG C 286 14.99 -12.17 25.41
CA ARG C 286 15.09 -11.93 23.97
C ARG C 286 16.02 -12.90 23.29
N VAL C 287 15.63 -13.30 22.09
CA VAL C 287 16.38 -14.20 21.26
C VAL C 287 16.71 -13.40 20.02
N SER C 288 17.90 -13.60 19.48
CA SER C 288 18.32 -12.88 18.31
C SER C 288 18.27 -13.77 17.08
N THR C 289 17.72 -13.24 15.98
CA THR C 289 17.65 -14.00 14.74
C THR C 289 19.05 -14.30 14.22
N THR C 290 20.00 -13.38 14.37
CA THR C 290 21.36 -13.70 13.98
C THR C 290 21.63 -14.70 15.09
N VAL C 291 21.97 -15.93 14.74
CA VAL C 291 22.13 -16.97 15.76
C VAL C 291 23.44 -16.93 16.53
N THR C 292 24.43 -16.24 16.00
CA THR C 292 25.71 -16.20 16.69
C THR C 292 25.72 -15.13 17.76
N GLN C 293 24.62 -14.39 17.93
CA GLN C 293 24.51 -13.46 19.05
C GLN C 293 23.83 -14.11 20.25
N ASN C 294 23.28 -15.31 20.06
CA ASN C 294 22.62 -16.01 21.15
C ASN C 294 23.63 -16.76 22.00
N ASN C 295 23.26 -17.06 23.24
CA ASN C 295 24.17 -17.78 24.13
C ASN C 295 24.27 -19.23 23.70
N ASN C 296 25.45 -19.82 23.85
CA ASN C 296 25.63 -21.22 23.46
C ASN C 296 25.18 -22.20 24.55
N SER C 297 23.89 -22.26 24.80
CA SER C 297 23.31 -23.16 25.79
C SER C 297 21.81 -23.30 25.50
N GLU C 298 21.16 -24.28 26.13
CA GLU C 298 19.73 -24.45 25.93
C GLU C 298 19.00 -23.65 27.01
N PHE C 299 18.19 -22.70 26.58
CA PHE C 299 17.46 -21.85 27.51
C PHE C 299 16.03 -21.65 27.05
N ALA C 300 15.64 -22.39 26.03
CA ALA C 300 14.29 -22.27 25.50
C ALA C 300 13.24 -22.51 26.59
N TRP C 301 13.25 -23.69 27.19
CA TRP C 301 12.45 -23.89 28.40
C TRP C 301 13.07 -23.23 29.64
N PRO C 302 14.36 -23.40 29.93
CA PRO C 302 14.90 -22.86 31.20
C PRO C 302 14.82 -21.33 31.30
N GLY C 303 15.11 -20.62 30.22
CA GLY C 303 15.07 -19.16 30.29
C GLY C 303 13.71 -18.58 30.00
N ALA C 304 12.67 -19.40 30.08
CA ALA C 304 11.33 -18.95 29.73
C ALA C 304 10.67 -18.22 30.89
N SER C 305 9.81 -17.26 30.54
CA SER C 305 8.88 -16.69 31.51
C SER C 305 7.63 -17.56 31.55
N SER C 306 7.09 -17.76 32.75
CA SER C 306 6.01 -18.72 32.90
C SER C 306 5.18 -18.38 34.12
N TRP C 307 4.01 -18.99 34.19
CA TRP C 307 3.16 -18.94 35.37
C TRP C 307 2.83 -20.35 35.85
N ALA C 308 2.51 -20.44 37.12
CA ALA C 308 2.29 -21.71 37.80
C ALA C 308 0.85 -21.83 38.25
N LEU C 309 0.25 -22.98 38.00
CA LEU C 309 -1.14 -23.22 38.40
C LEU C 309 -1.24 -24.61 38.99
N ASN C 310 -1.58 -24.68 40.29
CA ASN C 310 -1.68 -25.95 41.01
C ASN C 310 -0.44 -26.81 40.84
N GLY C 311 0.72 -26.17 40.86
CA GLY C 311 1.98 -26.87 40.73
C GLY C 311 2.50 -27.02 39.32
N ARG C 312 1.65 -26.96 38.31
CA ARG C 312 2.06 -27.14 36.93
C ARG C 312 2.43 -25.80 36.30
N ASN C 313 3.64 -25.75 35.76
CA ASN C 313 4.14 -24.56 35.09
C ASN C 313 3.62 -24.52 33.66
N SER C 314 3.13 -23.35 33.25
CA SER C 314 2.74 -23.11 31.88
C SER C 314 3.56 -21.94 31.35
N LEU C 315 4.14 -22.11 30.18
CA LEU C 315 4.85 -21.03 29.51
C LEU C 315 3.94 -19.82 29.37
N MET C 316 4.52 -18.62 29.50
CA MET C 316 3.71 -17.42 29.31
C MET C 316 3.75 -17.13 27.83
N ASN C 317 2.69 -17.51 27.14
CA ASN C 317 2.63 -17.43 25.70
C ASN C 317 1.22 -17.06 25.27
N PRO C 318 1.09 -16.08 24.38
CA PRO C 318 2.08 -15.08 24.00
C PRO C 318 2.31 -14.07 25.12
N GLY C 319 1.38 -14.03 26.07
CA GLY C 319 1.51 -13.16 27.22
C GLY C 319 0.85 -11.82 27.02
N PRO C 320 1.05 -10.91 27.98
CA PRO C 320 0.53 -9.56 27.84
C PRO C 320 1.08 -8.87 26.61
N ALA C 321 0.31 -7.92 26.08
CA ALA C 321 0.69 -7.24 24.85
C ALA C 321 1.82 -6.26 25.12
N MET C 322 2.94 -6.46 24.44
CA MET C 322 4.12 -5.63 24.60
C MET C 322 4.84 -5.52 23.28
N ALA C 323 5.59 -4.45 23.10
CA ALA C 323 6.34 -4.26 21.88
C ALA C 323 7.41 -5.33 21.74
N SER C 324 7.57 -5.86 20.52
CA SER C 324 8.47 -6.98 20.32
C SER C 324 9.92 -6.58 20.49
N HIS C 325 10.28 -5.37 20.09
CA HIS C 325 11.67 -4.93 20.12
C HIS C 325 11.73 -3.42 20.12
N LYS C 326 12.87 -2.90 20.54
CA LYS C 326 13.11 -1.47 20.48
C LYS C 326 13.30 -1.01 19.04
N GLU C 327 13.12 0.29 18.84
CA GLU C 327 13.31 0.90 17.54
C GLU C 327 14.72 0.65 17.02
N GLY C 328 14.81 0.17 15.79
CA GLY C 328 16.09 -0.07 15.17
C GLY C 328 16.64 -1.48 15.34
N GLU C 329 16.05 -2.29 16.21
CA GLU C 329 16.53 -3.65 16.42
C GLU C 329 15.45 -4.60 15.93
N ASP C 330 15.60 -5.11 14.71
CA ASP C 330 14.58 -5.97 14.14
C ASP C 330 14.90 -7.44 14.36
N ARG C 331 16.12 -7.72 14.81
CA ARG C 331 16.59 -9.09 14.88
C ARG C 331 16.25 -9.72 16.22
N PHE C 332 15.81 -8.92 17.18
CA PHE C 332 15.46 -9.48 18.48
C PHE C 332 13.96 -9.71 18.56
N PHE C 333 13.56 -10.85 19.10
CA PHE C 333 12.16 -11.13 19.33
C PHE C 333 11.99 -11.73 20.72
N PRO C 334 10.86 -11.46 21.38
CA PRO C 334 10.62 -12.04 22.70
C PRO C 334 10.43 -13.55 22.57
N LEU C 335 10.99 -14.28 23.53
CA LEU C 335 11.05 -15.74 23.42
C LEU C 335 9.67 -16.34 23.20
N SER C 336 8.78 -16.22 24.18
CA SER C 336 7.40 -16.65 24.04
C SER C 336 6.44 -15.49 23.73
N GLY C 337 6.95 -14.28 23.49
CA GLY C 337 6.07 -13.13 23.46
C GLY C 337 5.39 -12.88 22.13
N SER C 338 5.75 -13.65 21.11
CA SER C 338 5.23 -13.43 19.76
C SER C 338 4.41 -14.60 19.27
N LEU C 339 3.53 -14.32 18.32
CA LEU C 339 2.83 -15.38 17.60
C LEU C 339 3.63 -15.78 16.36
N ILE C 340 3.78 -17.08 16.18
CA ILE C 340 4.62 -17.63 15.12
C ILE C 340 3.79 -18.61 14.32
N PHE C 341 3.61 -18.33 13.03
CA PHE C 341 2.89 -19.24 12.15
C PHE C 341 3.88 -20.09 11.36
N GLY C 342 3.37 -21.06 10.62
CA GLY C 342 4.23 -21.89 9.82
C GLY C 342 3.98 -21.65 8.35
N LYS C 343 5.02 -21.79 7.53
CA LYS C 343 4.89 -21.63 6.08
C LYS C 343 4.25 -22.89 5.51
N GLN C 344 3.70 -22.80 4.31
CA GLN C 344 3.05 -23.97 3.72
C GLN C 344 4.05 -25.11 3.56
N GLY C 345 3.64 -26.30 3.98
CA GLY C 345 4.47 -27.48 3.90
C GLY C 345 5.49 -27.68 5.01
N THR C 346 5.50 -26.78 5.99
CA THR C 346 6.45 -26.88 7.10
C THR C 346 6.11 -28.07 7.97
N GLY C 347 7.13 -28.72 8.56
CA GLY C 347 6.95 -29.86 9.42
C GLY C 347 6.46 -29.51 10.80
N ARG C 348 6.28 -30.55 11.61
CA ARG C 348 5.72 -30.40 12.94
C ARG C 348 6.78 -30.07 13.99
N ASP C 349 7.96 -30.68 13.91
CA ASP C 349 8.92 -30.66 15.02
C ASP C 349 10.29 -30.17 14.58
N ASN C 350 10.78 -29.12 15.25
CA ASN C 350 12.15 -28.64 15.14
C ASN C 350 12.53 -28.24 13.70
N VAL C 351 11.71 -27.37 13.12
CA VAL C 351 11.95 -26.88 11.78
C VAL C 351 12.87 -25.67 11.85
N ASP C 352 13.44 -25.30 10.71
CA ASP C 352 14.34 -24.16 10.62
C ASP C 352 13.61 -22.82 10.78
N ALA C 353 14.35 -21.78 11.10
CA ALA C 353 13.80 -20.45 11.30
C ALA C 353 13.15 -19.92 10.03
N ASP C 354 13.74 -20.21 8.87
CA ASP C 354 13.20 -19.77 7.58
C ASP C 354 11.82 -20.36 7.29
N LYS C 355 11.59 -21.59 7.73
CA LYS C 355 10.32 -22.28 7.54
C LYS C 355 9.13 -21.58 8.20
N VAL C 356 9.33 -20.96 9.36
CA VAL C 356 8.24 -20.27 10.05
C VAL C 356 8.14 -18.76 9.76
N MET C 357 7.14 -18.12 10.36
CA MET C 357 6.93 -16.68 10.19
C MET C 357 6.70 -16.08 11.57
N ILE C 358 7.63 -15.26 12.03
CA ILE C 358 7.54 -14.63 13.32
C ILE C 358 6.97 -13.23 13.22
N THR C 359 5.77 -13.04 13.76
CA THR C 359 5.15 -11.73 13.71
C THR C 359 5.72 -10.82 14.80
N ASN C 360 5.46 -9.53 14.67
CA ASN C 360 5.96 -8.58 15.64
C ASN C 360 4.87 -7.63 16.10
N GLU C 361 5.06 -7.05 17.28
CA GLU C 361 4.11 -6.13 17.86
C GLU C 361 4.75 -4.75 17.97
N GLU C 362 5.54 -4.38 16.97
CA GLU C 362 6.24 -3.09 16.96
C GLU C 362 5.38 -1.83 16.88
N GLU C 363 4.16 -1.95 16.36
CA GLU C 363 3.25 -0.81 16.26
C GLU C 363 2.86 -0.24 17.61
N ILE C 364 2.72 -1.12 18.60
CA ILE C 364 2.26 -0.75 19.93
C ILE C 364 3.33 -0.22 20.88
N LYS C 365 4.55 -0.02 20.38
CA LYS C 365 5.65 0.50 21.19
C LYS C 365 5.44 1.94 21.72
N THR C 366 4.63 2.73 21.04
CA THR C 366 4.32 4.09 21.46
C THR C 366 3.65 4.12 22.83
N THR C 367 2.77 3.17 23.13
CA THR C 367 2.11 3.13 24.45
C THR C 367 2.46 1.92 25.34
N ASN C 368 3.00 0.85 24.77
CA ASN C 368 3.32 -0.35 25.54
C ASN C 368 4.83 -0.54 25.70
N PRO C 369 5.27 -0.99 26.88
CA PRO C 369 6.70 -1.25 27.11
C PRO C 369 7.22 -2.39 26.25
N VAL C 370 8.51 -2.33 25.97
CA VAL C 370 9.16 -3.38 25.20
C VAL C 370 9.18 -4.66 26.02
N ALA C 371 8.81 -5.76 25.39
CA ALA C 371 8.65 -7.03 26.10
C ALA C 371 9.95 -7.47 26.78
N THR C 372 11.09 -7.16 26.18
CA THR C 372 12.38 -7.62 26.67
C THR C 372 13.09 -6.62 27.56
N GLU C 373 12.45 -5.51 27.91
CA GLU C 373 13.02 -4.51 28.79
C GLU C 373 12.26 -4.51 30.10
N SER C 374 12.91 -4.02 31.15
CA SER C 374 12.21 -3.76 32.39
C SER C 374 11.24 -2.62 32.22
N TYR C 375 10.23 -2.58 33.09
CA TYR C 375 9.27 -1.49 33.04
C TYR C 375 9.92 -0.18 33.42
N GLY C 376 10.84 -0.21 34.39
CA GLY C 376 11.43 1.01 34.90
C GLY C 376 12.25 0.72 36.14
N GLN C 377 12.41 1.75 36.96
CA GLN C 377 13.17 1.67 38.22
C GLN C 377 12.32 2.16 39.38
N VAL C 378 12.61 1.64 40.57
CA VAL C 378 11.99 2.09 41.81
C VAL C 378 13.05 2.25 42.88
N ALA C 379 12.83 3.21 43.77
CA ALA C 379 13.70 3.40 44.92
C ALA C 379 13.60 2.20 45.85
N THR C 380 14.74 1.62 46.18
CA THR C 380 14.79 0.47 47.07
C THR C 380 15.15 0.80 48.51
N ASN C 381 15.42 2.06 48.85
CA ASN C 381 15.85 2.37 50.21
C ASN C 381 15.43 3.80 50.55
N HIS C 382 15.80 4.22 51.76
CA HIS C 382 15.83 5.61 52.14
C HIS C 382 17.25 6.12 52.07
N GLN C 383 17.48 7.17 51.29
CA GLN C 383 18.77 7.82 51.40
C GLN C 383 18.89 8.49 52.75
N SER C 384 20.11 8.79 53.12
CA SER C 384 20.39 9.55 54.33
C SER C 384 21.76 10.19 54.14
N ALA C 385 22.22 10.91 55.16
CA ALA C 385 23.58 11.40 55.13
C ALA C 385 24.59 10.26 55.06
N GLN C 386 24.24 9.11 55.62
CA GLN C 386 25.13 7.96 55.67
C GLN C 386 24.88 6.91 54.58
N ALA C 387 23.89 7.12 53.71
CA ALA C 387 23.47 6.07 52.78
C ALA C 387 23.15 6.65 51.41
N GLN C 388 23.69 6.01 50.37
CA GLN C 388 23.42 6.43 49.00
C GLN C 388 22.08 5.91 48.51
N ALA C 389 21.52 6.61 47.53
CA ALA C 389 20.26 6.20 46.93
C ALA C 389 20.44 4.90 46.15
N GLN C 390 19.45 4.02 46.24
CA GLN C 390 19.48 2.74 45.55
C GLN C 390 18.17 2.55 44.80
N THR C 391 18.28 2.15 43.53
CA THR C 391 17.13 1.86 42.70
C THR C 391 17.22 0.44 42.15
N GLY C 392 16.10 -0.26 42.16
CA GLY C 392 16.00 -1.59 41.58
C GLY C 392 15.25 -1.54 40.26
N TRP C 393 15.31 -2.65 39.53
CA TRP C 393 14.59 -2.73 38.27
C TRP C 393 13.24 -3.40 38.46
N VAL C 394 12.23 -2.92 37.74
CA VAL C 394 10.91 -3.52 37.77
C VAL C 394 10.86 -4.53 36.63
N GLN C 395 10.86 -5.81 36.97
CA GLN C 395 10.82 -6.84 35.94
C GLN C 395 9.39 -7.08 35.47
N ASN C 396 8.43 -7.02 36.38
CA ASN C 396 7.02 -7.10 36.06
C ASN C 396 6.28 -5.99 36.78
N GLN C 397 5.34 -5.35 36.10
CA GLN C 397 4.52 -4.31 36.71
C GLN C 397 3.07 -4.54 36.34
N GLY C 398 2.24 -4.80 37.34
CA GLY C 398 0.83 -4.94 37.12
C GLY C 398 0.14 -3.59 36.99
N ILE C 399 -1.17 -3.67 36.69
CA ILE C 399 -1.95 -2.46 36.40
C ILE C 399 -1.80 -1.45 37.51
N LEU C 400 -1.54 -0.21 37.12
CA LEU C 400 -1.56 0.98 37.94
C LEU C 400 -2.58 1.97 37.40
N PRO C 401 -3.23 2.75 38.26
CA PRO C 401 -4.08 3.83 37.77
C PRO C 401 -3.27 4.81 36.94
N GLY C 402 -3.84 5.22 35.81
CA GLY C 402 -3.13 6.05 34.87
C GLY C 402 -2.54 5.33 33.67
N MET C 403 -2.48 4.00 33.70
CA MET C 403 -1.94 3.26 32.56
C MET C 403 -2.90 3.27 31.38
N VAL C 404 -2.34 3.24 30.19
CA VAL C 404 -3.07 3.06 28.95
C VAL C 404 -2.25 2.13 28.06
N TRP C 405 -2.93 1.20 27.38
CA TRP C 405 -2.22 0.19 26.61
C TRP C 405 -3.01 -0.14 25.35
N GLN C 406 -2.35 -0.86 24.46
CA GLN C 406 -2.94 -1.40 23.24
C GLN C 406 -3.01 -2.91 23.33
N ASP C 407 -4.10 -3.48 22.83
CA ASP C 407 -4.24 -4.92 22.74
C ASP C 407 -3.40 -5.47 21.58
N ARG C 408 -3.16 -6.78 21.62
CA ARG C 408 -2.41 -7.42 20.56
C ARG C 408 -3.18 -7.38 19.25
N ASP C 409 -2.44 -7.20 18.16
CA ASP C 409 -3.03 -7.10 16.84
C ASP C 409 -3.62 -8.45 16.41
N VAL C 410 -4.53 -8.40 15.46
CA VAL C 410 -5.11 -9.59 14.86
C VAL C 410 -4.48 -9.77 13.48
N TYR C 411 -4.35 -11.02 13.04
CA TYR C 411 -3.73 -11.31 11.76
C TYR C 411 -4.70 -12.07 10.87
N LEU C 412 -4.43 -12.02 9.57
CA LEU C 412 -5.22 -12.80 8.62
C LEU C 412 -5.14 -14.29 8.93
N GLN C 413 -4.01 -14.72 9.50
CA GLN C 413 -3.84 -16.13 9.83
C GLN C 413 -4.32 -16.43 11.24
N GLY C 414 -4.66 -15.41 12.01
CA GLY C 414 -4.89 -15.56 13.43
C GLY C 414 -6.32 -15.83 13.82
N PRO C 415 -6.56 -16.05 15.10
CA PRO C 415 -7.93 -16.30 15.57
C PRO C 415 -8.78 -15.04 15.54
N ILE C 416 -10.10 -15.25 15.50
CA ILE C 416 -11.02 -14.12 15.52
C ILE C 416 -11.49 -13.83 16.94
N TRP C 417 -12.16 -14.80 17.56
CA TRP C 417 -12.77 -14.60 18.87
C TRP C 417 -12.28 -15.65 19.84
N ALA C 418 -12.56 -15.42 21.12
CA ALA C 418 -12.33 -16.39 22.17
C ALA C 418 -13.51 -16.36 23.13
N LYS C 419 -13.56 -17.35 24.00
CA LYS C 419 -14.58 -17.39 25.04
C LYS C 419 -13.99 -16.87 26.35
N ILE C 420 -14.58 -15.81 26.88
CA ILE C 420 -14.21 -15.35 28.22
C ILE C 420 -14.57 -16.43 29.23
N PRO C 421 -13.64 -16.92 30.04
CA PRO C 421 -14.00 -17.93 31.04
C PRO C 421 -15.10 -17.41 31.95
N HIS C 422 -15.91 -18.32 32.47
CA HIS C 422 -16.99 -17.92 33.37
C HIS C 422 -16.44 -17.94 34.78
N THR C 423 -16.23 -16.75 35.34
CA THR C 423 -15.53 -16.59 36.61
C THR C 423 -16.20 -15.49 37.39
N ASP C 424 -15.82 -15.36 38.66
CA ASP C 424 -16.31 -14.25 39.47
C ASP C 424 -15.90 -12.91 38.86
N GLY C 425 -14.62 -12.77 38.51
CA GLY C 425 -14.15 -11.51 37.96
C GLY C 425 -12.94 -11.69 37.07
N ASN C 426 -12.80 -10.74 36.15
CA ASN C 426 -11.69 -10.72 35.22
C ASN C 426 -11.31 -9.27 34.97
N PHE C 427 -10.15 -9.06 34.35
CA PHE C 427 -9.75 -7.72 33.96
C PHE C 427 -9.35 -7.69 32.50
N HIS C 428 -9.94 -6.77 31.76
CA HIS C 428 -9.68 -6.53 30.34
C HIS C 428 -9.74 -7.86 29.61
N PRO C 429 -10.93 -8.42 29.46
CA PRO C 429 -11.06 -9.81 29.00
C PRO C 429 -10.51 -10.11 27.62
N SER C 430 -10.08 -9.10 26.87
CA SER C 430 -9.58 -9.29 25.52
C SER C 430 -8.56 -10.43 25.49
N PRO C 431 -8.72 -11.43 24.63
CA PRO C 431 -7.85 -12.59 24.67
C PRO C 431 -6.43 -12.26 24.24
N LEU C 432 -5.47 -12.95 24.86
CA LEU C 432 -4.07 -12.58 24.71
C LEU C 432 -3.48 -13.03 23.38
N MET C 433 -4.12 -13.95 22.67
CA MET C 433 -3.65 -14.26 21.32
C MET C 433 -4.26 -13.37 20.26
N GLY C 434 -5.08 -12.40 20.66
CA GLY C 434 -5.71 -11.47 19.74
C GLY C 434 -7.18 -11.79 19.54
N GLY C 435 -7.93 -10.76 19.19
CA GLY C 435 -9.33 -10.94 18.88
C GLY C 435 -10.29 -10.42 19.93
N PHE C 436 -11.55 -10.82 19.76
CA PHE C 436 -12.68 -10.27 20.49
C PHE C 436 -13.06 -11.24 21.61
N GLY C 437 -12.87 -10.80 22.86
CA GLY C 437 -13.29 -11.61 23.99
C GLY C 437 -14.79 -11.56 24.18
N MET C 438 -15.39 -12.73 24.39
CA MET C 438 -16.83 -12.83 24.46
C MET C 438 -17.24 -13.80 25.55
N LYS C 439 -18.22 -13.39 26.36
CA LYS C 439 -18.79 -14.30 27.34
C LYS C 439 -19.69 -15.35 26.70
N HIS C 440 -20.38 -15.00 25.62
CA HIS C 440 -21.14 -15.95 24.80
C HIS C 440 -20.61 -15.86 23.38
N PRO C 441 -19.56 -16.62 23.06
CA PRO C 441 -19.01 -16.59 21.71
C PRO C 441 -19.88 -17.39 20.75
N PRO C 442 -19.55 -17.42 19.47
CA PRO C 442 -20.26 -18.31 18.55
C PRO C 442 -20.25 -19.74 19.07
N PRO C 443 -21.42 -20.39 19.11
CA PRO C 443 -21.49 -21.71 19.72
C PRO C 443 -20.77 -22.77 18.89
N GLN C 444 -20.36 -23.83 19.58
CA GLN C 444 -19.75 -24.97 18.91
C GLN C 444 -20.79 -25.74 18.11
N ILE C 445 -20.38 -26.21 16.93
CA ILE C 445 -21.26 -26.92 16.00
C ILE C 445 -20.75 -28.34 15.91
N LEU C 446 -21.50 -29.28 16.47
CA LEU C 446 -21.08 -30.67 16.57
C LEU C 446 -21.75 -31.49 15.47
N ILE C 447 -21.02 -32.46 14.95
CA ILE C 447 -21.51 -33.29 13.85
C ILE C 447 -20.87 -34.67 13.96
N LYS C 448 -21.64 -35.71 13.64
CA LYS C 448 -21.11 -37.06 13.54
C LYS C 448 -21.98 -37.87 12.60
N ASN C 449 -21.45 -39.00 12.15
CA ASN C 449 -22.21 -39.96 11.37
C ASN C 449 -22.96 -40.90 12.30
N THR C 450 -24.25 -41.04 12.09
CA THR C 450 -25.05 -41.97 12.87
C THR C 450 -24.60 -43.40 12.56
N PRO C 451 -24.30 -44.21 13.56
CA PRO C 451 -23.77 -45.55 13.29
C PRO C 451 -24.81 -46.48 12.69
N VAL C 452 -24.37 -47.26 11.71
CA VAL C 452 -25.21 -48.28 11.08
C VAL C 452 -24.55 -49.65 11.32
N PRO C 453 -25.14 -50.51 12.15
CA PRO C 453 -24.54 -51.82 12.46
C PRO C 453 -24.77 -52.88 11.39
N ASN C 466 -20.95 -53.94 18.30
CA ASN C 466 -19.54 -53.59 18.09
C ASN C 466 -19.06 -53.91 16.67
N SER C 467 -19.99 -54.24 15.79
CA SER C 467 -19.69 -54.43 14.37
C SER C 467 -20.54 -53.47 13.56
N PHE C 468 -19.89 -52.49 12.93
CA PHE C 468 -20.58 -51.43 12.22
C PHE C 468 -20.12 -51.41 10.77
N ILE C 469 -20.95 -50.82 9.92
CA ILE C 469 -20.65 -50.72 8.50
C ILE C 469 -19.74 -49.53 8.26
N THR C 470 -18.60 -49.76 7.62
CA THR C 470 -17.62 -48.72 7.35
C THR C 470 -18.24 -47.61 6.51
N GLN C 471 -18.11 -46.37 6.99
CA GLN C 471 -18.98 -45.31 6.50
C GLN C 471 -18.26 -43.97 6.63
N TYR C 472 -18.54 -43.07 5.69
CA TYR C 472 -18.11 -41.69 5.83
C TYR C 472 -19.07 -40.80 5.05
N SER C 473 -19.02 -39.51 5.35
CA SER C 473 -19.94 -38.54 4.79
C SER C 473 -19.18 -37.31 4.31
N THR C 474 -19.87 -36.49 3.53
CA THR C 474 -19.31 -35.29 2.91
C THR C 474 -20.44 -34.35 2.54
N GLY C 475 -20.08 -33.11 2.27
CA GLY C 475 -21.10 -32.12 1.93
C GLY C 475 -20.50 -30.75 1.85
N GLN C 476 -21.34 -29.74 2.03
CA GLN C 476 -20.93 -28.36 1.91
C GLN C 476 -21.21 -27.62 3.21
N VAL C 477 -20.46 -26.55 3.45
CA VAL C 477 -20.69 -25.64 4.57
C VAL C 477 -20.54 -24.21 4.08
N SER C 478 -21.50 -23.37 4.41
CA SER C 478 -21.42 -21.95 4.11
C SER C 478 -21.58 -21.16 5.41
N VAL C 479 -20.65 -20.25 5.64
CA VAL C 479 -20.69 -19.35 6.78
C VAL C 479 -20.77 -17.92 6.25
N GLU C 480 -21.54 -17.08 6.92
CA GLU C 480 -21.76 -15.70 6.51
C GLU C 480 -21.69 -14.80 7.72
N ILE C 481 -20.80 -13.82 7.69
CA ILE C 481 -20.60 -12.93 8.83
C ILE C 481 -20.76 -11.49 8.38
N GLU C 482 -21.58 -10.75 9.10
CA GLU C 482 -21.68 -9.30 8.94
C GLU C 482 -20.67 -8.63 9.86
N TRP C 483 -19.83 -7.78 9.29
CA TRP C 483 -18.81 -7.06 10.02
C TRP C 483 -19.17 -5.59 10.04
N GLU C 484 -18.88 -4.91 11.14
CA GLU C 484 -19.10 -3.48 11.22
C GLU C 484 -17.76 -2.77 11.06
N LEU C 485 -17.76 -1.63 10.37
CA LEU C 485 -16.54 -0.92 10.06
C LEU C 485 -16.50 0.41 10.78
N GLN C 486 -15.28 0.91 10.99
CA GLN C 486 -15.06 2.26 11.50
C GLN C 486 -14.12 2.99 10.58
N LYS C 487 -14.64 3.99 9.88
CA LYS C 487 -13.87 4.78 8.92
C LYS C 487 -13.05 5.83 9.65
N GLU C 488 -11.97 6.25 8.99
CA GLU C 488 -11.08 7.27 9.56
C GLU C 488 -11.43 8.64 9.00
N ASN C 489 -11.53 9.63 9.88
CA ASN C 489 -11.73 11.03 9.54
C ASN C 489 -10.42 11.81 9.48
N SER C 490 -9.28 11.11 9.51
CA SER C 490 -7.99 11.71 9.84
C SER C 490 -7.66 12.94 9.00
N LYS C 491 -7.02 13.91 9.65
CA LYS C 491 -6.58 15.15 9.04
C LYS C 491 -5.12 15.16 8.62
N ARG C 492 -4.43 14.03 8.76
CA ARG C 492 -3.03 13.93 8.37
C ARG C 492 -2.80 14.41 6.93
N TRP C 493 -1.80 15.27 6.75
CA TRP C 493 -1.54 15.84 5.43
C TRP C 493 -0.77 14.87 4.54
N ASN C 494 0.33 14.30 5.06
CA ASN C 494 1.16 13.42 4.26
C ASN C 494 0.51 12.04 4.12
N PRO C 495 0.82 11.33 3.03
CA PRO C 495 0.19 10.03 2.79
C PRO C 495 0.60 8.98 3.83
N GLU C 496 -0.33 8.07 4.10
CA GLU C 496 -0.20 7.00 5.09
C GLU C 496 0.75 5.90 4.61
N ILE C 497 0.89 4.91 5.45
CA ILE C 497 1.47 3.63 5.07
C ILE C 497 0.33 2.67 4.76
N GLN C 498 0.44 1.95 3.65
CA GLN C 498 -0.59 1.01 3.27
C GLN C 498 0.03 -0.37 3.14
N TYR C 499 -0.80 -1.40 3.15
CA TYR C 499 -0.31 -2.71 2.76
C TYR C 499 -0.36 -2.83 1.24
N THR C 500 0.75 -3.24 0.65
CA THR C 500 0.83 -3.38 -0.79
C THR C 500 1.63 -4.58 -1.23
N SER C 501 1.18 -5.25 -2.28
CA SER C 501 1.91 -6.39 -2.82
C SER C 501 3.13 -5.87 -3.58
N ASN C 502 4.18 -6.68 -3.66
CA ASN C 502 5.40 -6.28 -4.36
C ASN C 502 5.23 -6.08 -5.85
N TYR C 503 5.79 -5.00 -6.37
CA TYR C 503 5.77 -4.70 -7.79
C TYR C 503 6.61 -5.64 -8.66
N TYR C 504 7.80 -5.99 -8.18
CA TYR C 504 8.78 -6.79 -8.91
C TYR C 504 8.41 -8.19 -9.36
N LYS C 505 9.14 -8.70 -10.34
CA LYS C 505 8.80 -10.00 -10.91
C LYS C 505 9.22 -11.13 -9.98
N SER C 506 8.52 -12.24 -10.09
CA SER C 506 8.74 -13.42 -9.25
C SER C 506 8.24 -14.64 -9.99
N ASN C 507 8.72 -15.82 -9.58
CA ASN C 507 8.30 -17.05 -10.25
C ASN C 507 6.84 -17.37 -9.97
N ASN C 508 6.36 -16.98 -8.80
CA ASN C 508 5.00 -17.28 -8.37
C ASN C 508 4.31 -15.99 -7.99
N VAL C 509 2.99 -16.06 -7.84
CA VAL C 509 2.23 -14.91 -7.36
C VAL C 509 1.95 -15.08 -5.87
N GLU C 510 2.18 -14.03 -5.10
CA GLU C 510 1.94 -14.10 -3.68
C GLU C 510 0.46 -14.27 -3.40
N PHE C 511 0.14 -15.19 -2.48
CA PHE C 511 -1.23 -15.59 -2.19
C PHE C 511 -1.91 -16.18 -3.42
N ALA C 512 -1.24 -17.13 -4.05
CA ALA C 512 -1.79 -17.84 -5.19
C ALA C 512 -1.29 -19.28 -5.17
N VAL C 513 -1.75 -20.06 -6.14
CA VAL C 513 -1.28 -21.44 -6.30
C VAL C 513 0.03 -21.47 -7.07
N ASN C 514 0.80 -22.52 -6.86
CA ASN C 514 2.01 -22.79 -7.64
C ASN C 514 1.67 -23.70 -8.82
N THR C 515 2.70 -24.24 -9.47
CA THR C 515 2.48 -25.10 -10.63
C THR C 515 1.88 -26.45 -10.21
N GLU C 516 2.00 -26.80 -8.94
CA GLU C 516 1.51 -28.08 -8.46
C GLU C 516 0.13 -27.97 -7.82
N GLY C 517 -0.48 -26.79 -7.84
CA GLY C 517 -1.78 -26.60 -7.25
C GLY C 517 -1.78 -26.36 -5.77
N VAL C 518 -0.67 -25.93 -5.18
CA VAL C 518 -0.59 -25.70 -3.75
C VAL C 518 -0.77 -24.23 -3.45
N TYR C 519 -1.81 -23.90 -2.70
CA TYR C 519 -2.07 -22.53 -2.26
C TYR C 519 -1.20 -22.27 -1.03
N SER C 520 -0.70 -21.04 -0.91
CA SER C 520 0.19 -20.71 0.18
C SER C 520 0.05 -19.25 0.56
N GLU C 521 0.29 -18.98 1.84
CA GLU C 521 0.27 -17.62 2.37
C GLU C 521 1.69 -17.17 2.65
N PRO C 522 2.25 -16.25 1.86
CA PRO C 522 3.69 -15.97 1.99
C PRO C 522 4.09 -15.23 3.25
N ARG C 523 3.19 -14.46 3.82
CA ARG C 523 3.56 -13.69 4.99
C ARG C 523 2.38 -13.38 5.89
N PRO C 524 2.66 -13.13 7.16
CA PRO C 524 1.56 -12.70 8.02
C PRO C 524 1.22 -11.25 7.74
N ILE C 525 -0.07 -10.94 7.76
CA ILE C 525 -0.54 -9.58 7.51
C ILE C 525 -1.28 -9.11 8.75
N GLY C 526 -0.69 -8.15 9.46
CA GLY C 526 -1.35 -7.50 10.57
C GLY C 526 -2.35 -6.47 10.12
N THR C 527 -3.04 -5.88 11.08
CA THR C 527 -4.14 -4.99 10.79
C THR C 527 -3.78 -3.50 10.89
N ARG C 528 -2.57 -3.15 11.31
CA ARG C 528 -2.28 -1.77 11.73
C ARG C 528 -1.37 -1.08 10.73
N TYR C 529 -1.96 -0.17 9.95
CA TYR C 529 -1.31 0.61 8.91
C TYR C 529 -1.63 2.08 9.06
N LEU C 530 -2.92 2.42 9.02
CA LEU C 530 -3.37 3.78 9.25
C LEU C 530 -2.98 4.24 10.65
N THR C 531 -2.96 5.56 10.84
CA THR C 531 -2.50 6.14 12.10
C THR C 531 -3.57 7.02 12.73
N ARG C 532 -3.50 7.11 14.05
CA ARG C 532 -4.30 8.05 14.84
C ARG C 532 -3.38 8.84 15.76
N ASN C 533 -3.86 10.02 16.15
CA ASN C 533 -3.23 10.72 17.25
C ASN C 533 -3.48 10.00 18.57
N LEU C 534 -2.55 10.18 19.49
CA LEU C 534 -2.64 9.53 20.78
C LEU C 534 -3.52 10.33 21.73
N VAL D 37 -35.13 -13.69 -36.91
CA VAL D 37 -34.98 -15.13 -36.87
C VAL D 37 -34.71 -15.59 -35.45
N ILE D 38 -35.38 -16.67 -35.04
CA ILE D 38 -35.06 -17.34 -33.79
C ILE D 38 -34.54 -18.72 -34.13
N THR D 39 -33.27 -18.96 -33.86
CA THR D 39 -32.69 -20.28 -33.96
C THR D 39 -32.68 -20.92 -32.58
N THR D 40 -32.88 -22.23 -32.53
CA THR D 40 -32.83 -22.98 -31.29
C THR D 40 -32.00 -24.23 -31.53
N SER D 41 -31.13 -24.55 -30.58
CA SER D 41 -30.24 -25.69 -30.71
C SER D 41 -30.15 -26.42 -29.39
N THR D 42 -30.07 -27.74 -29.44
CA THR D 42 -29.89 -28.58 -28.27
C THR D 42 -28.80 -29.61 -28.55
N ARG D 43 -27.91 -29.81 -27.58
CA ARG D 43 -26.79 -30.72 -27.76
C ARG D 43 -26.58 -31.54 -26.50
N THR D 44 -25.76 -32.57 -26.62
CA THR D 44 -25.39 -33.44 -25.51
C THR D 44 -23.92 -33.26 -25.18
N TRP D 45 -23.63 -32.93 -23.92
CA TRP D 45 -22.29 -32.63 -23.49
C TRP D 45 -21.81 -33.64 -22.46
N ALA D 46 -20.49 -33.78 -22.36
CA ALA D 46 -19.82 -34.60 -21.37
C ALA D 46 -18.74 -33.77 -20.70
N LEU D 47 -18.76 -33.71 -19.38
CA LEU D 47 -17.84 -32.86 -18.61
C LEU D 47 -16.93 -33.70 -17.73
N PRO D 48 -15.63 -33.77 -18.02
CA PRO D 48 -14.74 -34.56 -17.17
C PRO D 48 -14.29 -33.82 -15.92
N THR D 49 -13.35 -34.40 -15.20
CA THR D 49 -12.65 -33.72 -14.12
C THR D 49 -11.32 -33.19 -14.63
N TYR D 50 -11.16 -31.87 -14.58
CA TYR D 50 -9.94 -31.21 -15.03
C TYR D 50 -9.00 -30.98 -13.86
N ASN D 51 -7.70 -31.20 -14.10
CA ASN D 51 -6.63 -30.85 -13.16
C ASN D 51 -6.78 -31.52 -11.81
N ASN D 52 -7.51 -32.64 -11.74
CA ASN D 52 -7.82 -33.29 -10.47
C ASN D 52 -8.30 -32.29 -9.42
N HIS D 53 -9.21 -31.40 -9.82
CA HIS D 53 -9.83 -30.44 -8.92
C HIS D 53 -8.83 -29.41 -8.40
N LEU D 54 -7.91 -28.97 -9.27
CA LEU D 54 -6.85 -28.06 -8.88
C LEU D 54 -6.78 -26.87 -9.83
N TYR D 55 -6.53 -25.70 -9.24
CA TYR D 55 -5.98 -24.56 -9.96
C TYR D 55 -4.48 -24.74 -10.04
N LYS D 56 -3.91 -24.57 -11.22
CA LYS D 56 -2.47 -24.74 -11.37
C LYS D 56 -1.87 -23.63 -12.20
N GLN D 57 -0.86 -22.97 -11.64
CA GLN D 57 -0.01 -22.08 -12.38
C GLN D 57 0.58 -22.78 -13.60
N ILE D 58 0.46 -22.14 -14.75
CA ILE D 58 1.09 -22.60 -15.98
C ILE D 58 1.88 -21.41 -16.52
N SER D 59 2.96 -21.69 -17.24
CA SER D 59 3.73 -20.62 -17.83
C SER D 59 4.48 -21.11 -19.05
N ASN D 60 5.29 -20.22 -19.59
CA ASN D 60 6.16 -20.57 -20.72
C ASN D 60 7.06 -21.74 -20.39
N SER D 61 7.73 -21.71 -19.24
CA SER D 61 8.69 -22.77 -18.92
C SER D 61 7.98 -24.07 -18.55
N THR D 62 6.68 -24.00 -18.28
CA THR D 62 5.92 -25.22 -18.05
C THR D 62 5.64 -25.95 -19.36
N SER D 63 5.52 -25.20 -20.46
CA SER D 63 5.26 -25.82 -21.75
C SER D 63 6.54 -26.05 -22.55
N GLY D 64 7.69 -25.72 -21.96
CA GLY D 64 8.95 -25.85 -22.65
C GLY D 64 9.62 -24.55 -23.02
N GLY D 65 8.86 -23.45 -22.97
CA GLY D 65 9.43 -22.12 -23.08
C GLY D 65 10.19 -21.82 -24.36
N SER D 66 11.26 -21.04 -24.19
CA SER D 66 12.38 -20.81 -25.11
C SER D 66 12.17 -19.72 -26.15
N SER D 67 10.99 -19.12 -26.27
CA SER D 67 10.74 -18.09 -27.28
C SER D 67 10.16 -16.85 -26.63
N ASN D 68 10.84 -15.72 -26.82
CA ASN D 68 10.42 -14.48 -26.16
C ASN D 68 9.05 -14.04 -26.67
N ASP D 69 8.78 -14.24 -27.95
CA ASP D 69 7.49 -13.85 -28.51
C ASP D 69 6.36 -14.75 -28.00
N ASN D 70 6.71 -15.96 -27.56
CA ASN D 70 5.73 -16.94 -27.11
C ASN D 70 5.60 -17.05 -25.59
N ALA D 71 6.34 -16.26 -24.81
CA ALA D 71 6.32 -16.40 -23.36
C ALA D 71 4.99 -15.95 -22.79
N TYR D 72 4.52 -16.66 -21.76
CA TYR D 72 3.24 -16.34 -21.13
C TYR D 72 3.27 -16.80 -19.68
N PHE D 73 2.34 -16.25 -18.89
CA PHE D 73 2.10 -16.66 -17.52
C PHE D 73 0.61 -16.61 -17.26
N GLY D 74 0.08 -17.67 -16.66
CA GLY D 74 -1.35 -17.72 -16.40
C GLY D 74 -1.70 -18.87 -15.50
N TYR D 75 -3.00 -19.19 -15.46
CA TYR D 75 -3.51 -20.24 -14.61
C TYR D 75 -4.53 -21.09 -15.38
N SER D 76 -4.54 -22.38 -15.09
CA SER D 76 -5.57 -23.29 -15.56
C SER D 76 -6.48 -23.66 -14.40
N THR D 77 -7.77 -23.77 -14.66
CA THR D 77 -8.78 -24.01 -13.65
C THR D 77 -9.40 -25.39 -13.84
N PRO D 78 -9.94 -25.98 -12.77
CA PRO D 78 -10.71 -27.22 -12.92
C PRO D 78 -12.05 -27.02 -13.64
N TRP D 79 -12.50 -25.78 -13.76
CA TRP D 79 -13.79 -25.47 -14.37
C TRP D 79 -13.76 -25.65 -15.88
N GLY D 80 -14.93 -25.94 -16.44
CA GLY D 80 -15.14 -25.89 -17.88
C GLY D 80 -15.99 -24.68 -18.24
N TYR D 81 -16.27 -24.55 -19.54
CA TYR D 81 -17.12 -23.46 -20.00
C TYR D 81 -17.80 -23.84 -21.31
N PHE D 82 -18.90 -23.17 -21.60
CA PHE D 82 -19.66 -23.40 -22.83
C PHE D 82 -19.34 -22.32 -23.86
N ASP D 83 -19.10 -22.76 -25.09
CA ASP D 83 -18.83 -21.84 -26.19
C ASP D 83 -19.76 -22.20 -27.35
N PHE D 84 -20.76 -21.36 -27.61
CA PHE D 84 -21.57 -21.42 -28.82
C PHE D 84 -21.24 -20.31 -29.83
N ASN D 85 -20.12 -19.62 -29.62
CA ASN D 85 -19.79 -18.37 -30.32
C ASN D 85 -19.66 -18.48 -31.83
N ARG D 86 -19.77 -19.68 -32.41
CA ARG D 86 -19.65 -19.86 -33.85
C ARG D 86 -21.03 -19.98 -34.49
N PHE D 87 -21.15 -19.52 -35.74
CA PHE D 87 -22.44 -19.50 -36.42
C PHE D 87 -23.01 -20.89 -36.64
N HIS D 88 -22.19 -21.86 -37.04
CA HIS D 88 -22.74 -23.17 -37.38
C HIS D 88 -23.34 -23.88 -36.17
N CYS D 89 -23.14 -23.33 -34.97
CA CYS D 89 -23.85 -23.85 -33.81
C CYS D 89 -25.34 -23.56 -33.94
N HIS D 90 -25.68 -22.38 -34.43
CA HIS D 90 -27.06 -21.92 -34.48
C HIS D 90 -27.72 -22.03 -35.85
N PHE D 91 -26.98 -22.41 -36.89
CA PHE D 91 -27.50 -22.39 -38.26
C PHE D 91 -27.08 -23.66 -38.99
N SER D 92 -28.06 -24.39 -39.50
CA SER D 92 -27.82 -25.38 -40.53
C SER D 92 -27.61 -24.68 -41.87
N PRO D 93 -27.07 -25.37 -42.87
CA PRO D 93 -27.04 -24.74 -44.19
C PRO D 93 -28.43 -24.57 -44.78
N GLY D 105 -28.21 -8.06 -44.25
CA GLY D 105 -28.27 -7.43 -42.95
C GLY D 105 -28.89 -8.27 -41.86
N PHE D 106 -28.14 -8.51 -40.78
CA PHE D 106 -28.68 -9.23 -39.63
C PHE D 106 -27.82 -8.92 -38.42
N ARG D 107 -28.35 -9.27 -37.24
CA ARG D 107 -27.68 -9.06 -35.97
C ARG D 107 -28.47 -9.72 -34.84
N PRO D 108 -27.82 -10.14 -33.77
CA PRO D 108 -28.54 -10.80 -32.68
C PRO D 108 -29.30 -9.82 -31.81
N LYS D 109 -30.35 -10.33 -31.17
CA LYS D 109 -31.21 -9.54 -30.31
C LYS D 109 -31.29 -10.10 -28.90
N ARG D 110 -31.75 -11.34 -28.76
CA ARG D 110 -31.86 -11.94 -27.43
C ARG D 110 -31.28 -13.34 -27.35
N LEU D 111 -30.89 -13.73 -26.14
CA LEU D 111 -30.34 -15.05 -25.91
C LEU D 111 -30.97 -15.72 -24.69
N ASN D 112 -31.35 -16.98 -24.85
CA ASN D 112 -31.91 -17.76 -23.76
C ASN D 112 -31.04 -19.01 -23.64
N PHE D 113 -30.62 -19.33 -22.42
CA PHE D 113 -29.75 -20.50 -22.19
C PHE D 113 -30.38 -21.48 -21.22
N LYS D 114 -30.20 -22.77 -21.47
CA LYS D 114 -30.77 -23.78 -20.58
C LYS D 114 -29.82 -24.96 -20.43
N LEU D 115 -29.75 -25.46 -19.19
CA LEU D 115 -28.90 -26.58 -18.85
C LEU D 115 -29.74 -27.57 -18.05
N PHE D 116 -29.95 -28.76 -18.58
CA PHE D 116 -30.94 -29.66 -18.00
C PHE D 116 -30.52 -31.10 -18.25
N ASN D 117 -31.31 -32.03 -17.67
CA ASN D 117 -31.07 -33.46 -17.77
C ASN D 117 -29.65 -33.83 -17.37
N ILE D 118 -29.25 -33.35 -16.19
CA ILE D 118 -27.88 -33.56 -15.73
C ILE D 118 -27.71 -34.99 -15.26
N GLN D 119 -26.68 -35.66 -15.76
CA GLN D 119 -26.39 -37.04 -15.37
C GLN D 119 -24.93 -37.12 -14.94
N VAL D 120 -24.71 -37.41 -13.65
CA VAL D 120 -23.38 -37.54 -13.09
C VAL D 120 -23.05 -39.02 -12.97
N LYS D 121 -21.82 -39.38 -13.34
CA LYS D 121 -21.39 -40.77 -13.37
C LYS D 121 -20.14 -40.95 -12.52
N GLU D 122 -20.00 -42.13 -11.92
CA GLU D 122 -18.81 -42.52 -11.19
C GLU D 122 -18.13 -43.69 -11.90
N VAL D 123 -16.80 -43.73 -11.82
CA VAL D 123 -16.03 -44.71 -12.56
C VAL D 123 -15.13 -45.52 -11.63
N ILE D 132 -19.04 -48.46 -14.44
CA ILE D 132 -19.66 -47.14 -14.46
C ILE D 132 -21.08 -47.20 -13.91
N ALA D 133 -21.35 -46.34 -12.93
CA ALA D 133 -22.65 -46.29 -12.28
C ALA D 133 -23.12 -44.83 -12.20
N ASN D 134 -24.39 -44.66 -11.84
CA ASN D 134 -24.90 -43.34 -11.57
C ASN D 134 -24.63 -42.95 -10.13
N ASN D 135 -24.29 -41.69 -9.91
CA ASN D 135 -24.18 -41.12 -8.58
C ASN D 135 -25.29 -40.09 -8.45
N LEU D 136 -26.33 -40.42 -7.69
CA LEU D 136 -27.51 -39.56 -7.60
C LEU D 136 -27.31 -38.37 -6.68
N THR D 137 -26.41 -38.48 -5.71
CA THR D 137 -26.20 -37.44 -4.71
C THR D 137 -25.23 -36.36 -5.17
N SER D 138 -24.52 -36.56 -6.27
CA SER D 138 -23.53 -35.58 -6.71
C SER D 138 -24.19 -34.34 -7.27
N THR D 139 -23.43 -33.25 -7.28
CA THR D 139 -23.88 -31.97 -7.79
C THR D 139 -22.95 -31.46 -8.88
N VAL D 140 -23.45 -30.52 -9.65
CA VAL D 140 -22.69 -29.79 -10.65
C VAL D 140 -22.94 -28.31 -10.43
N GLN D 141 -21.89 -27.51 -10.55
CA GLN D 141 -21.94 -26.09 -10.25
C GLN D 141 -21.82 -25.29 -11.54
N VAL D 142 -22.67 -24.29 -11.68
CA VAL D 142 -22.66 -23.44 -12.88
C VAL D 142 -22.97 -22.01 -12.46
N PHE D 143 -22.22 -21.07 -13.03
CA PHE D 143 -22.54 -19.66 -12.85
C PHE D 143 -22.17 -18.93 -14.12
N THR D 144 -22.99 -17.96 -14.47
CA THR D 144 -22.62 -16.99 -15.49
C THR D 144 -21.73 -15.94 -14.84
N ASP D 145 -20.82 -15.38 -15.63
CA ASP D 145 -20.08 -14.21 -15.19
C ASP D 145 -20.78 -13.05 -15.88
N SER D 146 -21.71 -12.42 -15.16
CA SER D 146 -22.52 -11.35 -15.73
C SER D 146 -22.03 -9.98 -15.32
N ASP D 147 -21.02 -9.90 -14.47
CA ASP D 147 -20.33 -8.66 -14.18
C ASP D 147 -19.05 -8.53 -15.00
N TYR D 148 -18.71 -9.54 -15.79
CA TYR D 148 -17.53 -9.54 -16.65
C TYR D 148 -16.26 -9.40 -15.81
N GLN D 149 -16.28 -10.03 -14.64
CA GLN D 149 -15.20 -9.96 -13.68
C GLN D 149 -14.06 -10.94 -13.97
N LEU D 150 -14.30 -11.98 -14.75
CA LEU D 150 -13.26 -12.93 -15.14
C LEU D 150 -12.63 -12.53 -16.47
N PRO D 151 -11.42 -13.02 -16.73
CA PRO D 151 -10.85 -12.88 -18.07
C PRO D 151 -11.73 -13.57 -19.11
N TYR D 152 -11.93 -12.90 -20.23
CA TYR D 152 -12.91 -13.33 -21.22
C TYR D 152 -12.20 -14.02 -22.37
N VAL D 153 -12.34 -15.34 -22.46
CA VAL D 153 -11.64 -16.14 -23.45
C VAL D 153 -12.48 -16.48 -24.66
N LEU D 154 -13.73 -16.02 -24.74
CA LEU D 154 -14.60 -16.44 -25.84
C LEU D 154 -14.30 -15.75 -27.16
N GLY D 155 -13.72 -14.56 -27.13
CA GLY D 155 -13.39 -13.86 -28.35
C GLY D 155 -12.07 -14.25 -28.98
N SER D 156 -11.46 -15.34 -28.53
CA SER D 156 -10.16 -15.76 -29.04
C SER D 156 -10.27 -16.83 -30.12
N ALA D 157 -11.49 -17.16 -30.54
CA ALA D 157 -11.72 -18.07 -31.67
C ALA D 157 -11.14 -19.45 -31.40
N HIS D 158 -11.44 -20.02 -30.24
CA HIS D 158 -10.91 -21.32 -29.90
C HIS D 158 -11.81 -22.45 -30.41
N GLU D 159 -11.31 -23.66 -30.25
CA GLU D 159 -12.05 -24.87 -30.54
C GLU D 159 -12.91 -25.20 -29.33
N GLY D 160 -13.73 -26.24 -29.43
CA GLY D 160 -14.60 -26.60 -28.34
C GLY D 160 -16.00 -26.06 -28.44
N CYS D 161 -16.41 -25.57 -29.60
CA CYS D 161 -17.76 -25.07 -29.78
C CYS D 161 -18.76 -26.22 -29.73
N LEU D 162 -20.02 -25.86 -29.50
CA LEU D 162 -21.11 -26.78 -29.77
C LEU D 162 -20.99 -27.29 -31.21
N PRO D 163 -21.19 -28.58 -31.45
CA PRO D 163 -20.92 -29.12 -32.78
C PRO D 163 -21.97 -28.66 -33.78
N PRO D 164 -21.60 -28.50 -35.04
CA PRO D 164 -22.60 -28.09 -36.03
C PRO D 164 -23.67 -29.14 -36.28
N PHE D 165 -23.33 -30.42 -36.24
CA PHE D 165 -24.37 -31.42 -36.48
C PHE D 165 -25.08 -31.75 -35.18
N PRO D 166 -26.40 -31.59 -35.11
CA PRO D 166 -27.09 -31.65 -33.82
C PRO D 166 -26.99 -32.97 -33.10
N ALA D 167 -26.58 -34.06 -33.76
CA ALA D 167 -26.49 -35.35 -33.09
C ALA D 167 -25.12 -35.63 -32.52
N ASP D 168 -24.15 -34.76 -32.73
CA ASP D 168 -22.81 -34.95 -32.16
C ASP D 168 -22.82 -34.69 -30.66
N VAL D 169 -22.01 -35.46 -29.94
CA VAL D 169 -21.79 -35.26 -28.52
C VAL D 169 -20.39 -34.70 -28.34
N PHE D 170 -20.26 -33.63 -27.57
CA PHE D 170 -19.02 -32.87 -27.48
C PHE D 170 -18.52 -32.79 -26.06
N MET D 171 -17.22 -32.61 -25.93
CA MET D 171 -16.54 -32.45 -24.65
C MET D 171 -16.45 -30.97 -24.29
N ILE D 172 -16.77 -30.65 -23.05
CA ILE D 172 -16.69 -29.26 -22.60
C ILE D 172 -15.23 -28.89 -22.37
N PRO D 173 -14.75 -27.78 -22.94
CA PRO D 173 -13.33 -27.44 -22.82
C PRO D 173 -12.97 -26.94 -21.43
N GLN D 174 -11.67 -26.95 -21.16
CA GLN D 174 -11.16 -26.48 -19.87
C GLN D 174 -10.94 -24.98 -19.91
N TYR D 175 -11.34 -24.30 -18.84
CA TYR D 175 -11.17 -22.85 -18.77
C TYR D 175 -9.80 -22.50 -18.23
N GLY D 176 -9.13 -21.58 -18.90
CA GLY D 176 -7.87 -21.03 -18.43
C GLY D 176 -7.75 -19.60 -18.89
N TYR D 177 -6.77 -18.91 -18.31
CA TYR D 177 -6.57 -17.50 -18.63
C TYR D 177 -5.11 -17.14 -18.47
N LEU D 178 -4.73 -16.02 -19.06
CA LEU D 178 -3.39 -15.48 -18.99
C LEU D 178 -3.40 -14.11 -18.34
N THR D 179 -2.34 -13.82 -17.61
CA THR D 179 -2.15 -12.55 -16.94
C THR D 179 -0.81 -11.98 -17.36
N LEU D 180 -0.39 -10.90 -16.72
CA LEU D 180 0.85 -10.24 -17.08
C LEU D 180 2.04 -11.13 -16.77
N ASN D 181 2.93 -11.29 -17.73
CA ASN D 181 4.17 -12.03 -17.54
C ASN D 181 5.36 -11.13 -17.82
N ASP D 182 6.51 -11.50 -17.29
CA ASP D 182 7.81 -11.05 -17.77
C ASP D 182 8.65 -12.30 -17.99
N GLY D 183 8.93 -12.61 -19.24
CA GLY D 183 9.44 -13.95 -19.52
C GLY D 183 8.40 -14.96 -19.09
N SER D 184 8.84 -15.98 -18.34
CA SER D 184 7.92 -16.95 -17.78
C SER D 184 7.51 -16.61 -16.35
N GLN D 185 8.01 -15.50 -15.81
CA GLN D 185 7.71 -15.08 -14.45
C GLN D 185 6.46 -14.20 -14.41
N ALA D 186 6.11 -13.78 -13.21
CA ALA D 186 4.92 -12.98 -12.96
C ALA D 186 5.30 -11.71 -12.24
N VAL D 187 4.76 -10.61 -12.72
CA VAL D 187 4.90 -9.33 -12.05
C VAL D 187 3.88 -9.25 -10.92
N GLY D 188 4.15 -8.38 -9.96
CA GLY D 188 3.23 -8.17 -8.86
C GLY D 188 1.85 -7.69 -9.28
N ARG D 189 1.75 -7.15 -10.49
CA ARG D 189 0.46 -6.71 -11.02
C ARG D 189 -0.36 -7.88 -11.59
N SER D 190 0.25 -9.03 -11.81
CA SER D 190 -0.49 -10.19 -12.27
C SER D 190 -1.55 -10.61 -11.26
N SER D 191 -2.72 -10.95 -11.75
CA SER D 191 -3.88 -11.27 -10.93
C SER D 191 -4.15 -12.77 -10.92
N PHE D 192 -4.67 -13.26 -9.82
CA PHE D 192 -5.13 -14.63 -9.69
C PHE D 192 -6.60 -14.63 -9.32
N TYR D 193 -7.39 -15.40 -10.05
CA TYR D 193 -8.82 -15.51 -9.81
C TYR D 193 -9.16 -16.94 -9.43
N CYS D 194 -9.84 -17.11 -8.31
CA CYS D 194 -10.44 -18.37 -7.93
C CYS D 194 -11.91 -18.33 -8.34
N LEU D 195 -12.33 -19.28 -9.17
CA LEU D 195 -13.71 -19.30 -9.61
C LEU D 195 -14.65 -19.86 -8.54
N GLU D 196 -14.10 -20.38 -7.44
CA GLU D 196 -14.95 -20.77 -6.33
C GLU D 196 -15.39 -19.55 -5.52
N TYR D 197 -14.80 -18.39 -5.76
CA TYR D 197 -15.05 -17.19 -5.00
C TYR D 197 -16.19 -16.36 -5.58
N PHE D 198 -16.86 -16.88 -6.53
CA PHE D 198 -18.10 -16.54 -7.21
C PHE D 198 -19.23 -17.45 -6.72
N PRO D 199 -20.37 -16.88 -6.35
CA PRO D 199 -21.53 -17.70 -6.04
C PRO D 199 -22.07 -18.39 -7.29
N SER D 200 -22.41 -19.68 -7.14
CA SER D 200 -22.89 -20.47 -8.26
C SER D 200 -24.02 -21.39 -7.79
N GLN D 201 -24.87 -21.75 -8.73
CA GLN D 201 -25.96 -22.67 -8.47
C GLN D 201 -25.46 -24.11 -8.58
N MET D 202 -25.90 -24.95 -7.65
CA MET D 202 -25.49 -26.35 -7.58
C MET D 202 -26.66 -27.22 -8.00
N LEU D 203 -26.41 -28.16 -8.92
CA LEU D 203 -27.47 -28.91 -9.56
C LEU D 203 -27.24 -30.40 -9.36
N ARG D 204 -28.23 -31.08 -8.78
CA ARG D 204 -28.28 -32.53 -8.82
C ARG D 204 -29.00 -32.99 -10.08
N THR D 205 -29.27 -34.29 -10.17
CA THR D 205 -29.72 -34.87 -11.43
C THR D 205 -31.09 -34.36 -11.89
N GLY D 206 -31.92 -33.88 -10.97
CA GLY D 206 -33.23 -33.38 -11.35
C GLY D 206 -33.32 -31.88 -11.54
N ASN D 207 -32.29 -31.14 -11.15
CA ASN D 207 -32.27 -29.69 -11.25
C ASN D 207 -31.92 -29.25 -12.66
N ASN D 208 -32.36 -28.04 -13.01
CA ASN D 208 -31.99 -27.42 -14.28
C ASN D 208 -31.51 -26.00 -14.04
N PHE D 209 -30.94 -25.41 -15.08
CA PHE D 209 -30.35 -24.07 -15.03
C PHE D 209 -30.76 -23.31 -16.29
N GLN D 210 -31.22 -22.08 -16.10
CA GLN D 210 -31.64 -21.26 -17.24
C GLN D 210 -31.40 -19.80 -16.92
N PHE D 211 -31.08 -19.03 -17.95
CA PHE D 211 -30.98 -17.58 -17.82
C PHE D 211 -31.21 -16.96 -19.19
N SER D 212 -31.52 -15.67 -19.19
CA SER D 212 -31.73 -14.94 -20.43
C SER D 212 -30.73 -13.79 -20.51
N TYR D 213 -30.53 -13.31 -21.73
CA TYR D 213 -29.54 -12.27 -22.02
C TYR D 213 -30.03 -11.40 -23.15
N GLU D 214 -29.68 -10.12 -23.09
CA GLU D 214 -30.05 -9.15 -24.13
C GLU D 214 -28.77 -8.65 -24.79
N PHE D 215 -28.65 -8.90 -26.09
CA PHE D 215 -27.58 -8.28 -26.86
C PHE D 215 -27.74 -6.78 -26.89
N GLU D 216 -26.66 -6.06 -26.58
CA GLU D 216 -26.69 -4.61 -26.65
C GLU D 216 -26.70 -4.17 -28.10
N ASN D 217 -27.18 -2.95 -28.32
CA ASN D 217 -27.41 -2.46 -29.67
C ASN D 217 -26.13 -2.51 -30.49
N VAL D 218 -26.20 -3.18 -31.64
CA VAL D 218 -25.06 -3.33 -32.54
C VAL D 218 -25.53 -2.97 -33.95
N PRO D 219 -24.60 -2.54 -34.80
CA PRO D 219 -24.97 -2.34 -36.21
C PRO D 219 -25.19 -3.67 -36.91
N PHE D 220 -26.09 -3.67 -37.89
CA PHE D 220 -26.32 -4.85 -38.70
C PHE D 220 -25.04 -5.27 -39.39
N HIS D 221 -24.80 -6.57 -39.46
CA HIS D 221 -23.65 -7.04 -40.20
C HIS D 221 -24.10 -6.98 -41.65
N SER D 222 -23.23 -6.49 -42.54
CA SER D 222 -23.59 -6.40 -43.94
C SER D 222 -23.36 -7.71 -44.65
N SER D 223 -24.38 -8.21 -45.33
CA SER D 223 -24.25 -9.45 -46.07
C SER D 223 -24.75 -9.18 -47.47
N TYR D 224 -24.01 -8.33 -48.16
CA TYR D 224 -24.30 -7.91 -49.51
C TYR D 224 -22.99 -7.41 -50.13
N ALA D 225 -22.97 -7.31 -51.45
CA ALA D 225 -21.77 -6.82 -52.14
C ALA D 225 -22.11 -5.61 -52.99
N HIS D 226 -21.18 -4.65 -53.07
CA HIS D 226 -21.40 -3.45 -53.85
C HIS D 226 -21.26 -3.65 -55.35
N SER D 227 -22.20 -3.07 -56.10
CA SER D 227 -22.09 -3.06 -57.55
C SER D 227 -21.15 -1.99 -58.05
N GLN D 228 -21.18 -0.81 -57.44
CA GLN D 228 -20.28 0.28 -57.79
C GLN D 228 -18.98 0.14 -57.02
N SER D 229 -17.88 0.32 -57.73
CA SER D 229 -16.59 0.56 -57.10
C SER D 229 -16.56 2.00 -56.60
N LEU D 230 -15.66 2.25 -55.65
CA LEU D 230 -15.58 3.58 -55.05
C LEU D 230 -15.20 4.64 -56.07
N ASP D 231 -14.23 4.34 -56.93
CA ASP D 231 -13.71 5.31 -57.89
C ASP D 231 -14.62 5.52 -59.09
N ARG D 232 -15.58 4.63 -59.33
CA ARG D 232 -16.49 4.77 -60.46
C ARG D 232 -17.82 5.40 -60.08
N LEU D 233 -17.97 5.88 -58.86
CA LEU D 233 -19.17 6.61 -58.48
C LEU D 233 -19.38 7.81 -59.39
N ALA D 270 -10.29 8.82 -63.98
CA ALA D 270 -9.12 8.54 -63.16
C ALA D 270 -8.70 9.78 -62.37
N VAL D 271 -8.62 10.92 -63.06
CA VAL D 271 -8.16 12.17 -62.45
C VAL D 271 -9.30 13.01 -61.91
N GLN D 272 -10.53 12.50 -61.92
CA GLN D 272 -11.66 13.28 -61.44
C GLN D 272 -11.52 13.57 -59.95
N GLY D 273 -12.11 14.69 -59.53
CA GLY D 273 -12.22 14.97 -58.12
C GLY D 273 -13.29 14.10 -57.49
N ARG D 274 -12.99 13.56 -56.31
CA ARG D 274 -13.90 12.67 -55.61
C ARG D 274 -14.06 13.11 -54.17
N ASN D 275 -15.23 12.82 -53.59
CA ASN D 275 -15.52 13.19 -52.23
C ASN D 275 -15.09 12.16 -51.19
N TYR D 276 -14.77 10.93 -51.59
CA TYR D 276 -14.45 9.90 -50.62
C TYR D 276 -13.36 8.99 -51.15
N ILE D 277 -12.51 8.55 -50.23
CA ILE D 277 -11.32 7.76 -50.58
C ILE D 277 -11.43 6.39 -49.92
N PRO D 278 -10.70 5.40 -50.43
CA PRO D 278 -10.76 4.06 -49.85
C PRO D 278 -10.14 4.01 -48.46
N GLY D 279 -10.49 2.95 -47.75
CA GLY D 279 -10.13 2.79 -46.36
C GLY D 279 -8.67 2.45 -46.14
N PRO D 280 -8.29 2.24 -44.88
CA PRO D 280 -6.87 2.10 -44.53
C PRO D 280 -6.30 0.76 -44.97
N SER D 281 -4.96 0.71 -45.00
CA SER D 281 -4.24 -0.48 -45.43
C SER D 281 -3.02 -0.72 -44.55
N TYR D 282 -2.68 -1.99 -44.37
CA TYR D 282 -1.42 -2.40 -43.76
C TYR D 282 -0.92 -3.58 -44.60
N ARG D 283 0.15 -3.41 -45.36
CA ARG D 283 0.35 -4.33 -46.49
C ARG D 283 0.73 -5.73 -46.04
N GLN D 284 0.16 -6.72 -46.71
CA GLN D 284 0.48 -8.13 -46.56
C GLN D 284 1.38 -8.60 -47.70
N GLN D 285 2.24 -9.57 -47.40
CA GLN D 285 3.02 -10.23 -48.44
C GLN D 285 2.16 -11.18 -49.26
N ARG D 286 2.37 -11.19 -50.57
CA ARG D 286 1.52 -11.92 -51.50
C ARG D 286 2.06 -13.32 -51.72
N VAL D 287 1.23 -14.33 -51.46
CA VAL D 287 1.60 -15.73 -51.61
C VAL D 287 0.72 -16.36 -52.68
N SER D 288 1.32 -17.16 -53.56
CA SER D 288 0.61 -17.79 -54.66
C SER D 288 0.35 -19.26 -54.35
N THR D 289 -0.83 -19.73 -54.76
CA THR D 289 -1.16 -21.15 -54.58
C THR D 289 -0.57 -22.02 -55.67
N THR D 290 0.10 -21.43 -56.66
CA THR D 290 1.01 -22.19 -57.51
C THR D 290 2.41 -22.05 -56.90
N VAL D 291 2.92 -23.15 -56.34
CA VAL D 291 4.12 -23.05 -55.53
C VAL D 291 5.33 -22.62 -56.35
N THR D 292 5.37 -22.96 -57.64
CA THR D 292 6.51 -22.57 -58.46
C THR D 292 6.62 -21.07 -58.61
N GLN D 293 5.49 -20.36 -58.53
CA GLN D 293 5.53 -18.91 -58.66
C GLN D 293 6.15 -18.23 -57.44
N ASN D 294 6.10 -18.85 -56.28
CA ASN D 294 6.67 -18.24 -55.08
C ASN D 294 8.19 -18.41 -55.00
N ASN D 295 8.84 -17.48 -54.28
CA ASN D 295 10.30 -17.52 -54.11
C ASN D 295 10.70 -18.76 -53.32
N ASN D 296 11.84 -19.35 -53.70
CA ASN D 296 12.35 -20.55 -53.05
C ASN D 296 13.15 -20.23 -51.78
N SER D 297 12.43 -19.86 -50.73
CA SER D 297 13.04 -19.55 -49.44
C SER D 297 11.99 -19.68 -48.35
N GLU D 298 12.42 -19.68 -47.10
CA GLU D 298 11.45 -19.74 -46.03
C GLU D 298 11.19 -18.30 -45.65
N PHE D 299 9.96 -17.85 -45.86
CA PHE D 299 9.62 -16.46 -45.60
C PHE D 299 8.29 -16.34 -44.89
N ALA D 300 7.82 -17.45 -44.34
CA ALA D 300 6.54 -17.49 -43.63
C ALA D 300 6.52 -16.52 -42.47
N TRP D 301 7.31 -16.80 -41.42
CA TRP D 301 7.47 -15.81 -40.36
C TRP D 301 8.31 -14.61 -40.80
N PRO D 302 9.51 -14.78 -41.37
CA PRO D 302 10.34 -13.60 -41.66
C PRO D 302 9.66 -12.56 -42.54
N GLY D 303 8.96 -12.98 -43.59
CA GLY D 303 8.34 -12.04 -44.50
C GLY D 303 6.94 -11.64 -44.10
N ALA D 304 6.60 -11.84 -42.82
CA ALA D 304 5.27 -11.59 -42.32
C ALA D 304 5.16 -10.19 -41.73
N SER D 305 3.99 -9.58 -41.91
CA SER D 305 3.66 -8.32 -41.27
C SER D 305 3.29 -8.58 -39.82
N SER D 306 3.80 -7.77 -38.90
CA SER D 306 3.55 -7.98 -37.49
C SER D 306 3.44 -6.64 -36.77
N TRP D 307 2.91 -6.68 -35.55
CA TRP D 307 2.95 -5.54 -34.64
C TRP D 307 3.66 -5.95 -33.35
N ALA D 308 4.26 -4.97 -32.68
CA ALA D 308 5.08 -5.21 -31.50
C ALA D 308 4.45 -4.57 -30.27
N LEU D 309 4.42 -5.31 -29.17
CA LEU D 309 3.87 -4.83 -27.92
C LEU D 309 4.78 -5.27 -26.78
N ASN D 310 5.36 -4.30 -26.07
CA ASN D 310 6.28 -4.58 -24.96
C ASN D 310 7.43 -5.46 -25.41
N GLY D 311 7.92 -5.23 -26.62
CA GLY D 311 9.03 -6.03 -27.12
C GLY D 311 8.69 -7.36 -27.73
N ARG D 312 7.46 -7.84 -27.57
CA ARG D 312 7.01 -9.10 -28.18
C ARG D 312 6.42 -8.81 -29.54
N ASN D 313 6.67 -9.70 -30.50
CA ASN D 313 6.12 -9.59 -31.84
C ASN D 313 4.91 -10.49 -31.97
N SER D 314 3.82 -9.94 -32.46
CA SER D 314 2.62 -10.72 -32.75
C SER D 314 2.28 -10.52 -34.22
N LEU D 315 2.02 -11.63 -34.90
CA LEU D 315 1.64 -11.61 -36.30
C LEU D 315 0.42 -10.73 -36.49
N MET D 316 0.34 -10.04 -37.63
CA MET D 316 -0.86 -9.27 -37.91
C MET D 316 -1.81 -10.23 -38.63
N ASN D 317 -2.79 -10.73 -37.88
CA ASN D 317 -3.70 -11.72 -38.39
C ASN D 317 -5.08 -11.55 -37.77
N PRO D 318 -6.14 -11.61 -38.59
CA PRO D 318 -6.06 -11.41 -40.03
C PRO D 318 -5.68 -9.98 -40.38
N GLY D 319 -5.84 -9.07 -39.43
CA GLY D 319 -5.51 -7.68 -39.62
C GLY D 319 -6.70 -6.89 -40.13
N PRO D 320 -6.43 -5.69 -40.63
CA PRO D 320 -7.52 -4.87 -41.17
C PRO D 320 -8.12 -5.49 -42.42
N ALA D 321 -9.43 -5.36 -42.56
CA ALA D 321 -10.14 -5.94 -43.69
C ALA D 321 -9.66 -5.29 -44.98
N MET D 322 -9.19 -6.10 -45.92
CA MET D 322 -8.66 -5.64 -47.19
C MET D 322 -8.95 -6.68 -48.27
N ALA D 323 -9.17 -6.21 -49.49
CA ALA D 323 -9.38 -7.11 -50.61
C ALA D 323 -8.22 -8.09 -50.74
N SER D 324 -8.55 -9.36 -50.97
CA SER D 324 -7.55 -10.42 -50.91
C SER D 324 -6.65 -10.44 -52.13
N HIS D 325 -7.19 -10.13 -53.30
CA HIS D 325 -6.42 -10.26 -54.53
C HIS D 325 -7.02 -9.35 -55.59
N LYS D 326 -6.21 -9.01 -56.58
CA LYS D 326 -6.68 -8.14 -57.66
C LYS D 326 -7.61 -8.91 -58.58
N GLU D 327 -8.55 -8.18 -59.18
CA GLU D 327 -9.49 -8.78 -60.13
C GLU D 327 -8.73 -9.45 -61.26
N GLY D 328 -9.03 -10.72 -61.48
CA GLY D 328 -8.34 -11.52 -62.46
C GLY D 328 -7.28 -12.44 -61.90
N GLU D 329 -6.80 -12.19 -60.69
CA GLU D 329 -5.83 -13.06 -60.03
C GLU D 329 -6.53 -13.62 -58.79
N ASP D 330 -6.95 -14.88 -58.84
CA ASP D 330 -7.47 -15.56 -57.67
C ASP D 330 -6.47 -16.52 -57.04
N ARG D 331 -5.29 -16.67 -57.62
CA ARG D 331 -4.29 -17.60 -57.10
C ARG D 331 -3.44 -17.00 -55.99
N PHE D 332 -3.62 -15.72 -55.69
CA PHE D 332 -2.85 -15.04 -54.67
C PHE D 332 -3.71 -14.80 -53.43
N PHE D 333 -3.08 -14.90 -52.27
CA PHE D 333 -3.76 -14.62 -51.00
C PHE D 333 -2.78 -13.93 -50.05
N PRO D 334 -3.28 -13.04 -49.19
CA PRO D 334 -2.41 -12.36 -48.21
C PRO D 334 -1.84 -13.41 -47.29
N LEU D 335 -0.56 -13.32 -46.92
CA LEU D 335 0.05 -14.37 -46.11
C LEU D 335 -0.64 -14.57 -44.77
N SER D 336 -0.94 -13.48 -44.08
CA SER D 336 -1.65 -13.58 -42.80
C SER D 336 -2.92 -12.74 -42.84
N GLY D 337 -3.33 -12.36 -44.05
CA GLY D 337 -4.48 -11.52 -44.25
C GLY D 337 -5.83 -12.18 -44.35
N SER D 338 -5.89 -13.50 -44.23
CA SER D 338 -7.18 -14.18 -44.34
C SER D 338 -7.44 -15.34 -43.38
N LEU D 339 -8.71 -15.54 -43.09
CA LEU D 339 -9.18 -16.64 -42.25
C LEU D 339 -9.04 -17.95 -43.00
N ILE D 340 -8.52 -18.96 -42.32
CA ILE D 340 -8.23 -20.25 -42.94
C ILE D 340 -8.78 -21.35 -42.03
N PHE D 341 -9.57 -22.24 -42.60
CA PHE D 341 -10.25 -23.29 -41.86
C PHE D 341 -9.71 -24.64 -42.27
N GLY D 342 -9.83 -25.61 -41.38
CA GLY D 342 -9.52 -26.98 -41.71
C GLY D 342 -10.71 -27.68 -42.37
N LYS D 343 -10.40 -28.56 -43.30
CA LYS D 343 -11.41 -29.49 -43.75
C LYS D 343 -11.65 -30.54 -42.66
N GLN D 344 -12.78 -31.23 -42.76
CA GLN D 344 -13.11 -32.25 -41.79
C GLN D 344 -11.98 -33.27 -41.70
N GLY D 345 -11.46 -33.48 -40.49
CA GLY D 345 -10.38 -34.40 -40.27
C GLY D 345 -9.02 -33.90 -40.68
N THR D 346 -8.82 -32.58 -40.79
CA THR D 346 -7.52 -32.03 -41.12
C THR D 346 -6.56 -32.20 -39.95
N GLY D 347 -5.33 -32.59 -40.27
CA GLY D 347 -4.30 -32.72 -39.26
C GLY D 347 -3.98 -31.40 -38.58
N ARG D 348 -3.27 -31.52 -37.46
CA ARG D 348 -2.92 -30.35 -36.67
C ARG D 348 -1.68 -29.63 -37.17
N ASP D 349 -0.70 -30.36 -37.72
CA ASP D 349 0.62 -29.78 -37.95
C ASP D 349 1.12 -30.03 -39.36
N ASN D 350 1.48 -28.95 -40.06
CA ASN D 350 2.13 -29.00 -41.37
C ASN D 350 1.30 -29.79 -42.39
N VAL D 351 0.08 -29.36 -42.58
CA VAL D 351 -0.85 -29.96 -43.53
C VAL D 351 -0.71 -29.26 -44.87
N ASP D 352 -0.91 -30.01 -45.94
CA ASP D 352 -0.75 -29.41 -47.26
C ASP D 352 -1.89 -28.44 -47.53
N ALA D 353 -1.80 -27.76 -48.67
CA ALA D 353 -2.69 -26.63 -48.92
C ALA D 353 -4.10 -27.09 -49.29
N ASP D 354 -4.29 -28.37 -49.61
CA ASP D 354 -5.63 -28.84 -49.93
C ASP D 354 -6.35 -29.42 -48.74
N LYS D 355 -5.71 -29.48 -47.57
CA LYS D 355 -6.40 -29.81 -46.34
C LYS D 355 -7.04 -28.59 -45.68
N VAL D 356 -6.79 -27.39 -46.22
CA VAL D 356 -7.25 -26.16 -45.64
C VAL D 356 -8.13 -25.43 -46.65
N MET D 357 -8.98 -24.56 -46.13
CA MET D 357 -9.89 -23.75 -46.94
C MET D 357 -9.57 -22.29 -46.69
N ILE D 358 -9.04 -21.62 -47.70
CA ILE D 358 -8.61 -20.23 -47.56
C ILE D 358 -9.74 -19.33 -48.01
N THR D 359 -10.31 -18.60 -47.06
CA THR D 359 -11.33 -17.60 -47.38
C THR D 359 -10.70 -16.41 -48.10
N ASN D 360 -11.55 -15.65 -48.79
CA ASN D 360 -11.10 -14.47 -49.50
C ASN D 360 -12.12 -13.35 -49.35
N GLU D 361 -11.62 -12.13 -49.33
CA GLU D 361 -12.44 -10.94 -49.13
C GLU D 361 -12.83 -10.25 -50.44
N GLU D 362 -12.60 -10.88 -51.59
CA GLU D 362 -12.64 -10.19 -52.87
C GLU D 362 -13.90 -9.35 -53.10
N GLU D 363 -14.99 -9.62 -52.38
CA GLU D 363 -16.17 -8.77 -52.52
C GLU D 363 -15.90 -7.31 -52.15
N ILE D 364 -15.00 -7.05 -51.22
CA ILE D 364 -14.89 -5.72 -50.61
C ILE D 364 -13.93 -4.84 -51.38
N LYS D 365 -13.41 -5.35 -52.49
CA LYS D 365 -12.47 -4.57 -53.30
C LYS D 365 -13.10 -3.30 -53.86
N THR D 366 -14.41 -3.14 -53.74
CA THR D 366 -15.04 -1.90 -54.18
C THR D 366 -14.68 -0.74 -53.27
N THR D 367 -14.77 -0.92 -51.96
CA THR D 367 -14.37 0.12 -51.03
C THR D 367 -12.99 -0.06 -50.43
N ASN D 368 -12.32 -1.17 -50.68
CA ASN D 368 -11.13 -1.45 -49.88
C ASN D 368 -9.93 -1.77 -50.76
N PRO D 369 -8.73 -1.37 -50.34
CA PRO D 369 -7.54 -1.69 -51.12
C PRO D 369 -7.21 -3.18 -51.08
N VAL D 370 -6.43 -3.62 -52.07
CA VAL D 370 -5.92 -4.97 -52.06
C VAL D 370 -4.89 -5.12 -50.95
N ALA D 371 -4.95 -6.23 -50.22
CA ALA D 371 -4.11 -6.41 -49.05
C ALA D 371 -2.63 -6.52 -49.41
N THR D 372 -2.33 -6.97 -50.62
CA THR D 372 -0.95 -7.18 -51.05
C THR D 372 -0.39 -6.02 -51.87
N GLU D 373 -1.16 -4.94 -52.03
CA GLU D 373 -0.76 -3.80 -52.84
C GLU D 373 -0.51 -2.59 -51.93
N SER D 374 0.30 -1.66 -52.41
CA SER D 374 0.44 -0.39 -51.72
C SER D 374 -0.87 0.37 -51.76
N TYR D 375 -1.04 1.26 -50.78
CA TYR D 375 -2.23 2.09 -50.76
C TYR D 375 -2.22 3.09 -51.90
N GLY D 376 -1.05 3.63 -52.21
CA GLY D 376 -0.94 4.68 -53.22
C GLY D 376 0.43 5.33 -53.16
N GLN D 377 0.51 6.54 -53.72
CA GLN D 377 1.76 7.27 -53.81
C GLN D 377 1.64 8.63 -53.15
N VAL D 378 2.77 9.13 -52.65
CA VAL D 378 2.88 10.46 -52.07
C VAL D 378 4.15 11.11 -52.61
N ALA D 379 4.14 12.44 -52.64
CA ALA D 379 5.30 13.20 -53.08
C ALA D 379 6.34 13.26 -51.98
N THR D 380 7.57 12.90 -52.29
CA THR D 380 8.64 12.90 -51.31
C THR D 380 9.59 14.11 -51.37
N ASN D 381 9.35 15.08 -52.25
CA ASN D 381 10.26 16.21 -52.33
C ASN D 381 9.54 17.43 -52.90
N HIS D 382 10.27 18.53 -53.01
CA HIS D 382 9.84 19.73 -53.73
C HIS D 382 10.59 19.79 -55.06
N GLN D 383 9.84 19.71 -56.15
CA GLN D 383 10.44 19.85 -57.47
C GLN D 383 10.91 21.28 -57.69
N SER D 384 11.83 21.43 -58.63
CA SER D 384 12.31 22.74 -59.07
C SER D 384 13.02 22.53 -60.40
N ALA D 385 13.56 23.62 -60.95
CA ALA D 385 14.32 23.49 -62.19
C ALA D 385 15.52 22.57 -62.03
N GLN D 386 16.03 22.43 -60.82
CA GLN D 386 17.17 21.57 -60.55
C GLN D 386 16.80 20.19 -60.01
N ALA D 387 15.53 19.93 -59.75
CA ALA D 387 15.12 18.68 -59.11
C ALA D 387 13.83 18.16 -59.73
N GLN D 388 13.86 16.90 -60.17
CA GLN D 388 12.66 16.25 -60.68
C GLN D 388 11.71 15.89 -59.55
N ALA D 389 10.45 15.66 -59.92
CA ALA D 389 9.46 15.25 -58.94
C ALA D 389 9.68 13.80 -58.53
N GLN D 390 9.58 13.55 -57.22
CA GLN D 390 9.78 12.23 -56.66
C GLN D 390 8.53 11.79 -55.91
N THR D 391 8.19 10.51 -56.05
CA THR D 391 7.09 9.91 -55.30
C THR D 391 7.60 8.69 -54.55
N GLY D 392 6.80 8.23 -53.60
CA GLY D 392 7.12 7.04 -52.85
C GLY D 392 5.86 6.29 -52.49
N TRP D 393 6.04 5.02 -52.14
CA TRP D 393 4.92 4.11 -51.95
C TRP D 393 4.43 4.13 -50.51
N VAL D 394 3.11 4.14 -50.34
CA VAL D 394 2.49 4.08 -49.04
C VAL D 394 2.19 2.61 -48.73
N GLN D 395 2.93 2.04 -47.79
CA GLN D 395 2.69 0.66 -47.40
C GLN D 395 1.56 0.56 -46.40
N ASN D 396 1.51 1.48 -45.44
CA ASN D 396 0.48 1.49 -44.42
C ASN D 396 -0.10 2.90 -44.32
N GLN D 397 -1.41 2.97 -44.16
CA GLN D 397 -2.10 4.25 -44.06
C GLN D 397 -3.14 4.17 -42.97
N GLY D 398 -3.12 5.13 -42.06
CA GLY D 398 -4.14 5.22 -41.03
C GLY D 398 -5.41 5.83 -41.55
N ILE D 399 -6.39 5.95 -40.66
CA ILE D 399 -7.65 6.59 -41.00
C ILE D 399 -7.39 8.04 -41.41
N LEU D 400 -8.08 8.45 -42.47
CA LEU D 400 -8.14 9.83 -42.95
C LEU D 400 -9.59 10.27 -43.01
N PRO D 401 -9.86 11.57 -42.89
CA PRO D 401 -11.22 12.05 -43.16
C PRO D 401 -11.60 11.77 -44.61
N GLY D 402 -12.77 11.18 -44.79
CA GLY D 402 -13.25 10.82 -46.10
C GLY D 402 -13.06 9.37 -46.47
N MET D 403 -12.72 8.51 -45.52
CA MET D 403 -12.61 7.09 -45.79
C MET D 403 -13.93 6.38 -45.56
N VAL D 404 -14.26 5.51 -46.49
CA VAL D 404 -15.38 4.58 -46.36
C VAL D 404 -14.83 3.19 -46.62
N TRP D 405 -15.29 2.23 -45.84
CA TRP D 405 -14.78 0.87 -45.96
C TRP D 405 -15.84 -0.11 -45.46
N GLN D 406 -15.63 -1.37 -45.79
CA GLN D 406 -16.46 -2.47 -45.33
C GLN D 406 -15.68 -3.31 -44.32
N ASP D 407 -16.41 -3.96 -43.43
CA ASP D 407 -15.81 -4.85 -42.46
C ASP D 407 -15.62 -6.23 -43.06
N ARG D 408 -15.03 -7.14 -42.29
CA ARG D 408 -14.75 -8.46 -42.79
C ARG D 408 -16.00 -9.33 -42.75
N ASP D 409 -16.16 -10.17 -43.77
CA ASP D 409 -17.32 -11.02 -43.92
C ASP D 409 -17.35 -12.07 -42.83
N VAL D 410 -18.51 -12.66 -42.60
CA VAL D 410 -18.68 -13.71 -41.62
C VAL D 410 -19.00 -15.01 -42.34
N TYR D 411 -18.74 -16.13 -41.68
CA TYR D 411 -18.87 -17.44 -42.29
C TYR D 411 -19.63 -18.38 -41.38
N LEU D 412 -20.23 -19.39 -42.00
CA LEU D 412 -20.91 -20.45 -41.23
C LEU D 412 -19.97 -21.07 -40.21
N GLN D 413 -18.69 -21.20 -40.57
CA GLN D 413 -17.68 -21.77 -39.69
C GLN D 413 -17.07 -20.75 -38.73
N GLY D 414 -17.48 -19.48 -38.79
CA GLY D 414 -16.76 -18.43 -38.10
C GLY D 414 -17.41 -17.96 -36.82
N PRO D 415 -16.69 -17.11 -36.08
CA PRO D 415 -17.22 -16.61 -34.81
C PRO D 415 -18.33 -15.59 -35.01
N ILE D 416 -19.05 -15.32 -33.92
CA ILE D 416 -20.16 -14.37 -33.96
C ILE D 416 -19.75 -13.06 -33.30
N TRP D 417 -19.43 -13.08 -32.02
CA TRP D 417 -19.14 -11.86 -31.27
C TRP D 417 -17.74 -11.92 -30.66
N ALA D 418 -17.28 -10.75 -30.22
CA ALA D 418 -16.08 -10.63 -29.41
C ALA D 418 -16.27 -9.51 -28.40
N LYS D 419 -15.55 -9.58 -27.29
CA LYS D 419 -15.65 -8.60 -26.23
C LYS D 419 -14.70 -7.44 -26.50
N ILE D 420 -15.26 -6.25 -26.63
CA ILE D 420 -14.43 -5.04 -26.77
C ILE D 420 -13.60 -4.87 -25.51
N PRO D 421 -12.27 -4.83 -25.61
CA PRO D 421 -11.45 -4.62 -24.41
C PRO D 421 -11.81 -3.33 -23.73
N HIS D 422 -11.85 -3.35 -22.40
CA HIS D 422 -12.21 -2.17 -21.63
C HIS D 422 -11.01 -1.24 -21.61
N THR D 423 -11.15 -0.07 -22.22
CA THR D 423 -10.02 0.82 -22.46
C THR D 423 -10.52 2.26 -22.51
N ASP D 424 -9.57 3.18 -22.42
CA ASP D 424 -9.87 4.61 -22.55
C ASP D 424 -10.45 4.91 -23.91
N GLY D 425 -9.87 4.35 -24.97
CA GLY D 425 -10.32 4.65 -26.31
C GLY D 425 -10.13 3.47 -27.24
N ASN D 426 -10.91 3.51 -28.31
CA ASN D 426 -10.85 2.51 -29.37
C ASN D 426 -11.38 3.18 -30.63
N PHE D 427 -11.17 2.54 -31.77
CA PHE D 427 -11.75 3.03 -33.00
C PHE D 427 -12.37 1.88 -33.77
N HIS D 428 -13.61 2.08 -34.23
CA HIS D 428 -14.39 1.14 -35.01
C HIS D 428 -14.31 -0.23 -34.35
N PRO D 429 -14.92 -0.41 -33.20
CA PRO D 429 -14.68 -1.57 -32.35
C PRO D 429 -14.98 -2.93 -32.99
N SER D 430 -15.58 -2.94 -34.17
CA SER D 430 -15.89 -4.20 -34.85
C SER D 430 -14.65 -5.10 -34.91
N PRO D 431 -14.74 -6.33 -34.40
CA PRO D 431 -13.54 -7.16 -34.28
C PRO D 431 -12.99 -7.57 -35.64
N LEU D 432 -11.68 -7.81 -35.66
CA LEU D 432 -10.98 -7.96 -36.93
C LEU D 432 -11.13 -9.35 -37.53
N MET D 433 -11.51 -10.34 -36.74
CA MET D 433 -11.79 -11.66 -37.31
C MET D 433 -13.22 -11.77 -37.82
N GLY D 434 -14.03 -10.74 -37.63
CA GLY D 434 -15.39 -10.70 -38.12
C GLY D 434 -16.40 -10.84 -36.99
N GLY D 435 -17.59 -10.34 -37.25
CA GLY D 435 -18.66 -10.40 -36.28
C GLY D 435 -18.91 -9.12 -35.51
N PHE D 436 -19.55 -9.28 -34.37
CA PHE D 436 -20.15 -8.18 -33.62
C PHE D 436 -19.34 -7.91 -32.35
N GLY D 437 -18.66 -6.76 -32.31
CA GLY D 437 -17.94 -6.38 -31.12
C GLY D 437 -18.86 -5.75 -30.09
N MET D 438 -18.61 -6.08 -28.82
CA MET D 438 -19.54 -5.73 -27.76
C MET D 438 -18.75 -5.46 -26.48
N LYS D 439 -19.21 -4.46 -25.73
CA LYS D 439 -18.66 -4.22 -24.40
C LYS D 439 -19.21 -5.21 -23.39
N HIS D 440 -20.43 -5.70 -23.59
CA HIS D 440 -21.05 -6.68 -22.71
C HIS D 440 -21.53 -7.84 -23.57
N PRO D 441 -20.62 -8.68 -24.04
CA PRO D 441 -21.02 -9.81 -24.87
C PRO D 441 -21.79 -10.83 -24.04
N PRO D 442 -22.30 -11.90 -24.66
CA PRO D 442 -22.93 -12.97 -23.87
C PRO D 442 -21.98 -13.47 -22.80
N PRO D 443 -22.45 -13.56 -21.55
CA PRO D 443 -21.54 -13.84 -20.45
C PRO D 443 -21.01 -15.26 -20.48
N GLN D 444 -19.76 -15.40 -20.07
CA GLN D 444 -19.16 -16.72 -19.92
C GLN D 444 -19.98 -17.57 -18.95
N ILE D 445 -20.17 -18.82 -19.32
CA ILE D 445 -20.93 -19.78 -18.53
C ILE D 445 -19.94 -20.83 -18.05
N LEU D 446 -19.67 -20.84 -16.75
CA LEU D 446 -18.64 -21.69 -16.18
C LEU D 446 -19.30 -22.88 -15.49
N ILE D 447 -18.67 -24.05 -15.61
CA ILE D 447 -19.24 -25.29 -15.09
C ILE D 447 -18.11 -26.19 -14.61
N LYS D 448 -18.35 -26.91 -13.51
CA LYS D 448 -17.46 -27.97 -13.10
C LYS D 448 -18.24 -28.96 -12.24
N ASN D 449 -17.67 -30.15 -12.09
CA ASN D 449 -18.22 -31.15 -11.19
C ASN D 449 -17.75 -30.87 -9.77
N THR D 450 -18.66 -30.94 -8.82
CA THR D 450 -18.29 -30.79 -7.43
C THR D 450 -17.39 -31.95 -7.03
N PRO D 451 -16.27 -31.70 -6.36
CA PRO D 451 -15.43 -32.81 -5.91
C PRO D 451 -16.12 -33.61 -4.81
N VAL D 452 -16.08 -34.93 -4.97
CA VAL D 452 -16.56 -35.85 -3.94
C VAL D 452 -15.37 -36.64 -3.43
N PRO D 453 -14.89 -36.39 -2.22
CA PRO D 453 -13.67 -37.04 -1.75
C PRO D 453 -13.90 -38.51 -1.44
N ALA D 454 -12.79 -39.26 -1.42
CA ALA D 454 -12.81 -40.64 -0.99
C ALA D 454 -12.79 -40.70 0.53
N ASP D 455 -12.58 -41.90 1.06
CA ASP D 455 -12.64 -42.09 2.50
C ASP D 455 -11.50 -41.37 3.20
N PRO D 456 -11.80 -40.57 4.23
CA PRO D 456 -10.75 -39.88 4.99
C PRO D 456 -9.96 -40.84 5.86
N PRO D 457 -8.80 -40.41 6.36
CA PRO D 457 -7.90 -41.35 7.06
C PRO D 457 -8.40 -41.92 8.38
N THR D 458 -9.48 -41.37 8.96
CA THR D 458 -10.08 -41.74 10.27
C THR D 458 -9.29 -41.14 11.43
N ALA D 459 -8.06 -40.69 11.21
CA ALA D 459 -7.35 -39.86 12.16
C ALA D 459 -7.19 -38.49 11.52
N PHE D 460 -7.58 -37.44 12.23
CA PHE D 460 -7.61 -36.11 11.64
C PHE D 460 -6.24 -35.69 11.13
N ASN D 461 -6.21 -35.18 9.91
CA ASN D 461 -4.99 -34.69 9.30
C ASN D 461 -5.20 -33.25 8.88
N LYS D 462 -4.18 -32.42 9.10
CA LYS D 462 -4.25 -31.00 8.76
C LYS D 462 -4.42 -30.80 7.26
N ASP D 463 -3.90 -31.71 6.46
CA ASP D 463 -3.79 -31.49 5.01
C ASP D 463 -5.15 -31.53 4.34
N LYS D 464 -5.25 -30.82 3.22
CA LYS D 464 -6.43 -30.95 2.38
C LYS D 464 -6.45 -32.34 1.75
N LEU D 465 -7.63 -32.76 1.33
CA LEU D 465 -7.79 -34.12 0.82
C LEU D 465 -7.47 -34.17 -0.66
N ASN D 466 -6.49 -35.00 -1.02
CA ASN D 466 -6.10 -35.19 -2.41
C ASN D 466 -6.64 -36.45 -3.07
N SER D 467 -7.47 -37.25 -2.39
CA SER D 467 -8.04 -38.46 -3.00
C SER D 467 -9.52 -38.28 -3.25
N PHE D 468 -9.97 -38.56 -4.46
CA PHE D 468 -11.33 -38.30 -4.89
C PHE D 468 -11.87 -39.46 -5.70
N ILE D 469 -13.20 -39.54 -5.79
CA ILE D 469 -13.86 -40.56 -6.60
C ILE D 469 -13.82 -40.13 -8.05
N THR D 470 -13.37 -41.03 -8.93
CA THR D 470 -13.27 -40.71 -10.35
C THR D 470 -14.66 -40.53 -10.94
N GLN D 471 -14.90 -39.37 -11.52
CA GLN D 471 -16.28 -38.93 -11.73
C GLN D 471 -16.34 -37.97 -12.91
N TYR D 472 -17.50 -37.96 -13.56
CA TYR D 472 -17.74 -37.04 -14.67
C TYR D 472 -19.24 -36.86 -14.79
N SER D 473 -19.65 -35.83 -15.52
CA SER D 473 -21.07 -35.58 -15.71
C SER D 473 -21.38 -35.38 -17.18
N THR D 474 -22.66 -35.59 -17.52
CA THR D 474 -23.15 -35.41 -18.87
C THR D 474 -24.55 -34.82 -18.77
N GLY D 475 -25.00 -34.21 -19.86
CA GLY D 475 -26.31 -33.60 -19.84
C GLY D 475 -26.67 -33.02 -21.18
N GLN D 476 -27.69 -32.16 -21.17
CA GLN D 476 -28.21 -31.52 -22.37
C GLN D 476 -28.15 -30.01 -22.21
N VAL D 477 -27.68 -29.34 -23.25
CA VAL D 477 -27.69 -27.88 -23.31
C VAL D 477 -28.56 -27.45 -24.47
N SER D 478 -29.41 -26.48 -24.23
CA SER D 478 -30.11 -25.78 -25.29
C SER D 478 -29.72 -24.31 -25.26
N VAL D 479 -29.53 -23.73 -26.43
CA VAL D 479 -29.24 -22.32 -26.59
C VAL D 479 -30.15 -21.76 -27.67
N GLU D 480 -30.75 -20.60 -27.40
CA GLU D 480 -31.74 -20.00 -28.28
C GLU D 480 -31.41 -18.53 -28.45
N ILE D 481 -31.33 -18.08 -29.69
CA ILE D 481 -31.00 -16.70 -30.03
C ILE D 481 -32.07 -16.16 -30.96
N GLU D 482 -32.57 -14.97 -30.66
CA GLU D 482 -33.38 -14.21 -31.60
C GLU D 482 -32.46 -13.33 -32.45
N TRP D 483 -32.65 -13.42 -33.76
CA TRP D 483 -31.90 -12.61 -34.72
C TRP D 483 -32.85 -11.60 -35.37
N GLU D 484 -32.30 -10.46 -35.77
CA GLU D 484 -33.06 -9.45 -36.47
C GLU D 484 -32.45 -9.21 -37.83
N LEU D 485 -33.18 -9.61 -38.88
CA LEU D 485 -32.72 -9.52 -40.25
C LEU D 485 -32.91 -8.11 -40.79
N GLN D 486 -32.11 -7.76 -41.79
CA GLN D 486 -32.35 -6.56 -42.58
C GLN D 486 -32.34 -6.92 -44.06
N VAL E 218 -27.03 18.01 -39.90
CA VAL E 218 -25.59 18.12 -40.14
C VAL E 218 -25.06 19.29 -39.33
N PRO E 219 -23.75 19.35 -39.10
CA PRO E 219 -23.19 20.51 -38.41
C PRO E 219 -23.17 21.74 -39.30
N PHE E 220 -23.20 22.90 -38.66
CA PHE E 220 -22.99 24.15 -39.38
C PHE E 220 -21.65 24.09 -40.10
N HIS E 221 -21.65 24.48 -41.36
CA HIS E 221 -20.40 24.53 -42.07
C HIS E 221 -19.67 25.71 -41.44
N SER E 222 -18.39 25.55 -41.11
CA SER E 222 -17.68 26.66 -40.51
C SER E 222 -17.27 27.62 -41.59
N SER E 223 -17.65 28.88 -41.45
CA SER E 223 -17.31 29.88 -42.44
C SER E 223 -16.64 30.98 -41.66
N TYR E 224 -15.47 30.64 -41.17
CA TYR E 224 -14.65 31.56 -40.40
C TYR E 224 -13.21 31.04 -40.42
N ALA E 225 -12.28 31.93 -40.10
CA ALA E 225 -10.88 31.60 -40.04
C ALA E 225 -10.45 31.84 -38.61
N HIS E 226 -9.56 30.99 -38.11
CA HIS E 226 -9.08 31.15 -36.76
C HIS E 226 -8.08 32.30 -36.65
N SER E 227 -8.19 33.06 -35.57
CA SER E 227 -7.27 34.14 -35.25
C SER E 227 -6.10 33.67 -34.41
N GLN E 228 -6.09 32.39 -34.03
CA GLN E 228 -4.99 31.77 -33.30
C GLN E 228 -4.47 30.58 -34.09
N SER E 229 -3.24 30.20 -33.79
CA SER E 229 -2.61 29.02 -34.39
C SER E 229 -2.45 27.95 -33.32
N LEU E 230 -2.46 26.69 -33.78
CA LEU E 230 -2.47 25.56 -32.87
C LEU E 230 -1.22 25.51 -32.00
N ASP E 231 -0.11 26.06 -32.47
CA ASP E 231 1.13 26.06 -31.71
C ASP E 231 1.33 27.29 -30.84
N ARG E 232 0.55 28.35 -31.04
CA ARG E 232 0.72 29.59 -30.29
C ARG E 232 -0.32 29.80 -29.19
N LEU E 233 -1.12 28.79 -28.86
CA LEU E 233 -2.21 28.93 -27.91
C LEU E 233 -1.77 29.31 -26.49
N MET E 234 -0.48 29.34 -26.21
CA MET E 234 0.03 29.54 -24.87
C MET E 234 -0.14 30.99 -24.40
N ASN E 235 -0.09 31.16 -23.09
CA ASN E 235 0.10 32.47 -22.49
C ASN E 235 1.55 32.89 -22.67
N PRO E 236 1.84 33.94 -23.43
CA PRO E 236 3.24 34.31 -23.71
C PRO E 236 4.01 34.84 -22.51
N LEU E 237 3.34 35.19 -21.42
CA LEU E 237 4.03 35.86 -20.32
C LEU E 237 4.55 34.92 -19.25
N ILE E 238 4.13 33.65 -19.23
CA ILE E 238 4.36 32.77 -18.10
C ILE E 238 5.14 31.54 -18.57
N ASP E 239 5.93 30.98 -17.66
CA ASP E 239 6.59 29.70 -17.91
C ASP E 239 5.62 28.55 -17.70
N GLN E 240 5.91 27.44 -18.38
CA GLN E 240 5.32 26.15 -18.03
C GLN E 240 6.05 25.56 -16.82
N TYR E 241 5.37 24.68 -16.10
CA TYR E 241 6.05 23.93 -15.04
C TYR E 241 6.65 22.64 -15.57
N LEU E 242 6.51 22.39 -16.87
CA LEU E 242 7.16 21.25 -17.51
C LEU E 242 8.59 21.58 -17.92
N TYR E 243 9.42 20.55 -18.01
CA TYR E 243 10.79 20.63 -18.48
C TYR E 243 10.96 19.86 -19.78
N TYR E 244 12.00 20.22 -20.54
CA TYR E 244 12.40 19.50 -21.73
C TYR E 244 13.89 19.25 -21.66
N LEU E 245 14.39 18.40 -22.55
CA LEU E 245 15.80 18.06 -22.54
C LEU E 245 16.50 19.06 -23.43
N SER E 246 17.24 19.98 -22.80
CA SER E 246 17.87 21.07 -23.54
C SER E 246 19.23 20.66 -24.10
N LYS E 247 20.06 20.01 -23.30
CA LYS E 247 21.47 19.86 -23.63
C LYS E 247 21.95 18.45 -23.33
N THR E 248 22.40 17.74 -24.36
CA THR E 248 22.87 16.36 -24.21
C THR E 248 24.40 16.23 -24.11
N ILE E 249 25.17 17.30 -24.26
CA ILE E 249 26.62 17.26 -24.11
C ILE E 249 27.11 18.54 -23.47
N ASN E 250 28.15 18.41 -22.63
CA ASN E 250 28.73 19.58 -21.98
C ASN E 250 29.36 20.53 -22.99
N GLY E 251 29.89 19.99 -24.08
CA GLY E 251 30.56 20.81 -25.07
C GLY E 251 31.47 19.95 -25.91
N SER E 252 32.44 20.62 -26.54
CA SER E 252 33.36 19.92 -27.42
C SER E 252 34.35 19.10 -26.61
N GLY E 253 34.66 17.91 -27.12
CA GLY E 253 35.61 17.02 -26.50
C GLY E 253 35.19 15.59 -26.73
N GLN E 254 35.79 14.70 -25.95
CA GLN E 254 35.40 13.30 -25.88
C GLN E 254 34.70 13.04 -24.55
N ASN E 255 33.73 12.14 -24.58
CA ASN E 255 33.06 11.67 -23.37
C ASN E 255 32.34 12.82 -22.65
N GLN E 256 31.67 13.65 -23.42
CA GLN E 256 31.02 14.85 -22.91
C GLN E 256 29.55 14.65 -22.58
N GLN E 257 29.04 13.42 -22.65
CA GLN E 257 27.62 13.17 -22.46
C GLN E 257 27.12 13.73 -21.14
N THR E 258 25.98 14.41 -21.18
CA THR E 258 25.31 14.87 -19.97
C THR E 258 23.84 15.07 -20.30
N LEU E 259 23.03 15.20 -19.25
CA LEU E 259 21.61 15.52 -19.40
C LEU E 259 21.31 16.81 -18.65
N LYS E 260 20.99 17.86 -19.39
CA LYS E 260 20.53 19.13 -18.83
C LYS E 260 19.08 19.34 -19.22
N PHE E 261 18.33 19.97 -18.34
CA PHE E 261 16.91 20.22 -18.56
C PHE E 261 16.61 21.69 -18.31
N SER E 262 15.76 22.25 -19.15
CA SER E 262 15.35 23.65 -19.03
C SER E 262 13.84 23.73 -18.95
N VAL E 263 13.35 24.79 -18.37
CA VAL E 263 11.93 25.07 -18.37
C VAL E 263 11.49 25.51 -19.76
N ALA E 264 10.36 25.00 -20.21
CA ALA E 264 9.76 25.48 -21.44
C ALA E 264 9.01 26.79 -21.17
N GLY E 265 9.40 27.85 -21.87
CA GLY E 265 8.93 29.17 -21.54
C GLY E 265 8.83 30.07 -22.74
N PRO E 266 8.49 31.34 -22.51
CA PRO E 266 8.24 32.26 -23.63
C PRO E 266 9.39 32.38 -24.61
N SER E 267 10.63 32.21 -24.13
CA SER E 267 11.78 32.40 -25.01
C SER E 267 11.87 31.27 -26.03
N ASN E 268 11.61 30.02 -25.60
CA ASN E 268 11.59 28.90 -26.53
C ASN E 268 10.15 28.35 -26.53
N MET E 269 9.39 28.68 -27.57
CA MET E 269 7.99 28.24 -27.61
C MET E 269 7.85 26.95 -28.40
N ALA E 270 8.89 26.55 -29.12
CA ALA E 270 8.79 25.36 -29.95
C ALA E 270 8.75 24.10 -29.10
N VAL E 271 9.39 24.15 -27.93
CA VAL E 271 9.63 22.92 -27.17
C VAL E 271 8.59 22.70 -26.08
N GLN E 272 7.59 23.57 -26.00
CA GLN E 272 6.63 23.46 -24.91
C GLN E 272 5.68 22.29 -25.10
N GLY E 273 5.18 21.75 -23.99
CA GLY E 273 4.19 20.70 -24.08
C GLY E 273 2.85 21.24 -24.52
N ARG E 274 2.20 20.52 -25.43
CA ARG E 274 0.94 20.95 -26.01
C ARG E 274 -0.07 19.83 -25.94
N ASN E 275 -1.33 20.22 -25.76
CA ASN E 275 -2.44 19.28 -25.64
C ASN E 275 -2.99 18.79 -26.95
N TYR E 276 -2.77 19.50 -28.05
CA TYR E 276 -3.40 19.14 -29.32
C TYR E 276 -2.44 19.37 -30.47
N ILE E 277 -2.56 18.53 -31.48
CA ILE E 277 -1.59 18.48 -32.58
C ILE E 277 -2.36 18.62 -33.88
N PRO E 278 -1.71 19.09 -34.95
CA PRO E 278 -2.42 19.35 -36.20
C PRO E 278 -2.91 18.08 -36.88
N GLY E 279 -3.84 18.29 -37.82
CA GLY E 279 -4.55 17.22 -38.46
C GLY E 279 -3.74 16.40 -39.45
N PRO E 280 -4.38 15.42 -40.07
CA PRO E 280 -3.66 14.47 -40.93
C PRO E 280 -3.30 15.04 -42.29
N SER E 281 -2.27 14.45 -42.88
CA SER E 281 -1.73 14.93 -44.15
C SER E 281 -1.41 13.76 -45.08
N TYR E 282 -1.56 14.01 -46.38
CA TYR E 282 -1.13 13.10 -47.43
C TYR E 282 -0.45 14.01 -48.47
N ARG E 283 0.87 13.91 -48.62
CA ARG E 283 1.58 15.03 -49.23
C ARG E 283 1.28 15.15 -50.73
N GLN E 284 1.14 16.38 -51.20
CA GLN E 284 0.99 16.74 -52.59
C GLN E 284 2.30 17.29 -53.13
N GLN E 285 2.53 17.08 -54.43
CA GLN E 285 3.64 17.76 -55.09
C GLN E 285 3.28 19.21 -55.36
N ARG E 286 4.30 20.07 -55.37
CA ARG E 286 4.12 21.50 -55.36
C ARG E 286 4.39 22.08 -56.75
N VAL E 287 3.53 22.98 -57.20
CA VAL E 287 3.60 23.54 -58.55
C VAL E 287 3.60 25.06 -58.46
N SER E 288 4.62 25.68 -59.04
CA SER E 288 4.74 27.13 -59.05
C SER E 288 4.07 27.72 -60.29
N THR E 289 3.32 28.80 -60.07
CA THR E 289 2.74 29.53 -61.19
C THR E 289 3.77 30.29 -62.00
N THR E 290 5.00 30.42 -61.50
CA THR E 290 6.11 30.92 -62.29
C THR E 290 6.76 29.71 -62.95
N VAL E 291 6.60 29.61 -64.27
CA VAL E 291 6.87 28.34 -64.95
C VAL E 291 8.35 28.00 -64.94
N THR E 292 9.23 29.00 -64.88
CA THR E 292 10.66 28.72 -64.92
C THR E 292 11.17 28.15 -63.61
N GLN E 293 10.38 28.24 -62.55
CA GLN E 293 10.74 27.61 -61.29
C GLN E 293 10.44 26.12 -61.29
N ASN E 294 9.59 25.68 -62.20
CA ASN E 294 9.24 24.28 -62.33
C ASN E 294 10.28 23.51 -63.13
N ASN E 295 10.41 22.22 -62.84
CA ASN E 295 11.38 21.36 -63.53
C ASN E 295 11.01 21.19 -65.00
N ASN E 296 12.01 21.12 -65.88
CA ASN E 296 11.78 20.98 -67.32
C ASN E 296 11.54 19.54 -67.74
N SER E 297 10.40 19.00 -67.31
CA SER E 297 10.01 17.63 -67.62
C SER E 297 8.53 17.50 -67.38
N GLU E 298 7.93 16.42 -67.89
CA GLU E 298 6.51 16.19 -67.69
C GLU E 298 6.38 15.30 -66.46
N PHE E 299 5.64 15.79 -65.47
CA PHE E 299 5.45 15.06 -64.23
C PHE E 299 4.03 15.23 -63.72
N ALA E 300 3.17 15.78 -64.55
CA ALA E 300 1.78 16.01 -64.15
C ALA E 300 1.13 14.72 -63.66
N TRP E 301 1.06 13.70 -64.52
CA TRP E 301 0.69 12.38 -64.02
C TRP E 301 1.79 11.71 -63.21
N PRO E 302 3.06 11.63 -63.67
CA PRO E 302 4.06 10.88 -62.91
C PRO E 302 4.25 11.34 -61.48
N GLY E 303 4.32 12.64 -61.24
CA GLY E 303 4.60 13.16 -59.92
C GLY E 303 3.37 13.38 -59.08
N ALA E 304 2.28 12.67 -59.40
CA ALA E 304 1.00 12.85 -58.76
C ALA E 304 0.83 11.91 -57.57
N SER E 305 0.22 12.42 -56.51
CA SER E 305 -0.20 11.58 -55.40
C SER E 305 -1.51 10.89 -55.75
N SER E 306 -1.57 9.58 -55.50
CA SER E 306 -2.67 8.77 -55.98
C SER E 306 -3.00 7.70 -54.95
N TRP E 307 -4.17 7.10 -55.14
CA TRP E 307 -4.54 5.89 -54.40
C TRP E 307 -4.99 4.83 -55.39
N ALA E 308 -4.99 3.58 -54.92
CA ALA E 308 -5.21 2.43 -55.78
C ALA E 308 -6.39 1.61 -55.27
N LEU E 309 -7.28 1.25 -56.19
CA LEU E 309 -8.43 0.42 -55.86
C LEU E 309 -8.55 -0.66 -56.91
N ASN E 310 -8.38 -1.92 -56.49
CA ASN E 310 -8.45 -3.07 -57.39
C ASN E 310 -7.55 -2.89 -58.61
N GLY E 311 -6.28 -2.54 -58.35
CA GLY E 311 -5.29 -2.41 -59.39
C GLY E 311 -5.52 -1.28 -60.36
N ARG E 312 -6.34 -0.29 -60.02
CA ARG E 312 -6.50 0.91 -60.82
C ARG E 312 -6.13 2.13 -59.99
N ASN E 313 -5.33 3.03 -60.58
CA ASN E 313 -4.88 4.23 -59.90
C ASN E 313 -5.86 5.36 -60.13
N SER E 314 -6.29 5.99 -59.05
CA SER E 314 -7.03 7.24 -59.11
C SER E 314 -6.18 8.35 -58.50
N LEU E 315 -6.16 9.48 -59.18
CA LEU E 315 -5.51 10.66 -58.65
C LEU E 315 -6.13 11.03 -57.31
N MET E 316 -5.32 11.56 -56.39
CA MET E 316 -5.85 11.98 -55.10
C MET E 316 -6.29 13.43 -55.29
N ASN E 317 -7.60 13.61 -55.43
CA ASN E 317 -8.15 14.91 -55.77
C ASN E 317 -9.53 15.06 -55.14
N PRO E 318 -9.80 16.21 -54.50
CA PRO E 318 -8.85 17.24 -54.06
C PRO E 318 -7.94 16.76 -52.92
N GLY E 319 -8.32 15.67 -52.28
CA GLY E 319 -7.53 15.10 -51.21
C GLY E 319 -7.92 15.63 -49.85
N PRO E 320 -7.18 15.23 -48.81
CA PRO E 320 -7.47 15.74 -47.47
C PRO E 320 -7.22 17.23 -47.41
N ALA E 321 -8.03 17.91 -46.59
CA ALA E 321 -7.95 19.36 -46.50
C ALA E 321 -6.64 19.75 -45.83
N MET E 322 -5.84 20.55 -46.52
CA MET E 322 -4.56 21.02 -46.03
C MET E 322 -4.32 22.43 -46.51
N ALA E 323 -3.34 23.10 -45.90
CA ALA E 323 -2.98 24.44 -46.34
C ALA E 323 -2.24 24.37 -47.67
N SER E 324 -2.64 25.24 -48.61
CA SER E 324 -2.09 25.18 -49.96
C SER E 324 -0.63 25.58 -50.01
N HIS E 325 -0.22 26.57 -49.20
CA HIS E 325 1.13 27.09 -49.28
C HIS E 325 1.52 27.67 -47.92
N LYS E 326 2.83 27.78 -47.72
CA LYS E 326 3.33 28.43 -46.52
C LYS E 326 3.08 29.93 -46.60
N GLU E 327 3.13 30.58 -45.44
CA GLU E 327 2.91 32.01 -45.35
C GLU E 327 3.88 32.77 -46.24
N GLY E 328 3.34 33.71 -47.01
CA GLY E 328 4.13 34.59 -47.84
C GLY E 328 4.48 34.03 -49.20
N GLU E 329 4.13 32.79 -49.49
CA GLU E 329 4.40 32.18 -50.78
C GLU E 329 3.05 31.93 -51.44
N ASP E 330 2.69 32.79 -52.39
CA ASP E 330 1.41 32.69 -53.07
C ASP E 330 1.52 32.02 -54.43
N ARG E 331 2.74 31.72 -54.88
CA ARG E 331 2.92 31.22 -56.24
C ARG E 331 2.86 29.70 -56.31
N PHE E 332 2.84 29.01 -55.18
CA PHE E 332 2.81 27.56 -55.16
C PHE E 332 1.42 27.04 -54.83
N PHE E 333 1.01 26.00 -55.55
CA PHE E 333 -0.27 25.35 -55.33
C PHE E 333 -0.07 23.84 -55.46
N PRO E 334 -0.81 23.06 -54.67
CA PRO E 334 -0.69 21.60 -54.71
C PRO E 334 -1.14 21.07 -56.07
N LEU E 335 -0.45 20.05 -56.58
CA LEU E 335 -0.77 19.54 -57.91
C LEU E 335 -2.19 19.03 -58.03
N SER E 336 -2.66 18.28 -57.04
CA SER E 336 -4.02 17.76 -57.04
C SER E 336 -4.81 18.18 -55.79
N GLY E 337 -4.20 19.02 -54.97
CA GLY E 337 -4.83 19.46 -53.73
C GLY E 337 -5.71 20.69 -53.79
N SER E 338 -5.84 21.30 -54.96
CA SER E 338 -6.64 22.52 -55.08
C SER E 338 -7.72 22.51 -56.16
N LEU E 339 -8.95 22.84 -55.77
CA LEU E 339 -10.05 22.99 -56.71
C LEU E 339 -9.68 24.04 -57.74
N ILE E 340 -9.87 23.72 -59.02
CA ILE E 340 -9.48 24.62 -60.08
C ILE E 340 -10.66 24.92 -60.97
N ILE E 358 -8.02 28.99 -59.50
CA ILE E 358 -7.39 28.13 -58.50
C ILE E 358 -7.69 28.63 -57.10
N THR E 359 -8.38 27.81 -56.32
CA THR E 359 -8.68 28.19 -54.94
C THR E 359 -7.46 27.97 -54.07
N ASN E 360 -7.36 28.78 -53.01
CA ASN E 360 -6.34 28.59 -51.99
C ASN E 360 -7.02 28.25 -50.67
N GLU E 361 -6.39 27.34 -49.94
CA GLU E 361 -6.86 26.91 -48.63
C GLU E 361 -6.15 27.57 -47.46
N GLU E 362 -5.34 28.61 -47.71
CA GLU E 362 -4.43 29.12 -46.69
C GLU E 362 -5.12 29.47 -45.37
N GLU E 363 -6.45 29.63 -45.35
CA GLU E 363 -7.11 30.01 -44.12
C GLU E 363 -7.02 28.92 -43.05
N ILE E 364 -6.77 27.68 -43.45
CA ILE E 364 -6.81 26.57 -42.50
C ILE E 364 -5.41 26.22 -41.99
N LYS E 365 -4.41 27.00 -42.41
CA LYS E 365 -3.04 26.71 -41.99
C LYS E 365 -2.84 26.87 -40.49
N THR E 366 -3.84 27.39 -39.78
CA THR E 366 -3.72 27.50 -38.33
C THR E 366 -3.74 26.13 -37.67
N THR E 367 -4.76 25.32 -37.94
CA THR E 367 -4.83 23.98 -37.41
C THR E 367 -4.36 22.89 -38.37
N ASN E 368 -4.22 23.18 -39.67
CA ASN E 368 -3.99 22.14 -40.66
C ASN E 368 -2.58 22.21 -41.23
N PRO E 369 -1.86 21.10 -41.28
CA PRO E 369 -0.54 21.09 -41.94
C PRO E 369 -0.64 21.50 -43.41
N VAL E 370 0.49 21.97 -43.94
CA VAL E 370 0.53 22.43 -45.33
C VAL E 370 0.56 21.22 -46.24
N ALA E 371 -0.12 21.33 -47.39
CA ALA E 371 -0.28 20.20 -48.30
C ALA E 371 1.05 19.72 -48.87
N THR E 372 1.96 20.64 -49.17
CA THR E 372 3.18 20.31 -49.88
C THR E 372 4.36 20.05 -48.96
N GLU E 373 4.15 20.01 -47.65
CA GLU E 373 5.23 19.82 -46.69
C GLU E 373 5.05 18.49 -45.98
N SER E 374 6.16 17.94 -45.49
CA SER E 374 6.08 16.77 -44.63
C SER E 374 5.33 17.12 -43.35
N TYR E 375 4.66 16.11 -42.77
CA TYR E 375 3.93 16.35 -41.54
C TYR E 375 4.88 16.62 -40.39
N GLY E 376 6.06 16.01 -40.42
CA GLY E 376 7.04 16.21 -39.37
C GLY E 376 8.18 15.24 -39.52
N GLN E 377 8.88 15.01 -38.41
CA GLN E 377 9.98 14.06 -38.34
C GLN E 377 9.71 13.02 -37.25
N VAL E 378 10.34 11.86 -37.40
CA VAL E 378 10.18 10.74 -36.49
C VAL E 378 11.54 10.05 -36.34
N ALA E 379 11.84 9.58 -35.14
CA ALA E 379 13.10 8.90 -34.86
C ALA E 379 13.11 7.55 -35.57
N THR E 380 14.16 7.30 -36.37
CA THR E 380 14.21 6.07 -37.13
C THR E 380 15.13 5.01 -36.50
N ASN E 381 15.74 5.31 -35.36
CA ASN E 381 16.65 4.34 -34.74
C ASN E 381 16.74 4.54 -33.24
N HIS E 382 17.57 3.69 -32.63
CA HIS E 382 18.05 3.90 -31.26
C HIS E 382 19.45 4.48 -31.32
N GLN E 383 19.62 5.70 -30.82
CA GLN E 383 20.95 6.23 -30.67
C GLN E 383 21.71 5.44 -29.63
N SER E 384 23.04 5.54 -29.68
CA SER E 384 23.89 4.94 -28.67
C SER E 384 25.28 5.55 -28.83
N ALA E 385 26.19 5.13 -27.95
CA ALA E 385 27.57 5.58 -28.08
C ALA E 385 28.10 5.35 -29.49
N GLN E 386 27.62 4.30 -30.13
CA GLN E 386 28.08 3.97 -31.47
C GLN E 386 27.21 4.52 -32.61
N ALA E 387 25.95 4.86 -32.30
CA ALA E 387 25.05 5.37 -33.33
C ALA E 387 24.48 6.76 -33.05
N GLN E 388 24.55 7.64 -34.04
CA GLN E 388 23.98 8.98 -33.91
C GLN E 388 22.47 8.88 -34.05
N ALA E 389 21.75 9.84 -33.49
CA ALA E 389 20.29 9.85 -33.60
C ALA E 389 19.89 10.08 -35.06
N GLN E 390 18.86 9.39 -35.52
CA GLN E 390 18.39 9.54 -36.89
C GLN E 390 16.89 9.78 -36.98
N THR E 391 16.49 10.61 -37.94
CA THR E 391 15.08 10.96 -38.11
C THR E 391 14.67 10.78 -39.57
N GLY E 392 13.38 10.62 -39.78
CA GLY E 392 12.84 10.45 -41.13
C GLY E 392 11.64 11.37 -41.34
N TRP E 393 11.43 11.79 -42.57
CA TRP E 393 10.31 12.67 -42.89
C TRP E 393 9.00 11.91 -43.05
N VAL E 394 7.94 12.42 -42.45
CA VAL E 394 6.62 11.80 -42.52
C VAL E 394 5.91 12.39 -43.73
N GLN E 395 5.75 11.58 -44.77
CA GLN E 395 5.11 12.10 -45.97
C GLN E 395 3.60 12.05 -45.86
N ASN E 396 3.07 11.07 -45.13
CA ASN E 396 1.65 10.94 -44.88
C ASN E 396 1.42 10.49 -43.44
N GLN E 397 0.43 11.10 -42.79
CA GLN E 397 0.14 10.81 -41.39
C GLN E 397 -1.36 10.66 -41.23
N GLY E 398 -1.78 9.48 -40.76
CA GLY E 398 -3.18 9.25 -40.48
C GLY E 398 -3.62 9.91 -39.19
N ILE E 399 -4.86 9.63 -38.80
CA ILE E 399 -5.41 10.19 -37.57
C ILE E 399 -4.62 9.71 -36.36
N LEU E 400 -4.37 10.62 -35.43
CA LEU E 400 -3.84 10.34 -34.11
C LEU E 400 -4.79 10.93 -33.08
N PRO E 401 -4.84 10.37 -31.88
CA PRO E 401 -5.63 10.98 -30.81
C PRO E 401 -5.05 12.34 -30.44
N GLY E 402 -5.92 13.33 -30.34
CA GLY E 402 -5.50 14.68 -30.05
C GLY E 402 -5.40 15.60 -31.25
N MET E 403 -5.67 15.09 -32.46
CA MET E 403 -5.66 15.95 -33.63
C MET E 403 -6.91 16.83 -33.68
N VAL E 404 -6.74 18.03 -34.21
CA VAL E 404 -7.85 18.91 -34.55
C VAL E 404 -7.56 19.48 -35.94
N TRP E 405 -8.60 19.58 -36.76
CA TRP E 405 -8.41 20.00 -38.14
C TRP E 405 -9.65 20.76 -38.60
N GLN E 406 -9.49 21.47 -39.70
CA GLN E 406 -10.58 22.14 -40.40
C GLN E 406 -10.87 21.42 -41.70
N ASP E 407 -12.12 21.45 -42.11
CA ASP E 407 -12.51 20.88 -43.39
C ASP E 407 -12.23 21.89 -44.51
N ARG E 408 -12.50 21.50 -45.73
CA ARG E 408 -12.31 22.38 -46.87
C ARG E 408 -13.44 23.39 -46.94
N ASP E 409 -13.11 24.60 -47.40
CA ASP E 409 -14.10 25.66 -47.46
C ASP E 409 -14.99 25.50 -48.69
N VAL E 410 -16.19 26.06 -48.61
CA VAL E 410 -17.15 26.00 -49.71
C VAL E 410 -17.09 27.26 -50.57
N ASP F 17 -20.21 44.93 1.97
CA ASP F 17 -21.16 45.25 3.03
C ASP F 17 -20.60 46.35 3.95
N GLY F 18 -19.49 46.04 4.63
CA GLY F 18 -18.90 46.99 5.55
C GLY F 18 -17.40 46.81 5.66
N VAL F 19 -16.75 47.80 6.30
CA VAL F 19 -15.31 47.76 6.45
C VAL F 19 -14.89 46.84 7.58
N GLY F 20 -15.63 46.83 8.68
CA GLY F 20 -15.25 46.08 9.84
C GLY F 20 -15.89 44.71 10.00
N SER F 21 -16.40 44.12 8.92
CA SER F 21 -17.05 42.82 9.01
C SER F 21 -16.58 41.94 7.86
N SER F 22 -16.15 40.73 8.20
CA SER F 22 -15.60 39.80 7.22
C SER F 22 -16.66 39.38 6.21
N SER F 23 -16.25 39.27 4.95
CA SER F 23 -17.10 38.86 3.85
C SER F 23 -16.98 37.38 3.50
N GLY F 24 -16.19 36.62 4.26
CA GLY F 24 -16.08 35.19 4.03
C GLY F 24 -15.19 34.56 5.08
N ASN F 25 -15.34 33.25 5.21
CA ASN F 25 -14.61 32.48 6.20
C ASN F 25 -13.61 31.56 5.52
N TRP F 26 -12.84 30.85 6.32
CA TRP F 26 -11.78 29.97 5.80
C TRP F 26 -12.35 28.57 5.64
N HIS F 27 -12.44 28.10 4.39
CA HIS F 27 -12.93 26.75 4.11
C HIS F 27 -11.87 25.96 3.36
N CYS F 28 -11.28 24.98 4.06
CA CYS F 28 -10.46 23.94 3.46
C CYS F 28 -10.80 22.64 4.16
N ASP F 29 -11.22 21.63 3.39
CA ASP F 29 -11.50 20.30 3.91
C ASP F 29 -11.89 19.38 2.78
N SER F 30 -12.09 18.10 3.09
CA SER F 30 -12.51 17.11 2.13
C SER F 30 -13.58 16.23 2.74
N GLN F 31 -14.72 16.18 2.07
CA GLN F 31 -15.83 15.32 2.49
C GLN F 31 -15.81 14.11 1.58
N TRP F 32 -15.66 12.92 2.16
CA TRP F 32 -15.76 11.68 1.41
C TRP F 32 -17.14 11.11 1.71
N LEU F 33 -18.06 11.25 0.76
CA LEU F 33 -19.44 10.82 0.95
C LEU F 33 -19.78 9.84 -0.16
N GLY F 34 -19.88 8.56 0.20
CA GLY F 34 -20.28 7.56 -0.77
C GLY F 34 -19.43 7.54 -2.02
N ASP F 35 -20.10 7.71 -3.15
CA ASP F 35 -19.51 7.68 -4.48
C ASP F 35 -19.00 9.04 -4.95
N ARG F 36 -18.98 10.04 -4.08
CA ARG F 36 -18.53 11.37 -4.45
C ARG F 36 -17.51 11.87 -3.44
N VAL F 37 -16.73 12.88 -3.84
CA VAL F 37 -15.80 13.57 -2.95
C VAL F 37 -15.97 15.06 -3.20
N ILE F 38 -15.93 15.85 -2.12
CA ILE F 38 -16.03 17.29 -2.23
C ILE F 38 -14.77 17.89 -1.64
N THR F 39 -13.96 18.52 -2.48
CA THR F 39 -12.73 19.16 -2.04
C THR F 39 -12.92 20.66 -1.94
N THR F 40 -12.36 21.25 -0.90
CA THR F 40 -12.46 22.68 -0.69
C THR F 40 -11.08 23.20 -0.36
N SER F 41 -10.73 24.34 -0.94
CA SER F 41 -9.41 24.93 -0.77
C SER F 41 -9.54 26.44 -0.66
N THR F 42 -8.85 27.01 0.32
CA THR F 42 -8.74 28.44 0.47
C THR F 42 -7.28 28.83 0.52
N ARG F 43 -6.95 29.95 -0.12
CA ARG F 43 -5.59 30.46 -0.16
C ARG F 43 -5.63 31.97 0.02
N THR F 44 -4.46 32.56 0.23
CA THR F 44 -4.29 34.01 0.27
C THR F 44 -3.49 34.44 -0.95
N TRP F 45 -3.97 35.46 -1.65
CA TRP F 45 -3.35 35.94 -2.87
C TRP F 45 -2.93 37.39 -2.74
N ALA F 46 -2.05 37.81 -3.63
CA ALA F 46 -1.62 39.20 -3.74
C ALA F 46 -1.57 39.58 -5.21
N LEU F 47 -2.23 40.68 -5.56
CA LEU F 47 -2.40 41.11 -6.94
C LEU F 47 -1.70 42.44 -7.15
N PRO F 48 -0.63 42.50 -7.93
CA PRO F 48 0.02 43.78 -8.21
C PRO F 48 -0.69 44.50 -9.36
N THR F 49 -0.10 45.61 -9.77
CA THR F 49 -0.47 46.29 -10.99
C THR F 49 0.51 45.89 -12.09
N TYR F 50 -0.03 45.37 -13.20
CA TYR F 50 0.79 44.94 -14.32
C TYR F 50 0.75 45.97 -15.43
N ASN F 51 1.88 46.10 -16.13
CA ASN F 51 2.03 46.96 -17.30
C ASN F 51 1.74 48.43 -16.99
N ASN F 52 1.82 48.82 -15.73
CA ASN F 52 1.42 50.17 -15.31
C ASN F 52 0.07 50.55 -15.91
N HIS F 53 -0.93 49.68 -15.74
CA HIS F 53 -2.31 49.89 -16.16
C HIS F 53 -2.47 49.95 -17.68
N LEU F 54 -1.57 49.33 -18.45
CA LEU F 54 -1.56 49.52 -19.89
C LEU F 54 -1.66 48.20 -20.65
N TYR F 55 -2.08 48.30 -21.90
CA TYR F 55 -1.94 47.23 -22.87
C TYR F 55 -0.70 47.48 -23.71
N LYS F 56 0.10 46.44 -23.92
CA LYS F 56 1.32 46.60 -24.69
C LYS F 56 1.47 45.47 -25.68
N GLN F 57 1.61 45.82 -26.96
CA GLN F 57 2.00 44.86 -27.98
C GLN F 57 3.31 44.18 -27.60
N ILE F 58 3.38 42.88 -27.86
CA ILE F 58 4.58 42.09 -27.61
C ILE F 58 4.83 41.21 -28.82
N SER F 59 6.09 40.91 -29.08
CA SER F 59 6.47 40.01 -30.15
C SER F 59 7.87 39.48 -29.88
N ASN F 60 8.38 38.71 -30.83
CA ASN F 60 9.71 38.12 -30.70
C ASN F 60 10.79 39.15 -31.00
N SER F 61 10.50 40.12 -31.88
CA SER F 61 11.51 41.05 -32.34
C SER F 61 12.07 41.89 -31.20
N THR F 62 11.23 42.23 -30.22
CA THR F 62 11.73 42.90 -29.03
C THR F 62 12.80 42.06 -28.33
N SER F 63 12.75 40.75 -28.49
CA SER F 63 13.78 39.84 -28.02
C SER F 63 14.78 39.45 -29.11
N GLY F 64 14.66 40.02 -30.32
CA GLY F 64 15.58 39.80 -31.40
C GLY F 64 15.05 38.95 -32.54
N GLY F 65 14.02 38.15 -32.28
CA GLY F 65 13.36 37.37 -33.32
C GLY F 65 14.28 36.57 -34.21
N SER F 66 15.20 35.82 -33.62
CA SER F 66 16.16 35.05 -34.40
C SER F 66 15.53 33.80 -35.00
N SER F 67 14.79 33.03 -34.21
CA SER F 67 14.30 31.73 -34.62
C SER F 67 12.89 31.86 -35.17
N ASN F 68 12.66 31.32 -36.36
CA ASN F 68 11.32 31.31 -36.91
C ASN F 68 10.42 30.32 -36.19
N ASP F 69 11.00 29.27 -35.61
CA ASP F 69 10.20 28.35 -34.83
C ASP F 69 9.67 29.00 -33.56
N ASN F 70 10.38 30.00 -33.05
CA ASN F 70 10.00 30.69 -31.81
C ASN F 70 9.26 32.00 -32.06
N ALA F 71 8.97 32.34 -33.31
CA ALA F 71 8.33 33.61 -33.63
C ALA F 71 6.93 33.70 -33.03
N TYR F 72 6.55 34.91 -32.59
CA TYR F 72 5.22 35.10 -32.03
C TYR F 72 4.83 36.58 -32.10
N PHE F 73 3.52 36.82 -32.00
CA PHE F 73 2.95 38.16 -31.91
C PHE F 73 1.74 38.13 -31.00
N GLY F 74 1.58 39.16 -30.18
CA GLY F 74 0.44 39.22 -29.29
C GLY F 74 0.48 40.45 -28.41
N TYR F 75 -0.28 40.40 -27.32
CA TYR F 75 -0.42 41.53 -26.43
C TYR F 75 -0.40 41.07 -24.97
N SER F 76 0.29 41.83 -24.13
CA SER F 76 0.22 41.69 -22.68
C SER F 76 -0.82 42.67 -22.15
N THR F 77 -1.56 42.24 -21.14
CA THR F 77 -2.67 43.01 -20.60
C THR F 77 -2.39 43.37 -19.15
N PRO F 78 -3.03 44.43 -18.63
CA PRO F 78 -2.90 44.75 -17.20
C PRO F 78 -3.56 43.74 -16.28
N TRP F 79 -4.43 42.87 -16.80
CA TRP F 79 -5.21 41.96 -15.99
C TRP F 79 -4.39 40.77 -15.51
N GLY F 80 -4.79 40.24 -14.35
CA GLY F 80 -4.35 38.94 -13.88
C GLY F 80 -5.49 37.92 -13.99
N TYR F 81 -5.17 36.67 -13.64
CA TYR F 81 -6.16 35.62 -13.70
C TYR F 81 -5.83 34.53 -12.69
N PHE F 82 -6.86 33.75 -12.33
CA PHE F 82 -6.72 32.66 -11.37
C PHE F 82 -6.57 31.31 -12.06
N ASP F 83 -5.64 30.50 -11.54
CA ASP F 83 -5.39 29.16 -12.07
C ASP F 83 -5.42 28.16 -10.91
N PHE F 84 -6.46 27.34 -10.85
CA PHE F 84 -6.51 26.17 -9.98
C PHE F 84 -6.36 24.84 -10.74
N ASN F 85 -5.89 24.87 -11.98
CA ASN F 85 -6.01 23.77 -12.95
C ASN F 85 -5.01 22.61 -12.69
N ARG F 86 -4.30 22.58 -11.57
CA ARG F 86 -3.50 21.42 -11.20
C ARG F 86 -4.15 20.65 -10.06
N PHE F 87 -3.95 19.33 -10.04
CA PHE F 87 -4.63 18.50 -9.05
C PHE F 87 -4.21 18.81 -7.62
N HIS F 88 -2.95 19.17 -7.39
CA HIS F 88 -2.55 19.40 -5.99
C HIS F 88 -3.16 20.65 -5.41
N CYS F 89 -3.80 21.49 -6.22
CA CYS F 89 -4.57 22.58 -5.66
C CYS F 89 -5.75 22.05 -4.84
N HIS F 90 -6.41 21.03 -5.35
CA HIS F 90 -7.64 20.53 -4.76
C HIS F 90 -7.48 19.31 -3.86
N PHE F 91 -6.34 18.61 -3.90
CA PHE F 91 -6.16 17.36 -3.18
C PHE F 91 -4.93 17.43 -2.30
N SER F 92 -5.07 17.04 -1.05
CA SER F 92 -3.90 16.82 -0.22
C SER F 92 -3.21 15.53 -0.63
N PRO F 93 -1.94 15.36 -0.30
CA PRO F 93 -1.27 14.08 -0.61
C PRO F 93 -1.95 12.88 0.03
N ARG F 94 -2.56 13.06 1.19
CA ARG F 94 -3.32 11.97 1.79
C ARG F 94 -4.61 11.70 1.02
N ASP F 95 -5.36 12.76 0.74
CA ASP F 95 -6.60 12.60 -0.02
C ASP F 95 -6.34 12.02 -1.40
N TRP F 96 -5.18 12.32 -1.98
CA TRP F 96 -4.82 11.73 -3.26
C TRP F 96 -4.52 10.25 -3.10
N GLN F 97 -3.90 9.87 -1.99
CA GLN F 97 -3.67 8.46 -1.71
C GLN F 97 -5.00 7.74 -1.49
N ARG F 98 -5.96 8.42 -0.90
CA ARG F 98 -7.26 7.80 -0.67
C ARG F 98 -8.01 7.61 -1.98
N LEU F 99 -7.81 8.53 -2.93
CA LEU F 99 -8.45 8.41 -4.24
C LEU F 99 -7.89 7.25 -5.04
N ILE F 100 -6.56 7.20 -5.20
CA ILE F 100 -5.98 6.35 -6.22
C ILE F 100 -5.91 4.90 -5.78
N ASN F 101 -5.90 4.66 -4.47
CA ASN F 101 -5.88 3.27 -3.99
C ASN F 101 -7.26 2.66 -3.99
N ASN F 102 -8.31 3.46 -3.81
CA ASN F 102 -9.64 2.94 -3.55
C ASN F 102 -10.57 2.98 -4.75
N ASN F 103 -10.15 3.51 -5.89
CA ASN F 103 -11.09 3.79 -6.97
C ASN F 103 -10.50 3.47 -8.32
N TRP F 104 -11.38 3.00 -9.23
CA TRP F 104 -11.07 2.81 -10.63
C TRP F 104 -11.16 4.07 -11.48
N GLY F 105 -12.04 5.01 -11.13
CA GLY F 105 -12.20 6.20 -11.94
C GLY F 105 -12.76 7.34 -11.13
N PHE F 106 -12.60 8.54 -11.68
CA PHE F 106 -13.13 9.76 -11.09
C PHE F 106 -13.24 10.80 -12.18
N ARG F 107 -13.95 11.88 -11.87
CA ARG F 107 -14.16 12.99 -12.79
C ARG F 107 -14.88 14.13 -12.07
N PRO F 108 -14.57 15.37 -12.41
CA PRO F 108 -15.20 16.50 -11.73
C PRO F 108 -16.64 16.69 -12.18
N LYS F 109 -17.47 17.14 -11.24
CA LYS F 109 -18.89 17.37 -11.51
C LYS F 109 -19.26 18.84 -11.40
N ARG F 110 -19.18 19.41 -10.20
CA ARG F 110 -19.61 20.77 -9.94
C ARG F 110 -18.42 21.59 -9.49
N LEU F 111 -18.54 22.90 -9.69
CA LEU F 111 -17.50 23.84 -9.31
C LEU F 111 -18.14 25.04 -8.65
N ASN F 112 -17.56 25.49 -7.54
CA ASN F 112 -18.02 26.67 -6.84
C ASN F 112 -16.80 27.53 -6.52
N PHE F 113 -16.87 28.80 -6.87
CA PHE F 113 -15.74 29.72 -6.72
C PHE F 113 -16.19 30.94 -5.93
N LYS F 114 -15.35 31.40 -5.01
CA LYS F 114 -15.65 32.55 -4.17
C LYS F 114 -14.40 33.39 -3.96
N LEU F 115 -14.58 34.70 -4.09
CA LEU F 115 -13.50 35.68 -3.89
C LEU F 115 -13.99 36.68 -2.86
N PHE F 116 -13.23 36.87 -1.78
CA PHE F 116 -13.72 37.65 -0.65
C PHE F 116 -12.54 38.22 0.12
N ASN F 117 -12.87 38.97 1.18
CA ASN F 117 -11.91 39.64 2.07
C ASN F 117 -10.88 40.46 1.31
N ILE F 118 -11.37 41.36 0.45
CA ILE F 118 -10.49 42.18 -0.37
C ILE F 118 -9.82 43.25 0.47
N GLN F 119 -8.54 43.48 0.22
CA GLN F 119 -7.75 44.48 0.92
C GLN F 119 -6.89 45.20 -0.10
N VAL F 120 -6.98 46.52 -0.16
CA VAL F 120 -6.24 47.31 -1.13
C VAL F 120 -5.26 48.20 -0.38
N LYS F 121 -4.05 48.31 -0.92
CA LYS F 121 -2.94 48.97 -0.24
C LYS F 121 -2.42 50.10 -1.11
N GLU F 122 -1.66 51.01 -0.50
CA GLU F 122 -1.07 52.14 -1.19
C GLU F 122 0.37 52.33 -0.73
N VAL F 123 1.28 52.45 -1.69
CA VAL F 123 2.69 52.61 -1.40
C VAL F 123 3.21 53.89 -2.02
N ILE F 132 2.93 51.73 3.79
CA ILE F 132 1.83 50.86 3.39
C ILE F 132 0.59 51.17 4.20
N ALA F 133 -0.51 51.49 3.52
CA ALA F 133 -1.76 51.81 4.18
C ALA F 133 -2.93 51.37 3.31
N ASN F 134 -4.09 51.24 3.95
CA ASN F 134 -5.29 50.85 3.24
C ASN F 134 -5.81 52.00 2.39
N ASN F 135 -6.39 51.68 1.25
CA ASN F 135 -7.21 52.61 0.50
C ASN F 135 -8.62 52.05 0.52
N LEU F 136 -9.50 52.68 1.30
CA LEU F 136 -10.79 52.08 1.60
C LEU F 136 -11.80 52.23 0.46
N THR F 137 -11.63 53.22 -0.40
CA THR F 137 -12.56 53.46 -1.49
C THR F 137 -12.11 52.83 -2.81
N SER F 138 -10.98 52.15 -2.82
CA SER F 138 -10.51 51.54 -4.05
C SER F 138 -11.31 50.29 -4.39
N THR F 139 -11.34 49.96 -5.68
CA THR F 139 -12.11 48.83 -6.16
C THR F 139 -11.20 47.83 -6.85
N VAL F 140 -11.71 46.60 -6.98
CA VAL F 140 -11.07 45.53 -7.72
C VAL F 140 -12.04 45.04 -8.78
N GLN F 141 -11.60 45.04 -10.03
CA GLN F 141 -12.40 44.55 -11.13
C GLN F 141 -12.16 43.05 -11.32
N VAL F 142 -13.25 42.29 -11.33
CA VAL F 142 -13.18 40.86 -11.55
C VAL F 142 -14.35 40.44 -12.42
N PHE F 143 -14.05 39.73 -13.49
CA PHE F 143 -15.10 39.09 -14.28
C PHE F 143 -14.62 37.72 -14.70
N THR F 144 -15.58 36.84 -14.96
CA THR F 144 -15.31 35.54 -15.57
C THR F 144 -15.78 35.57 -17.01
N ASP F 145 -15.08 34.84 -17.86
CA ASP F 145 -15.46 34.76 -19.26
C ASP F 145 -16.22 33.46 -19.42
N SER F 146 -17.55 33.56 -19.45
CA SER F 146 -18.40 32.39 -19.56
C SER F 146 -18.91 32.14 -20.98
N ASP F 147 -18.65 33.04 -21.90
CA ASP F 147 -18.93 32.81 -23.31
C ASP F 147 -17.69 32.38 -24.09
N TYR F 148 -16.54 32.32 -23.42
CA TYR F 148 -15.28 31.87 -24.01
C TYR F 148 -14.87 32.79 -25.17
N GLN F 149 -15.04 34.09 -24.97
CA GLN F 149 -14.73 35.06 -26.00
C GLN F 149 -13.26 35.45 -26.05
N LEU F 150 -12.53 35.28 -24.96
CA LEU F 150 -11.11 35.57 -24.89
C LEU F 150 -10.29 34.34 -25.25
N PRO F 151 -9.03 34.53 -25.64
CA PRO F 151 -8.13 33.38 -25.79
C PRO F 151 -8.00 32.62 -24.47
N TYR F 152 -7.96 31.30 -24.57
CA TYR F 152 -7.98 30.45 -23.38
C TYR F 152 -6.56 29.95 -23.12
N VAL F 153 -5.92 30.49 -22.08
CA VAL F 153 -4.53 30.19 -21.78
C VAL F 153 -4.36 29.19 -20.65
N LEU F 154 -5.45 28.68 -20.08
CA LEU F 154 -5.32 27.80 -18.92
C LEU F 154 -4.89 26.38 -19.26
N GLY F 155 -5.01 25.96 -20.51
CA GLY F 155 -4.71 24.58 -20.85
C GLY F 155 -3.29 24.37 -21.35
N SER F 156 -2.41 25.33 -21.11
CA SER F 156 -1.02 25.25 -21.55
C SER F 156 -0.05 24.83 -20.46
N ALA F 157 -0.54 24.49 -19.27
CA ALA F 157 0.28 24.03 -18.15
C ALA F 157 1.26 25.10 -17.69
N HIS F 158 0.79 26.34 -17.61
CA HIS F 158 1.62 27.42 -17.10
C HIS F 158 1.66 27.42 -15.58
N GLU F 159 2.71 28.02 -15.06
CA GLU F 159 2.87 28.21 -13.63
C GLU F 159 1.92 29.31 -13.15
N GLY F 160 1.89 29.56 -11.85
CA GLY F 160 0.98 30.54 -11.28
C GLY F 160 -0.24 29.97 -10.60
N CYS F 161 -0.33 28.66 -10.45
CA CYS F 161 -1.47 28.03 -9.83
C CYS F 161 -1.53 28.34 -8.34
N LEU F 162 -2.70 28.15 -7.76
CA LEU F 162 -2.84 28.11 -6.32
C LEU F 162 -1.83 27.15 -5.72
N PRO F 163 -1.10 27.53 -4.68
CA PRO F 163 -0.03 26.67 -4.18
C PRO F 163 -0.59 25.39 -3.58
N PRO F 164 0.17 24.30 -3.61
CA PRO F 164 -0.36 23.05 -3.06
C PRO F 164 -0.58 23.10 -1.57
N PHE F 165 0.26 23.81 -0.85
CA PHE F 165 0.23 23.82 0.60
C PHE F 165 -0.54 25.03 1.10
N PRO F 166 -1.58 24.81 1.92
CA PRO F 166 -2.56 25.88 2.19
C PRO F 166 -1.99 27.10 2.88
N ALA F 167 -0.83 27.03 3.51
CA ALA F 167 -0.31 28.17 4.25
C ALA F 167 0.49 29.14 3.39
N ASP F 168 0.72 28.81 2.11
CA ASP F 168 1.54 29.66 1.28
C ASP F 168 0.71 30.72 0.58
N VAL F 169 1.25 31.93 0.53
CA VAL F 169 0.62 33.06 -0.14
C VAL F 169 1.23 33.17 -1.52
N PHE F 170 0.39 33.30 -2.55
CA PHE F 170 0.85 33.21 -3.92
C PHE F 170 0.52 34.50 -4.66
N MET F 171 1.17 34.68 -5.79
CA MET F 171 1.05 35.87 -6.62
C MET F 171 0.21 35.55 -7.85
N ILE F 172 -0.68 36.47 -8.22
CA ILE F 172 -1.59 36.21 -9.33
C ILE F 172 -0.85 36.45 -10.64
N PRO F 173 -0.88 35.51 -11.58
CA PRO F 173 -0.15 35.68 -12.84
C PRO F 173 -0.81 36.68 -13.77
N GLN F 174 0.03 37.27 -14.61
CA GLN F 174 -0.44 38.24 -15.59
C GLN F 174 -1.05 37.54 -16.80
N TYR F 175 -2.13 38.11 -17.32
CA TYR F 175 -2.79 37.56 -18.50
C TYR F 175 -2.19 38.15 -19.76
N GLY F 176 -1.94 37.28 -20.73
CA GLY F 176 -1.45 37.66 -22.04
C GLY F 176 -1.96 36.65 -23.04
N TYR F 177 -1.83 36.99 -24.32
CA TYR F 177 -2.30 36.08 -25.35
C TYR F 177 -1.54 36.30 -26.64
N LEU F 178 -1.54 35.27 -27.47
CA LEU F 178 -0.89 35.28 -28.77
C LEU F 178 -1.93 35.16 -29.87
N THR F 179 -1.71 35.89 -30.96
CA THR F 179 -2.56 35.83 -32.13
C THR F 179 -1.68 35.55 -33.33
N LEU F 180 -2.26 35.63 -34.53
CA LEU F 180 -1.53 35.25 -35.73
C LEU F 180 -0.32 36.15 -35.94
N ASN F 181 0.73 35.60 -36.54
CA ASN F 181 1.94 36.35 -36.81
C ASN F 181 2.53 35.94 -38.15
N ASP F 182 3.22 36.88 -38.77
CA ASP F 182 4.19 36.62 -39.83
C ASP F 182 5.52 37.15 -39.34
N GLY F 183 6.44 36.24 -39.03
CA GLY F 183 7.63 36.65 -38.31
C GLY F 183 7.22 37.25 -36.97
N SER F 184 7.69 38.45 -36.68
CA SER F 184 7.20 39.20 -35.54
C SER F 184 6.05 40.14 -35.89
N GLN F 185 5.73 40.27 -37.18
CA GLN F 185 4.64 41.13 -37.60
C GLN F 185 3.29 40.46 -37.40
N ALA F 186 2.25 41.28 -37.35
CA ALA F 186 0.89 40.78 -37.33
C ALA F 186 0.35 40.68 -38.76
N VAL F 187 -0.91 40.21 -38.85
CA VAL F 187 -1.62 40.12 -40.11
C VAL F 187 -3.01 40.72 -39.93
N GLY F 188 -3.68 40.96 -41.05
CA GLY F 188 -5.00 41.56 -40.98
C GLY F 188 -6.01 40.71 -40.23
N ARG F 189 -5.75 39.40 -40.15
CA ARG F 189 -6.65 38.51 -39.45
C ARG F 189 -6.39 38.50 -37.94
N SER F 190 -5.29 39.09 -37.50
CA SER F 190 -4.94 39.07 -36.08
C SER F 190 -5.94 39.88 -35.26
N SER F 191 -6.47 39.26 -34.22
CA SER F 191 -7.47 39.87 -33.37
C SER F 191 -6.80 40.55 -32.18
N PHE F 192 -7.24 41.77 -31.89
CA PHE F 192 -6.89 42.46 -30.66
C PHE F 192 -8.08 42.40 -29.71
N TYR F 193 -7.79 42.18 -28.43
CA TYR F 193 -8.82 42.09 -27.40
C TYR F 193 -8.50 43.04 -26.27
N CYS F 194 -9.47 43.89 -25.94
CA CYS F 194 -9.41 44.73 -24.75
C CYS F 194 -10.34 44.13 -23.71
N LEU F 195 -9.80 43.80 -22.54
CA LEU F 195 -10.62 43.20 -21.51
C LEU F 195 -11.51 44.22 -20.80
N GLU F 196 -11.23 45.52 -20.96
CA GLU F 196 -12.14 46.55 -20.48
C GLU F 196 -13.49 46.49 -21.16
N TYR F 197 -13.53 46.01 -22.40
CA TYR F 197 -14.77 45.91 -23.17
C TYR F 197 -15.75 44.90 -22.61
N PHE F 198 -15.36 44.16 -21.65
CA PHE F 198 -16.25 43.21 -21.00
C PHE F 198 -16.90 43.85 -19.78
N PRO F 199 -18.15 43.47 -19.48
CA PRO F 199 -18.74 43.85 -18.20
C PRO F 199 -18.07 43.11 -17.06
N SER F 200 -17.73 43.86 -16.01
CA SER F 200 -16.99 43.32 -14.88
C SER F 200 -17.53 43.92 -13.59
N GLN F 201 -17.55 43.09 -12.55
CA GLN F 201 -18.00 43.50 -11.24
C GLN F 201 -16.88 44.20 -10.48
N MET F 202 -17.23 45.24 -9.74
CA MET F 202 -16.26 46.06 -9.02
C MET F 202 -16.48 45.91 -7.52
N LEU F 203 -15.41 45.66 -6.78
CA LEU F 203 -15.50 45.28 -5.37
C LEU F 203 -14.68 46.22 -4.52
N ARG F 204 -15.24 46.65 -3.40
CA ARG F 204 -14.45 47.28 -2.36
C ARG F 204 -14.21 46.29 -1.23
N THR F 205 -13.57 46.76 -0.17
CA THR F 205 -13.16 45.90 0.93
C THR F 205 -14.33 45.21 1.62
N GLY F 206 -15.56 45.65 1.37
CA GLY F 206 -16.72 44.98 1.94
C GLY F 206 -17.46 44.05 1.01
N ASN F 207 -17.26 44.17 -0.30
CA ASN F 207 -17.90 43.31 -1.28
C ASN F 207 -17.21 41.95 -1.37
N ASN F 208 -17.92 40.99 -1.95
CA ASN F 208 -17.37 39.70 -2.31
C ASN F 208 -17.92 39.24 -3.67
N PHE F 209 -17.28 38.22 -4.23
CA PHE F 209 -17.57 37.72 -5.56
C PHE F 209 -17.68 36.20 -5.50
N GLN F 210 -18.67 35.64 -6.19
CA GLN F 210 -18.82 34.20 -6.23
C GLN F 210 -19.60 33.78 -7.48
N PHE F 211 -19.35 32.57 -7.93
CA PHE F 211 -20.17 31.95 -8.98
C PHE F 211 -20.01 30.45 -8.88
N SER F 212 -20.92 29.74 -9.53
CA SER F 212 -20.85 28.28 -9.62
C SER F 212 -20.73 27.88 -11.08
N TYR F 213 -20.21 26.67 -11.30
CA TYR F 213 -19.95 26.15 -12.63
C TYR F 213 -20.29 24.67 -12.66
N GLU F 214 -20.73 24.20 -13.82
CA GLU F 214 -21.13 22.81 -14.02
C GLU F 214 -20.25 22.21 -15.11
N PHE F 215 -19.43 21.23 -14.73
CA PHE F 215 -18.64 20.50 -15.73
C PHE F 215 -19.55 19.75 -16.69
N GLU F 216 -19.27 19.90 -17.97
CA GLU F 216 -19.98 19.08 -18.94
C GLU F 216 -19.53 17.63 -18.81
N ASN F 217 -20.39 16.72 -19.25
CA ASN F 217 -20.17 15.30 -19.01
C ASN F 217 -18.91 14.84 -19.73
N VAL F 218 -17.99 14.25 -18.98
CA VAL F 218 -16.74 13.73 -19.51
C VAL F 218 -16.62 12.27 -19.06
N PRO F 219 -15.87 11.46 -19.81
CA PRO F 219 -15.65 10.09 -19.36
C PRO F 219 -14.76 10.05 -18.13
N PHE F 220 -14.97 9.04 -17.30
CA PHE F 220 -14.10 8.84 -16.14
C PHE F 220 -12.66 8.74 -16.59
N HIS F 221 -11.75 9.22 -15.73
CA HIS F 221 -10.34 9.05 -15.99
C HIS F 221 -10.06 7.65 -15.45
N SER F 222 -9.24 6.87 -16.15
CA SER F 222 -8.98 5.51 -15.70
C SER F 222 -7.81 5.36 -14.73
N SER F 223 -8.11 5.37 -13.44
CA SER F 223 -7.07 5.20 -12.42
C SER F 223 -6.88 3.72 -12.08
N TYR F 224 -6.43 2.94 -13.06
CA TYR F 224 -6.17 1.52 -12.91
C TYR F 224 -5.23 1.08 -14.03
N ALA F 225 -4.65 -0.10 -13.88
CA ALA F 225 -3.78 -0.67 -14.90
C ALA F 225 -4.36 -2.01 -15.31
N HIS F 226 -4.05 -2.50 -16.50
CA HIS F 226 -4.59 -3.78 -16.93
C HIS F 226 -3.72 -4.91 -16.42
N SER F 227 -4.37 -5.95 -15.90
CA SER F 227 -3.71 -7.17 -15.48
C SER F 227 -3.57 -8.16 -16.63
N GLN F 228 -3.98 -7.77 -17.84
CA GLN F 228 -3.78 -8.54 -19.05
C GLN F 228 -3.17 -7.65 -20.13
N SER F 229 -2.53 -8.29 -21.10
CA SER F 229 -1.96 -7.58 -22.23
C SER F 229 -2.74 -7.94 -23.49
N LEU F 230 -2.67 -7.05 -24.48
CA LEU F 230 -3.52 -7.17 -25.66
C LEU F 230 -3.24 -8.44 -26.44
N ASP F 231 -2.01 -8.94 -26.39
CA ASP F 231 -1.65 -10.13 -27.14
C ASP F 231 -1.86 -11.43 -26.38
N ARG F 232 -2.12 -11.37 -25.08
CA ARG F 232 -2.28 -12.55 -24.24
C ARG F 232 -3.73 -12.90 -23.88
N LEU F 233 -4.72 -12.27 -24.50
CA LEU F 233 -6.12 -12.42 -24.10
C LEU F 233 -6.68 -13.84 -24.22
N MET F 234 -5.98 -14.74 -24.89
CA MET F 234 -6.46 -16.07 -25.25
C MET F 234 -6.59 -17.01 -24.04
N ASN F 235 -7.32 -18.09 -24.24
CA ASN F 235 -7.26 -19.25 -23.35
C ASN F 235 -5.97 -20.01 -23.62
N PRO F 236 -5.07 -20.11 -22.64
CA PRO F 236 -3.79 -20.79 -22.88
C PRO F 236 -3.90 -22.29 -23.10
N LEU F 237 -5.05 -22.91 -22.84
CA LEU F 237 -5.17 -24.36 -22.87
C LEU F 237 -5.68 -24.93 -24.18
N ILE F 238 -6.21 -24.11 -25.08
CA ILE F 238 -7.04 -24.59 -26.18
C ILE F 238 -6.48 -24.08 -27.50
N ASP F 239 -6.53 -24.93 -28.51
CA ASP F 239 -6.15 -24.53 -29.85
C ASP F 239 -7.22 -23.66 -30.49
N GLN F 240 -6.81 -22.79 -31.40
CA GLN F 240 -7.77 -22.16 -32.30
C GLN F 240 -8.11 -23.09 -33.46
N TYR F 241 -9.27 -22.83 -34.07
CA TYR F 241 -9.67 -23.53 -35.28
C TYR F 241 -9.17 -22.86 -36.56
N LEU F 242 -8.33 -21.84 -36.44
CA LEU F 242 -7.79 -21.15 -37.60
C LEU F 242 -6.36 -21.62 -37.88
N TYR F 243 -6.01 -21.63 -39.16
CA TYR F 243 -4.72 -22.11 -39.62
C TYR F 243 -3.87 -20.93 -40.11
N TYR F 244 -2.56 -21.08 -39.96
CA TYR F 244 -1.58 -20.12 -40.44
C TYR F 244 -0.56 -20.86 -41.29
N LEU F 245 0.26 -20.10 -42.01
CA LEU F 245 1.18 -20.70 -42.99
C LEU F 245 2.50 -21.00 -42.27
N SER F 246 2.79 -22.29 -42.08
CA SER F 246 3.96 -22.69 -41.32
C SER F 246 5.23 -22.72 -42.19
N LYS F 247 5.15 -23.30 -43.40
CA LYS F 247 6.33 -23.51 -44.22
C LYS F 247 6.09 -23.07 -45.65
N THR F 248 7.06 -22.34 -46.21
CA THR F 248 7.07 -22.03 -47.62
C THR F 248 8.03 -22.89 -48.44
N ILE F 249 8.82 -23.77 -47.80
CA ILE F 249 9.74 -24.66 -48.50
C ILE F 249 9.88 -25.96 -47.72
N ASN F 250 10.06 -27.06 -48.46
CA ASN F 250 10.23 -28.36 -47.81
C ASN F 250 11.58 -28.47 -47.12
N GLY F 251 12.65 -28.08 -47.79
CA GLY F 251 13.96 -28.18 -47.20
C GLY F 251 14.99 -27.45 -48.03
N SER F 252 16.25 -27.75 -47.74
CA SER F 252 17.35 -27.15 -48.47
C SER F 252 17.51 -27.84 -49.82
N GLY F 253 17.62 -27.04 -50.87
CA GLY F 253 17.78 -27.57 -52.20
C GLY F 253 17.24 -26.61 -53.23
N GLN F 254 16.87 -27.16 -54.38
CA GLN F 254 16.34 -26.39 -55.49
C GLN F 254 14.88 -26.76 -55.71
N ASN F 255 14.06 -25.75 -56.03
CA ASN F 255 12.66 -25.97 -56.41
C ASN F 255 11.88 -26.68 -55.30
N GLN F 256 12.14 -26.27 -54.06
CA GLN F 256 11.53 -26.88 -52.88
C GLN F 256 10.28 -26.17 -52.42
N GLN F 257 9.75 -25.22 -53.20
CA GLN F 257 8.59 -24.46 -52.79
C GLN F 257 7.44 -25.38 -52.36
N THR F 258 6.77 -24.99 -51.27
CA THR F 258 5.59 -25.69 -50.80
C THR F 258 4.78 -24.74 -49.94
N LEU F 259 3.55 -25.12 -49.65
CA LEU F 259 2.70 -24.42 -48.70
C LEU F 259 2.23 -25.40 -47.64
N LYS F 260 2.66 -25.18 -46.40
CA LYS F 260 2.25 -25.99 -45.27
C LYS F 260 1.50 -25.11 -44.28
N PHE F 261 0.57 -25.71 -43.53
CA PHE F 261 -0.31 -24.96 -42.65
C PHE F 261 -0.41 -25.66 -41.30
N SER F 262 -0.65 -24.86 -40.26
CA SER F 262 -0.63 -25.37 -38.89
C SER F 262 -1.72 -24.71 -38.06
N VAL F 263 -2.15 -25.43 -37.03
CA VAL F 263 -3.09 -24.88 -36.06
C VAL F 263 -2.35 -23.90 -35.16
N ALA F 264 -2.99 -22.76 -34.89
CA ALA F 264 -2.48 -21.81 -33.93
C ALA F 264 -2.94 -22.20 -32.53
N GLY F 265 -2.01 -22.33 -31.61
CA GLY F 265 -2.35 -22.83 -30.30
C GLY F 265 -1.40 -22.39 -29.22
N PRO F 266 -1.55 -22.99 -28.03
CA PRO F 266 -0.70 -22.59 -26.89
C PRO F 266 0.79 -22.63 -27.19
N SER F 267 1.23 -23.48 -28.12
CA SER F 267 2.65 -23.57 -28.40
C SER F 267 3.18 -22.31 -29.06
N ASN F 268 2.49 -21.84 -30.11
CA ASN F 268 2.87 -20.63 -30.82
C ASN F 268 1.75 -19.62 -30.61
N MET F 269 2.00 -18.63 -29.74
CA MET F 269 0.96 -17.63 -29.47
C MET F 269 1.14 -16.40 -30.35
N ALA F 270 2.27 -16.31 -31.04
CA ALA F 270 2.53 -15.13 -31.85
C ALA F 270 1.67 -15.12 -33.11
N VAL F 271 1.33 -16.30 -33.63
CA VAL F 271 0.73 -16.37 -34.95
C VAL F 271 -0.79 -16.44 -34.86
N GLN F 272 -1.35 -16.47 -33.65
CA GLN F 272 -2.78 -16.61 -33.51
C GLN F 272 -3.49 -15.36 -34.00
N GLY F 273 -4.62 -15.56 -34.67
CA GLY F 273 -5.43 -14.44 -35.10
C GLY F 273 -6.07 -13.75 -33.91
N ARG F 274 -6.15 -12.42 -33.98
CA ARG F 274 -6.65 -11.62 -32.88
C ARG F 274 -7.65 -10.60 -33.39
N ASN F 275 -8.57 -10.21 -32.51
CA ASN F 275 -9.63 -9.28 -32.84
C ASN F 275 -9.26 -7.81 -32.63
N TYR F 276 -8.17 -7.51 -31.91
CA TYR F 276 -7.86 -6.13 -31.60
C TYR F 276 -6.36 -5.94 -31.57
N ILE F 277 -5.93 -4.80 -32.11
CA ILE F 277 -4.51 -4.48 -32.30
C ILE F 277 -4.18 -3.26 -31.46
N PRO F 278 -2.91 -3.06 -31.11
CA PRO F 278 -2.56 -1.96 -30.20
C PRO F 278 -2.65 -0.61 -30.88
N GLY F 279 -2.67 0.44 -30.05
CA GLY F 279 -2.98 1.77 -30.47
C GLY F 279 -1.93 2.43 -31.36
N PRO F 280 -2.13 3.70 -31.68
CA PRO F 280 -1.27 4.35 -32.68
C PRO F 280 0.10 4.70 -32.11
N SER F 281 1.04 4.94 -33.02
CA SER F 281 2.44 5.17 -32.67
C SER F 281 3.00 6.35 -33.44
N TYR F 282 3.78 7.19 -32.76
CA TYR F 282 4.62 8.18 -33.41
C TYR F 282 5.96 8.17 -32.69
N ARG F 283 7.01 7.67 -33.33
CA ARG F 283 8.17 7.17 -32.59
C ARG F 283 9.05 8.28 -32.03
N GLN F 284 9.49 8.09 -30.79
CA GLN F 284 10.35 9.00 -30.06
C GLN F 284 11.78 8.46 -30.00
N GLN F 285 12.74 9.36 -29.97
CA GLN F 285 14.13 8.97 -29.78
C GLN F 285 14.36 8.53 -28.34
N ARG F 286 15.21 7.54 -28.15
CA ARG F 286 15.40 6.90 -26.86
C ARG F 286 16.62 7.51 -26.17
N VAL F 287 16.47 7.84 -24.90
CA VAL F 287 17.51 8.50 -24.12
C VAL F 287 17.70 7.75 -22.81
N SER F 288 18.94 7.40 -22.49
CA SER F 288 19.26 6.68 -21.27
C SER F 288 19.66 7.65 -20.18
N THR F 289 19.25 7.34 -18.95
CA THR F 289 19.68 8.15 -17.82
C THR F 289 21.13 7.88 -17.46
N THR F 290 21.65 6.71 -17.82
CA THR F 290 23.08 6.45 -17.76
C THR F 290 23.70 7.12 -18.97
N VAL F 291 24.55 8.11 -18.75
CA VAL F 291 24.83 9.08 -19.82
C VAL F 291 25.83 8.52 -20.80
N THR F 292 26.67 7.59 -20.37
CA THR F 292 27.71 7.06 -21.26
C THR F 292 27.11 6.11 -22.29
N GLN F 293 25.85 5.74 -22.13
CA GLN F 293 25.18 4.96 -23.15
C GLN F 293 24.65 5.84 -24.26
N ASN F 294 24.54 7.14 -24.00
CA ASN F 294 24.05 8.07 -25.00
C ASN F 294 25.17 8.43 -25.97
N ASN F 295 24.80 8.81 -27.19
CA ASN F 295 25.78 9.18 -28.19
C ASN F 295 26.45 10.50 -27.81
N ASN F 296 27.73 10.64 -28.10
CA ASN F 296 28.47 11.85 -27.75
C ASN F 296 28.30 12.97 -28.78
N SER F 297 27.09 13.52 -28.85
CA SER F 297 26.75 14.60 -29.75
C SER F 297 25.49 15.32 -29.26
N GLU F 298 25.25 16.52 -29.75
CA GLU F 298 24.06 17.28 -29.36
C GLU F 298 22.88 16.84 -30.20
N PHE F 299 22.05 15.93 -29.69
CA PHE F 299 20.90 15.47 -30.45
C PHE F 299 19.56 15.99 -29.94
N ALA F 300 19.56 16.82 -28.90
CA ALA F 300 18.30 17.16 -28.23
C ALA F 300 17.26 17.69 -29.20
N TRP F 301 17.50 18.85 -29.80
CA TRP F 301 16.62 19.32 -30.86
C TRP F 301 16.78 18.54 -32.17
N PRO F 302 18.00 18.29 -32.66
CA PRO F 302 18.11 17.68 -34.00
C PRO F 302 17.55 16.27 -34.10
N GLY F 303 17.62 15.49 -33.03
CA GLY F 303 17.14 14.12 -33.06
C GLY F 303 15.75 13.97 -32.52
N ALA F 304 15.00 15.05 -32.51
CA ALA F 304 13.68 15.09 -31.88
C ALA F 304 12.58 14.79 -32.87
N SER F 305 11.53 14.11 -32.38
CA SER F 305 10.29 14.00 -33.12
C SER F 305 9.57 15.33 -33.08
N SER F 306 8.99 15.73 -34.21
CA SER F 306 8.35 17.04 -34.28
C SER F 306 7.29 17.04 -35.35
N TRP F 307 6.43 18.05 -35.29
CA TRP F 307 5.45 18.33 -36.33
C TRP F 307 5.60 19.76 -36.81
N ALA F 308 5.13 20.02 -38.02
CA ALA F 308 5.28 21.31 -38.67
C ALA F 308 3.93 21.97 -38.87
N LEU F 309 3.82 23.23 -38.49
CA LEU F 309 2.60 23.99 -38.72
C LEU F 309 2.97 25.31 -39.39
N ASN F 310 2.55 25.47 -40.64
CA ASN F 310 2.79 26.69 -41.40
C ASN F 310 4.28 27.07 -41.40
N GLY F 311 5.13 26.07 -41.62
CA GLY F 311 6.55 26.28 -41.73
C GLY F 311 7.30 26.24 -40.42
N ARG F 312 6.64 26.50 -39.29
CA ARG F 312 7.26 26.43 -37.99
C ARG F 312 7.24 25.00 -37.48
N ASN F 313 8.35 24.58 -36.89
CA ASN F 313 8.49 23.24 -36.34
C ASN F 313 8.30 23.31 -34.83
N SER F 314 7.29 22.61 -34.34
CA SER F 314 7.06 22.43 -32.92
C SER F 314 7.40 21.00 -32.55
N LEU F 315 8.10 20.84 -31.44
CA LEU F 315 8.39 19.52 -30.90
C LEU F 315 7.10 18.78 -30.62
N MET F 316 7.14 17.44 -30.72
CA MET F 316 5.98 16.64 -30.34
C MET F 316 6.16 16.34 -28.86
N ASN F 317 5.39 17.06 -28.04
CA ASN F 317 5.52 16.94 -26.60
C ASN F 317 4.14 17.07 -25.96
N PRO F 318 3.81 16.18 -25.03
CA PRO F 318 4.47 14.89 -24.77
C PRO F 318 4.22 13.89 -25.88
N GLY F 319 3.25 14.18 -26.74
CA GLY F 319 2.94 13.33 -27.88
C GLY F 319 1.83 12.36 -27.59
N PRO F 320 1.58 11.43 -28.51
CA PRO F 320 0.59 10.39 -28.25
C PRO F 320 1.01 9.53 -27.07
N ALA F 321 0.02 8.91 -26.44
CA ALA F 321 0.29 8.12 -25.24
C ALA F 321 0.94 6.81 -25.65
N MET F 322 2.14 6.56 -25.14
CA MET F 322 2.87 5.35 -25.41
C MET F 322 3.66 4.96 -24.17
N ALA F 323 3.86 3.66 -24.00
CA ALA F 323 4.65 3.16 -22.89
C ALA F 323 6.05 3.75 -22.94
N SER F 324 6.54 4.20 -21.79
CA SER F 324 7.82 4.90 -21.77
C SER F 324 8.96 3.98 -22.18
N HIS F 325 8.88 2.71 -21.81
CA HIS F 325 9.97 1.79 -22.03
C HIS F 325 9.44 0.37 -21.94
N LYS F 326 10.23 -0.57 -22.47
CA LYS F 326 9.95 -1.98 -22.28
C LYS F 326 10.27 -2.40 -20.85
N GLU F 327 9.64 -3.49 -20.41
CA GLU F 327 9.93 -4.00 -19.08
C GLU F 327 11.37 -4.46 -18.96
N GLY F 328 11.99 -4.10 -17.85
CA GLY F 328 13.40 -4.35 -17.65
C GLY F 328 14.30 -3.24 -18.13
N GLU F 329 13.74 -2.15 -18.67
CA GLU F 329 14.51 -0.96 -18.96
C GLU F 329 13.84 0.22 -18.24
N ASP F 330 14.39 0.65 -17.12
CA ASP F 330 13.90 1.86 -16.48
C ASP F 330 14.75 3.07 -16.85
N ARG F 331 15.91 2.81 -17.46
CA ARG F 331 16.87 3.90 -17.68
C ARG F 331 16.48 4.74 -18.88
N PHE F 332 15.82 4.13 -19.86
CA PHE F 332 15.48 4.83 -21.08
C PHE F 332 14.17 5.59 -20.92
N PHE F 333 14.11 6.77 -21.52
CA PHE F 333 12.88 7.53 -21.59
C PHE F 333 12.79 8.20 -22.95
N PRO F 334 11.56 8.39 -23.45
CA PRO F 334 11.39 9.07 -24.74
C PRO F 334 11.89 10.51 -24.59
N LEU F 335 12.52 11.05 -25.62
CA LEU F 335 13.11 12.37 -25.56
C LEU F 335 12.12 13.47 -25.23
N SER F 336 10.95 13.47 -25.86
CA SER F 336 9.92 14.46 -25.56
C SER F 336 8.61 13.81 -25.13
N GLY F 337 8.64 12.49 -25.02
CA GLY F 337 7.50 11.67 -24.66
C GLY F 337 6.85 11.81 -23.29
N SER F 338 7.65 12.04 -22.26
CA SER F 338 7.11 12.14 -20.90
C SER F 338 7.15 13.53 -20.27
N LEU F 339 6.18 13.76 -19.40
CA LEU F 339 6.08 14.96 -18.57
C LEU F 339 7.20 14.94 -17.54
N ILE F 340 7.91 16.04 -17.40
CA ILE F 340 9.05 16.14 -16.51
C ILE F 340 8.83 17.29 -15.55
N PHE F 341 8.69 16.98 -14.27
CA PHE F 341 8.49 17.99 -13.24
C PHE F 341 9.81 18.33 -12.56
N GLY F 342 9.97 19.60 -12.23
CA GLY F 342 11.10 20.06 -11.44
C GLY F 342 10.81 19.90 -9.96
N LYS F 343 11.86 19.55 -9.21
CA LYS F 343 11.77 19.45 -7.76
C LYS F 343 11.75 20.84 -7.13
N GLN F 344 11.33 20.90 -5.87
CA GLN F 344 11.25 22.17 -5.17
C GLN F 344 12.58 22.90 -5.18
N GLY F 345 12.55 24.14 -5.65
CA GLY F 345 13.74 24.96 -5.70
C GLY F 345 14.71 24.58 -6.81
N THR F 346 14.19 24.05 -7.91
CA THR F 346 15.00 23.67 -9.05
C THR F 346 15.18 24.88 -9.95
N GLY F 347 16.38 24.99 -10.53
CA GLY F 347 16.68 26.15 -11.34
C GLY F 347 15.86 26.19 -12.62
N ARG F 348 16.05 27.28 -13.36
CA ARG F 348 15.31 27.49 -14.60
C ARG F 348 15.94 26.75 -15.78
N ASP F 349 17.26 26.76 -15.88
CA ASP F 349 17.94 26.42 -17.11
C ASP F 349 19.09 25.45 -16.86
N ASN F 350 19.13 24.40 -17.68
CA ASN F 350 20.24 23.44 -17.71
C ASN F 350 20.52 22.84 -16.34
N VAL F 351 19.46 22.41 -15.66
CA VAL F 351 19.61 21.68 -14.41
C VAL F 351 19.91 20.21 -14.70
N ASP F 352 20.57 19.55 -13.75
CA ASP F 352 20.91 18.15 -13.89
C ASP F 352 19.69 17.25 -13.73
N ALA F 353 19.82 16.00 -14.17
CA ALA F 353 18.68 15.08 -14.17
C ALA F 353 18.24 14.73 -12.77
N ASP F 354 19.06 14.99 -11.76
CA ASP F 354 18.63 14.76 -10.38
C ASP F 354 17.85 15.94 -9.83
N LYS F 355 17.69 17.01 -10.62
CA LYS F 355 16.92 18.16 -10.17
C LYS F 355 15.46 18.05 -10.61
N VAL F 356 15.16 17.07 -11.46
CA VAL F 356 13.85 16.98 -12.11
C VAL F 356 13.27 15.61 -11.88
N MET F 357 11.97 15.48 -12.13
CA MET F 357 11.27 14.22 -11.95
C MET F 357 10.63 13.81 -13.27
N ILE F 358 11.18 12.75 -13.88
CA ILE F 358 10.67 12.28 -15.16
C ILE F 358 9.62 11.20 -14.96
N THR F 359 8.37 11.53 -15.28
CA THR F 359 7.30 10.56 -15.16
C THR F 359 7.42 9.50 -16.25
N ASN F 360 6.93 8.30 -15.97
CA ASN F 360 6.98 7.24 -16.96
C ASN F 360 5.61 6.59 -17.01
N GLU F 361 5.27 6.02 -18.15
CA GLU F 361 3.99 5.35 -18.30
C GLU F 361 4.29 3.88 -18.47
N GLU F 362 4.35 3.14 -17.37
CA GLU F 362 4.61 1.70 -17.51
C GLU F 362 3.32 0.90 -17.49
N GLU F 363 2.19 1.54 -17.22
CA GLU F 363 0.95 0.79 -17.04
C GLU F 363 0.22 0.62 -18.35
N ILE F 364 0.60 1.38 -19.38
CA ILE F 364 -0.08 1.29 -20.66
C ILE F 364 0.65 0.41 -21.66
N LYS F 365 1.76 -0.22 -21.25
CA LYS F 365 2.46 -1.14 -22.15
C LYS F 365 1.60 -2.32 -22.56
N THR F 366 0.49 -2.56 -21.86
CA THR F 366 -0.40 -3.65 -22.24
C THR F 366 -1.14 -3.33 -23.53
N THR F 367 -1.79 -2.17 -23.60
CA THR F 367 -2.50 -1.77 -24.81
C THR F 367 -1.73 -0.79 -25.69
N ASN F 368 -0.59 -0.27 -25.25
CA ASN F 368 -0.01 0.79 -26.06
C ASN F 368 1.41 0.43 -26.48
N PRO F 369 1.80 0.75 -27.71
CA PRO F 369 3.15 0.45 -28.16
C PRO F 369 4.17 1.29 -27.42
N VAL F 370 5.40 0.78 -27.39
CA VAL F 370 6.48 1.49 -26.71
C VAL F 370 6.88 2.70 -27.55
N ALA F 371 7.14 3.82 -26.87
CA ALA F 371 7.37 5.08 -27.57
C ALA F 371 8.66 5.05 -28.39
N THR F 372 9.67 4.32 -27.94
CA THR F 372 10.97 4.29 -28.59
C THR F 372 11.11 3.14 -29.57
N GLU F 373 10.04 2.41 -29.85
CA GLU F 373 10.05 1.28 -30.76
C GLU F 373 9.19 1.57 -31.98
N SER F 374 9.44 0.83 -33.05
CA SER F 374 8.58 0.90 -34.21
C SER F 374 7.26 0.20 -33.94
N TYR F 375 6.23 0.57 -34.70
CA TYR F 375 4.94 -0.08 -34.53
C TYR F 375 5.02 -1.55 -34.94
N GLY F 376 5.72 -1.84 -36.02
CA GLY F 376 5.83 -3.20 -36.50
C GLY F 376 6.49 -3.24 -37.86
N GLN F 377 6.25 -4.31 -38.59
CA GLN F 377 6.78 -4.50 -39.93
C GLN F 377 5.64 -4.65 -40.93
N VAL F 378 5.90 -4.24 -42.17
CA VAL F 378 4.97 -4.42 -43.28
C VAL F 378 5.73 -4.97 -44.47
N ALA F 379 5.00 -5.65 -45.34
CA ALA F 379 5.57 -6.16 -46.57
C ALA F 379 5.77 -5.02 -47.55
N THR F 380 6.98 -4.88 -48.08
CA THR F 380 7.28 -3.79 -48.98
C THR F 380 7.29 -4.17 -50.46
N ASN F 381 7.09 -5.44 -50.81
CA ASN F 381 7.16 -5.80 -52.23
C ASN F 381 6.23 -6.97 -52.52
N HIS F 382 6.20 -7.37 -53.78
CA HIS F 382 5.63 -8.63 -54.23
C HIS F 382 6.77 -9.62 -54.39
N GLN F 383 6.76 -10.68 -53.60
CA GLN F 383 7.71 -11.76 -53.82
C GLN F 383 7.36 -12.50 -55.11
N SER F 384 8.33 -13.22 -55.63
CA SER F 384 8.16 -14.06 -56.81
C SER F 384 9.34 -15.01 -56.85
N ALA F 385 9.41 -15.81 -57.92
CA ALA F 385 10.51 -16.75 -58.05
C ALA F 385 11.86 -16.05 -58.07
N GLN F 386 11.90 -14.82 -58.56
CA GLN F 386 13.16 -14.08 -58.68
C GLN F 386 13.40 -13.07 -57.55
N ALA F 387 12.47 -12.88 -56.63
CA ALA F 387 12.60 -11.81 -55.64
C ALA F 387 12.18 -12.29 -54.27
N GLN F 388 13.00 -11.98 -53.26
CA GLN F 388 12.69 -12.36 -51.89
C GLN F 388 11.62 -11.46 -51.30
N ALA F 389 10.98 -11.97 -50.25
CA ALA F 389 10.06 -11.16 -49.46
C ALA F 389 10.84 -10.07 -48.75
N GLN F 390 10.39 -8.83 -48.91
CA GLN F 390 11.01 -7.68 -48.28
C GLN F 390 10.03 -7.08 -47.29
N THR F 391 10.54 -6.61 -46.17
CA THR F 391 9.74 -5.95 -45.14
C THR F 391 10.37 -4.62 -44.78
N GLY F 392 9.59 -3.79 -44.11
CA GLY F 392 10.07 -2.50 -43.65
C GLY F 392 9.40 -2.13 -42.36
N TRP F 393 10.05 -1.24 -41.62
CA TRP F 393 9.57 -0.86 -40.29
C TRP F 393 8.53 0.25 -40.41
N VAL F 394 7.52 0.17 -39.55
CA VAL F 394 6.53 1.23 -39.41
C VAL F 394 7.00 2.13 -38.27
N GLN F 395 7.46 3.32 -38.62
CA GLN F 395 7.95 4.25 -37.60
C GLN F 395 6.81 5.01 -36.96
N ASN F 396 5.81 5.42 -37.74
CA ASN F 396 4.61 6.05 -37.23
C ASN F 396 3.40 5.34 -37.79
N GLN F 397 2.37 5.21 -36.98
CA GLN F 397 1.14 4.53 -37.40
C GLN F 397 -0.06 5.32 -36.92
N GLY F 398 -0.92 5.70 -37.84
CA GLY F 398 -2.16 6.35 -37.49
C GLY F 398 -3.17 5.38 -36.90
N ILE F 399 -4.42 5.82 -36.85
CA ILE F 399 -5.48 4.96 -36.35
C ILE F 399 -5.85 3.92 -37.39
N LEU F 400 -6.07 2.69 -36.94
CA LEU F 400 -6.65 1.62 -37.72
C LEU F 400 -7.90 1.09 -37.02
N PRO F 401 -8.89 0.63 -37.76
CA PRO F 401 -10.06 0.02 -37.11
C PRO F 401 -9.66 -1.21 -36.32
N GLY F 402 -10.21 -1.34 -35.13
CA GLY F 402 -9.86 -2.43 -34.24
C GLY F 402 -8.76 -2.12 -33.25
N MET F 403 -8.31 -0.88 -33.15
CA MET F 403 -7.34 -0.51 -32.13
C MET F 403 -8.00 -0.23 -30.79
N VAL F 404 -7.22 -0.44 -29.73
CA VAL F 404 -7.59 -0.02 -28.38
C VAL F 404 -6.35 0.56 -27.72
N TRP F 405 -6.55 1.57 -26.88
CA TRP F 405 -5.42 2.25 -26.24
C TRP F 405 -5.88 2.89 -24.95
N GLN F 406 -4.90 3.29 -24.15
CA GLN F 406 -5.13 4.04 -22.93
C GLN F 406 -4.67 5.48 -23.12
N ASP F 407 -5.33 6.39 -22.42
CA ASP F 407 -4.88 7.78 -22.42
C ASP F 407 -3.71 7.95 -21.46
N ARG F 408 -3.16 9.14 -21.41
CA ARG F 408 -2.04 9.40 -20.52
C ARG F 408 -2.53 9.56 -19.09
N ASP F 409 -1.71 9.10 -18.16
CA ASP F 409 -2.04 9.15 -16.74
C ASP F 409 -2.06 10.61 -16.26
N VAL F 410 -2.73 10.82 -15.15
CA VAL F 410 -2.77 12.12 -14.48
C VAL F 410 -1.97 12.00 -13.18
N TYR F 411 -1.43 13.12 -12.74
CA TYR F 411 -0.54 13.15 -11.59
C TYR F 411 -1.02 14.19 -10.59
N LEU F 412 -0.60 14.02 -9.33
CA LEU F 412 -0.91 15.01 -8.31
C LEU F 412 -0.45 16.40 -8.74
N GLN F 413 0.70 16.48 -9.38
CA GLN F 413 1.29 17.74 -9.82
C GLN F 413 0.80 18.19 -11.19
N GLY F 414 -0.05 17.41 -11.85
CA GLY F 414 -0.33 17.63 -13.25
C GLY F 414 -1.59 18.44 -13.52
N PRO F 415 -1.84 18.74 -14.79
CA PRO F 415 -3.06 19.48 -15.15
C PRO F 415 -4.30 18.62 -14.98
N ILE F 416 -5.44 19.30 -14.95
CA ILE F 416 -6.72 18.64 -14.74
C ILE F 416 -7.50 18.60 -16.04
N TRP F 417 -7.84 19.78 -16.56
CA TRP F 417 -8.64 19.90 -17.76
C TRP F 417 -7.91 20.71 -18.82
N ALA F 418 -8.42 20.63 -20.04
CA ALA F 418 -7.97 21.47 -21.14
C ALA F 418 -9.18 21.85 -21.97
N LYS F 419 -9.06 22.92 -22.74
CA LYS F 419 -10.12 23.34 -23.65
C LYS F 419 -9.89 22.68 -25.00
N ILE F 420 -10.85 21.88 -25.43
CA ILE F 420 -10.82 21.35 -26.80
C ILE F 420 -10.90 22.52 -27.77
N PRO F 421 -9.96 22.65 -28.70
CA PRO F 421 -10.07 23.73 -29.70
C PRO F 421 -11.36 23.59 -30.48
N HIS F 422 -11.92 24.73 -30.87
CA HIS F 422 -13.20 24.75 -31.56
C HIS F 422 -12.93 24.63 -33.04
N THR F 423 -13.24 23.47 -33.61
CA THR F 423 -12.80 23.11 -34.96
C THR F 423 -13.88 22.28 -35.64
N ASP F 424 -13.71 22.09 -36.95
CA ASP F 424 -14.63 21.25 -37.69
C ASP F 424 -14.58 19.80 -37.22
N GLY F 425 -13.39 19.30 -36.93
CA GLY F 425 -13.26 17.92 -36.51
C GLY F 425 -12.10 17.69 -35.58
N ASN F 426 -12.22 16.63 -34.80
CA ASN F 426 -11.19 16.18 -33.88
C ASN F 426 -11.40 14.71 -33.62
N PHE F 427 -10.37 14.05 -33.10
CA PHE F 427 -10.47 12.64 -32.77
C PHE F 427 -9.96 12.41 -31.36
N HIS F 428 -10.77 11.74 -30.55
CA HIS F 428 -10.46 11.37 -29.18
C HIS F 428 -9.92 12.60 -28.45
N PRO F 429 -10.79 13.55 -28.16
CA PRO F 429 -10.34 14.89 -27.76
C PRO F 429 -9.49 14.98 -26.50
N SER F 430 -9.36 13.89 -25.75
CA SER F 430 -8.60 13.91 -24.51
C SER F 430 -7.24 14.59 -24.71
N PRO F 431 -6.88 15.56 -23.86
CA PRO F 431 -5.66 16.34 -24.10
C PRO F 431 -4.41 15.51 -23.86
N LEU F 432 -3.40 15.76 -24.69
CA LEU F 432 -2.23 14.89 -24.71
C LEU F 432 -1.38 14.99 -23.45
N MET F 433 -1.32 16.16 -22.80
CA MET F 433 -0.62 16.22 -21.53
C MET F 433 -1.38 15.54 -20.40
N GLY F 434 -2.59 15.10 -20.65
CA GLY F 434 -3.36 14.34 -19.68
C GLY F 434 -4.51 15.14 -19.10
N GLY F 435 -5.50 14.41 -18.61
CA GLY F 435 -6.68 15.01 -18.02
C GLY F 435 -7.88 15.02 -18.93
N PHE F 436 -8.82 15.89 -18.59
CA PHE F 436 -10.16 15.89 -19.15
C PHE F 436 -10.27 16.97 -20.23
N GLY F 437 -10.55 16.56 -21.46
CA GLY F 437 -10.82 17.52 -22.51
C GLY F 437 -12.27 17.97 -22.47
N MET F 438 -12.48 19.26 -22.72
CA MET F 438 -13.80 19.85 -22.60
C MET F 438 -13.98 20.92 -23.67
N LYS F 439 -15.16 20.97 -24.27
CA LYS F 439 -15.48 22.08 -25.15
C LYS F 439 -15.87 23.33 -24.37
N HIS F 440 -16.31 23.19 -23.13
CA HIS F 440 -16.59 24.31 -22.25
C HIS F 440 -15.93 24.04 -20.91
N PRO F 441 -14.63 24.32 -20.80
CA PRO F 441 -13.92 24.07 -19.55
C PRO F 441 -14.30 25.10 -18.50
N PRO F 442 -13.79 24.97 -17.27
CA PRO F 442 -14.02 26.01 -16.27
C PRO F 442 -13.51 27.35 -16.76
N PRO F 443 -14.30 28.41 -16.58
CA PRO F 443 -14.02 29.66 -17.29
C PRO F 443 -12.85 30.43 -16.67
N GLN F 444 -12.21 31.22 -17.54
CA GLN F 444 -11.16 32.12 -17.08
C GLN F 444 -11.75 33.21 -16.20
N ILE F 445 -11.09 33.46 -15.07
CA ILE F 445 -11.53 34.42 -14.08
C ILE F 445 -10.51 35.54 -14.05
N LEU F 446 -10.88 36.71 -14.57
CA LEU F 446 -9.95 37.81 -14.78
C LEU F 446 -10.07 38.83 -13.65
N ILE F 447 -8.93 39.36 -13.22
CA ILE F 447 -8.90 40.23 -12.06
C ILE F 447 -7.83 41.29 -12.26
N LYS F 448 -8.12 42.51 -11.85
CA LYS F 448 -7.11 43.56 -11.82
C LYS F 448 -7.53 44.65 -10.85
N ASN F 449 -6.55 45.47 -10.48
CA ASN F 449 -6.81 46.68 -9.72
C ASN F 449 -7.38 47.76 -10.62
N THR F 450 -8.44 48.43 -10.17
CA THR F 450 -8.95 49.57 -10.91
C THR F 450 -8.00 50.75 -10.73
N PRO F 451 -7.58 51.41 -11.81
CA PRO F 451 -6.57 52.46 -11.65
C PRO F 451 -7.13 53.69 -10.95
N VAL F 452 -6.33 54.23 -10.03
CA VAL F 452 -6.67 55.46 -9.33
C VAL F 452 -5.66 56.52 -9.71
N PRO F 453 -6.05 57.52 -10.49
CA PRO F 453 -5.07 58.50 -10.98
C PRO F 453 -4.56 59.40 -9.85
N ASN F 466 -1.27 59.49 -17.23
CA ASN F 466 -0.45 58.29 -17.08
C ASN F 466 0.22 58.20 -15.71
N SER F 467 -0.06 59.17 -14.84
CA SER F 467 0.47 59.17 -13.49
C SER F 467 -0.58 58.53 -12.58
N PHE F 468 -0.15 57.54 -11.80
CA PHE F 468 -1.07 56.74 -11.00
C PHE F 468 -0.48 56.48 -9.63
N ILE F 469 -1.35 56.50 -8.63
CA ILE F 469 -0.99 56.06 -7.28
C ILE F 469 -0.57 54.60 -7.33
N THR F 470 0.57 54.29 -6.71
CA THR F 470 1.04 52.91 -6.64
C THR F 470 0.19 52.10 -5.67
N GLN F 471 -0.27 50.95 -6.11
CA GLN F 471 -1.37 50.28 -5.42
C GLN F 471 -1.31 48.78 -5.69
N TYR F 472 -1.84 48.00 -4.74
CA TYR F 472 -1.99 46.56 -4.96
C TYR F 472 -3.07 46.04 -4.03
N SER F 473 -3.56 44.85 -4.34
CA SER F 473 -4.64 44.22 -3.58
C SER F 473 -4.24 42.83 -3.10
N THR F 474 -4.93 42.38 -2.06
CA THR F 474 -4.78 41.04 -1.53
C THR F 474 -6.10 40.60 -0.94
N GLY F 475 -6.25 39.29 -0.75
CA GLY F 475 -7.52 38.77 -0.30
C GLY F 475 -7.46 37.27 -0.11
N GLN F 476 -8.62 36.64 -0.14
CA GLN F 476 -8.75 35.19 -0.03
C GLN F 476 -9.50 34.67 -1.25
N VAL F 477 -9.27 33.40 -1.56
CA VAL F 477 -9.99 32.70 -2.61
C VAL F 477 -10.34 31.31 -2.10
N SER F 478 -11.58 30.90 -2.29
CA SER F 478 -12.02 29.55 -1.98
C SER F 478 -12.58 28.90 -3.23
N VAL F 479 -12.17 27.67 -3.48
CA VAL F 479 -12.65 26.89 -4.62
C VAL F 479 -13.14 25.54 -4.12
N GLU F 480 -14.27 25.10 -4.64
CA GLU F 480 -14.91 23.86 -4.22
C GLU F 480 -15.29 23.07 -5.46
N ILE F 481 -14.74 21.86 -5.59
CA ILE F 481 -15.03 20.98 -6.72
C ILE F 481 -15.59 19.68 -6.18
N GLU F 482 -16.66 19.20 -6.80
CA GLU F 482 -17.28 17.93 -6.46
C GLU F 482 -16.85 16.89 -7.48
N TRP F 483 -16.38 15.75 -6.98
CA TRP F 483 -15.79 14.71 -7.81
C TRP F 483 -16.62 13.45 -7.70
N GLU F 484 -17.02 12.89 -8.84
CA GLU F 484 -17.72 11.62 -8.89
C GLU F 484 -16.69 10.50 -8.94
N LEU F 485 -16.99 9.40 -8.25
CA LEU F 485 -16.08 8.27 -8.13
C LEU F 485 -16.65 7.04 -8.81
N GLN F 486 -15.76 6.15 -9.23
CA GLN F 486 -16.15 4.84 -9.75
C GLN F 486 -15.49 3.79 -8.89
N LYS F 487 -16.30 3.03 -8.15
CA LYS F 487 -15.78 2.09 -7.16
C LYS F 487 -15.27 0.81 -7.81
N GLU F 488 -14.34 0.17 -7.10
CA GLU F 488 -13.61 -0.99 -7.61
C GLU F 488 -14.32 -2.29 -7.23
N ASN F 489 -14.76 -3.03 -8.24
CA ASN F 489 -15.60 -4.23 -8.09
C ASN F 489 -14.81 -5.55 -8.18
N SER F 490 -13.49 -5.49 -8.24
CA SER F 490 -12.68 -6.64 -8.65
C SER F 490 -12.89 -7.88 -7.78
N LYS F 491 -12.80 -9.04 -8.43
CA LYS F 491 -12.80 -10.35 -7.79
C LYS F 491 -11.39 -10.92 -7.61
N ARG F 492 -10.35 -10.14 -7.92
CA ARG F 492 -8.98 -10.58 -7.77
C ARG F 492 -8.73 -11.14 -6.37
N TRP F 493 -8.05 -12.29 -6.31
CA TRP F 493 -7.83 -12.95 -5.03
C TRP F 493 -6.65 -12.36 -4.28
N ASN F 494 -5.51 -12.18 -4.97
CA ASN F 494 -4.31 -11.69 -4.33
C ASN F 494 -4.35 -10.18 -4.17
N PRO F 495 -3.65 -9.64 -3.18
CA PRO F 495 -3.74 -8.20 -2.91
C PRO F 495 -3.17 -7.34 -4.03
N GLU F 496 -3.70 -6.12 -4.12
CA GLU F 496 -3.34 -5.09 -5.08
C GLU F 496 -2.02 -4.41 -4.75
N ILE F 497 -1.47 -3.73 -5.75
CA ILE F 497 -0.43 -2.74 -5.54
C ILE F 497 -1.07 -1.43 -5.08
N GLN F 498 -0.55 -0.87 -4.00
CA GLN F 498 -1.10 0.34 -3.40
C GLN F 498 0.00 1.39 -3.36
N TYR F 499 -0.41 2.66 -3.29
CA TYR F 499 0.55 3.72 -3.05
C TYR F 499 0.78 3.83 -1.56
N THR F 500 2.04 3.76 -1.15
CA THR F 500 2.37 3.75 0.26
C THR F 500 3.53 4.68 0.54
N SER F 501 3.56 5.19 1.75
CA SER F 501 4.74 5.89 2.25
C SER F 501 5.75 4.88 2.80
N ASN F 502 7.03 5.18 2.62
CA ASN F 502 8.10 4.29 3.05
C ASN F 502 8.31 4.47 4.55
N TYR F 503 8.55 3.36 5.26
CA TYR F 503 8.58 3.43 6.71
C TYR F 503 9.91 3.94 7.24
N TYR F 504 11.00 3.65 6.54
CA TYR F 504 12.33 3.79 7.15
C TYR F 504 12.62 5.25 7.50
N LYS F 505 13.46 5.46 8.51
CA LYS F 505 13.64 6.77 9.09
C LYS F 505 14.33 7.73 8.13
N SER F 506 13.97 9.00 8.22
CA SER F 506 14.48 10.04 7.34
C SER F 506 14.55 11.35 8.12
N ASN F 507 15.39 12.27 7.61
CA ASN F 507 15.50 13.58 8.24
C ASN F 507 14.22 14.39 8.09
N ASN F 508 13.47 14.16 7.02
CA ASN F 508 12.25 14.92 6.75
C ASN F 508 11.09 13.97 6.52
N VAL F 509 9.88 14.47 6.76
CA VAL F 509 8.67 13.78 6.35
C VAL F 509 8.35 14.13 4.90
N GLU F 510 8.06 13.11 4.10
CA GLU F 510 7.68 13.35 2.71
C GLU F 510 6.33 14.05 2.64
N PHE F 511 6.23 15.03 1.74
CA PHE F 511 5.05 15.89 1.61
C PHE F 511 4.79 16.67 2.89
N ALA F 512 5.83 17.31 3.40
CA ALA F 512 5.75 18.14 4.59
C ALA F 512 6.77 19.27 4.47
N VAL F 513 6.81 20.13 5.48
CA VAL F 513 7.76 21.24 5.51
C VAL F 513 9.11 20.75 6.00
N ASN F 514 10.16 21.45 5.62
CA ASN F 514 11.48 21.21 6.19
C ASN F 514 11.71 22.15 7.37
N THR F 515 12.93 22.20 7.89
CA THR F 515 13.21 23.05 9.05
C THR F 515 13.14 24.52 8.70
N GLU F 516 13.20 24.86 7.42
CA GLU F 516 13.13 26.26 7.02
C GLU F 516 11.72 26.64 6.59
N GLY F 517 10.79 25.71 6.70
CA GLY F 517 9.40 25.99 6.34
C GLY F 517 9.05 25.74 4.90
N VAL F 518 9.97 25.28 4.05
CA VAL F 518 9.65 25.06 2.65
C VAL F 518 8.88 23.77 2.49
N TYR F 519 7.76 23.84 1.78
CA TYR F 519 6.98 22.67 1.43
C TYR F 519 7.48 22.11 0.10
N SER F 520 7.53 20.78 0.01
CA SER F 520 8.02 20.14 -1.19
C SER F 520 7.25 18.85 -1.43
N GLU F 521 7.18 18.46 -2.70
CA GLU F 521 6.59 17.21 -3.10
C GLU F 521 7.67 16.34 -3.70
N PRO F 522 8.12 15.28 -3.03
CA PRO F 522 9.37 14.62 -3.43
C PRO F 522 9.26 13.83 -4.73
N ARG F 523 8.08 13.33 -5.07
CA ARG F 523 7.96 12.50 -6.26
C ARG F 523 6.60 12.69 -6.93
N PRO F 524 6.50 12.47 -8.24
CA PRO F 524 5.19 12.52 -8.89
C PRO F 524 4.39 11.27 -8.56
N ILE F 525 3.09 11.44 -8.33
CA ILE F 525 2.22 10.33 -7.99
C ILE F 525 1.22 10.16 -9.12
N GLY F 526 1.28 9.03 -9.82
CA GLY F 526 0.25 8.69 -10.76
C GLY F 526 -1.00 8.22 -10.07
N THR F 527 -2.04 7.99 -10.88
CA THR F 527 -3.31 7.53 -10.36
C THR F 527 -3.53 6.02 -10.53
N ARG F 528 -2.62 5.30 -11.16
CA ARG F 528 -2.89 3.94 -11.63
C ARG F 528 -2.17 2.92 -10.76
N TYR F 529 -2.94 2.23 -9.92
CA TYR F 529 -2.44 1.21 -9.01
C TYR F 529 -3.30 -0.04 -9.08
N LEU F 530 -4.60 0.12 -8.88
CA LEU F 530 -5.54 -1.00 -8.96
C LEU F 530 -5.61 -1.58 -10.37
N THR F 531 -5.96 -2.85 -10.48
CA THR F 531 -6.01 -3.49 -11.79
C THR F 531 -7.38 -3.92 -12.27
N ARG F 532 -7.51 -4.01 -13.58
CA ARG F 532 -8.74 -4.42 -14.24
C ARG F 532 -8.38 -5.41 -15.33
N ASN F 533 -9.35 -6.21 -15.72
CA ASN F 533 -9.14 -7.18 -16.80
C ASN F 533 -9.22 -6.43 -18.12
N LEU F 534 -8.66 -7.01 -19.16
CA LEU F 534 -8.64 -6.35 -20.45
C LEU F 534 -9.82 -6.78 -21.31
N GLN G 1 37.42 -23.23 16.63
CA GLN G 1 36.84 -22.01 16.06
C GLN G 1 36.22 -22.29 14.71
N VAL G 2 35.32 -21.43 14.29
CA VAL G 2 34.65 -21.58 13.02
C VAL G 2 35.64 -21.45 11.88
N GLN G 3 35.57 -22.35 10.91
CA GLN G 3 36.45 -22.28 9.75
C GLN G 3 35.74 -22.73 8.49
N VAL G 4 36.09 -22.12 7.37
CA VAL G 4 35.53 -22.48 6.08
C VAL G 4 36.72 -22.71 5.18
N VAL G 5 37.06 -23.99 5.01
CA VAL G 5 38.23 -24.39 4.23
C VAL G 5 37.82 -24.46 2.77
N GLU G 6 38.33 -23.54 1.98
CA GLU G 6 38.04 -23.51 0.56
C GLU G 6 38.91 -24.52 -0.17
N SER G 7 38.44 -24.98 -1.33
CA SER G 7 39.11 -26.05 -2.04
C SER G 7 40.40 -25.56 -2.72
N GLY G 8 40.96 -26.44 -3.55
CA GLY G 8 42.23 -26.12 -4.17
C GLY G 8 42.04 -25.42 -5.51
N ALA G 9 43.05 -24.63 -5.89
CA ALA G 9 43.02 -23.93 -7.17
C ALA G 9 43.10 -24.92 -8.33
N GLU G 10 42.48 -24.56 -9.45
CA GLU G 10 42.42 -25.44 -10.60
C GLU G 10 42.60 -24.63 -11.88
N VAL G 11 42.84 -25.34 -12.97
CA VAL G 11 43.02 -24.74 -14.30
C VAL G 11 42.16 -25.51 -15.28
N LYS G 12 41.30 -24.80 -16.00
CA LYS G 12 40.28 -25.42 -16.83
C LYS G 12 40.27 -24.78 -18.22
N LYS G 13 39.92 -25.59 -19.21
CA LYS G 13 39.70 -25.09 -20.57
C LYS G 13 38.24 -24.73 -20.80
N PRO G 14 37.95 -23.87 -21.78
CA PRO G 14 36.56 -23.52 -22.07
C PRO G 14 35.72 -24.74 -22.41
N GLY G 15 34.48 -24.74 -21.92
CA GLY G 15 33.60 -25.88 -22.03
C GLY G 15 33.69 -26.86 -20.89
N ALA G 16 34.78 -26.88 -20.15
CA ALA G 16 34.92 -27.75 -18.99
C ALA G 16 34.00 -27.28 -17.87
N SER G 17 33.81 -28.16 -16.89
CA SER G 17 32.97 -27.84 -15.74
C SER G 17 33.82 -27.95 -14.48
N VAL G 18 33.74 -26.94 -13.62
CA VAL G 18 34.52 -26.92 -12.40
C VAL G 18 33.65 -26.93 -11.16
N LYS G 19 33.99 -27.79 -10.21
CA LYS G 19 33.24 -27.88 -8.97
C LYS G 19 34.15 -27.47 -7.84
N VAL G 20 33.72 -26.49 -7.05
CA VAL G 20 34.51 -26.03 -5.93
C VAL G 20 33.82 -26.44 -4.65
N SER G 21 34.55 -27.12 -3.77
CA SER G 21 33.97 -27.57 -2.51
C SER G 21 34.35 -26.63 -1.38
N CYS G 22 33.45 -26.54 -0.40
CA CYS G 22 33.62 -25.68 0.76
C CYS G 22 33.30 -26.47 2.02
N LYS G 23 34.31 -26.71 2.85
CA LYS G 23 34.18 -27.56 4.01
C LYS G 23 34.16 -26.73 5.29
N ALA G 24 33.05 -26.79 6.00
CA ALA G 24 32.86 -26.03 7.23
C ALA G 24 33.02 -26.95 8.44
N SER G 25 33.61 -26.42 9.50
CA SER G 25 33.77 -27.18 10.72
C SER G 25 33.81 -26.23 11.90
N GLY G 26 33.33 -26.71 13.05
CA GLY G 26 33.37 -25.93 14.27
C GLY G 26 32.07 -25.30 14.67
N TYR G 27 30.98 -25.60 13.96
CA TYR G 27 29.68 -25.04 14.30
C TYR G 27 28.59 -25.91 13.67
N ALA G 28 27.33 -25.49 13.77
CA ALA G 28 26.25 -26.29 13.21
C ALA G 28 26.08 -26.00 11.72
N PHE G 29 26.32 -27.02 10.91
CA PHE G 29 26.23 -26.88 9.45
C PHE G 29 24.85 -26.56 8.92
N THR G 30 23.84 -27.23 9.48
CA THR G 30 22.45 -27.06 9.06
C THR G 30 21.86 -25.67 9.30
N THR G 31 22.26 -25.03 10.39
CA THR G 31 21.72 -23.72 10.77
C THR G 31 21.90 -22.53 9.84
N TYR G 32 23.05 -22.40 9.21
CA TYR G 32 23.30 -21.22 8.38
C TYR G 32 23.16 -21.30 6.86
N TYR G 33 22.86 -20.15 6.27
CA TYR G 33 22.88 -19.96 4.82
C TYR G 33 24.33 -19.93 4.34
N MET G 34 24.54 -20.29 3.08
CA MET G 34 25.85 -20.26 2.47
C MET G 34 25.76 -19.54 1.12
N HIS G 35 26.60 -18.52 0.96
CA HIS G 35 26.63 -17.71 -0.25
C HIS G 35 27.89 -18.01 -1.04
N TRP G 36 27.76 -17.97 -2.36
CA TRP G 36 28.90 -18.08 -3.28
C TRP G 36 29.04 -16.77 -4.02
N VAL G 37 30.24 -16.20 -3.99
CA VAL G 37 30.53 -14.92 -4.62
C VAL G 37 31.90 -14.99 -5.27
N ARG G 38 31.97 -14.60 -6.54
CA ARG G 38 33.20 -14.66 -7.32
C ARG G 38 33.76 -13.25 -7.48
N GLN G 39 35.08 -13.15 -7.54
CA GLN G 39 35.75 -11.89 -7.79
C GLN G 39 36.77 -12.09 -8.90
N ALA G 40 36.57 -11.38 -10.00
CA ALA G 40 37.54 -11.38 -11.08
C ALA G 40 38.86 -10.80 -10.57
N PRO G 41 39.97 -11.10 -11.24
CA PRO G 41 41.29 -10.65 -10.73
C PRO G 41 41.37 -9.16 -10.45
N GLY G 42 40.84 -8.31 -11.33
CA GLY G 42 40.87 -6.88 -11.10
C GLY G 42 39.55 -6.22 -10.79
N GLN G 43 38.49 -6.98 -10.52
CA GLN G 43 37.14 -6.46 -10.52
C GLN G 43 36.48 -6.68 -9.16
N GLY G 44 35.34 -6.01 -8.96
CA GLY G 44 34.64 -6.11 -7.70
C GLY G 44 33.93 -7.44 -7.53
N LEU G 45 33.24 -7.55 -6.39
CA LEU G 45 32.59 -8.80 -6.03
C LEU G 45 31.32 -9.01 -6.83
N GLU G 46 31.03 -10.28 -7.12
CA GLU G 46 29.83 -10.63 -7.86
C GLU G 46 29.16 -11.82 -7.20
N TRP G 47 27.92 -11.62 -6.77
CA TRP G 47 27.15 -12.66 -6.09
C TRP G 47 26.65 -13.67 -7.10
N MET G 48 26.77 -14.95 -6.76
CA MET G 48 26.44 -16.02 -7.69
C MET G 48 25.17 -16.75 -7.30
N GLY G 49 25.13 -17.34 -6.11
CA GLY G 49 23.94 -18.03 -5.67
C GLY G 49 23.84 -18.11 -4.17
N LEU G 50 22.82 -18.81 -3.71
CA LEU G 50 22.46 -18.95 -2.32
C LEU G 50 21.90 -20.34 -2.08
N ILE G 51 22.22 -20.91 -0.92
CA ILE G 51 21.63 -22.18 -0.50
C ILE G 51 21.21 -22.05 0.95
N ASN G 52 19.99 -22.50 1.25
CA ASN G 52 19.40 -22.26 2.54
C ASN G 52 19.92 -23.26 3.57
N PRO G 53 19.70 -23.01 4.86
CA PRO G 53 20.23 -23.93 5.88
C PRO G 53 19.81 -25.38 5.68
N SER G 54 18.64 -25.61 5.11
CA SER G 54 18.15 -26.97 4.93
C SER G 54 18.70 -27.67 3.69
N GLY G 55 19.03 -26.89 2.69
CA GLY G 55 19.55 -27.40 1.43
C GLY G 55 18.46 -27.55 0.39
N ASP G 56 17.20 -27.51 0.82
CA ASP G 56 16.07 -27.62 -0.10
C ASP G 56 15.87 -26.45 -1.07
N SER G 57 16.08 -25.23 -0.59
CA SER G 57 15.88 -24.06 -1.43
C SER G 57 17.17 -23.38 -1.86
N ILE G 58 17.30 -23.13 -3.15
CA ILE G 58 18.47 -22.49 -3.72
C ILE G 58 18.09 -21.37 -4.68
N THR G 59 18.77 -20.23 -4.56
CA THR G 59 18.57 -19.10 -5.45
C THR G 59 19.87 -18.85 -6.20
N TYR G 60 19.76 -18.50 -7.48
CA TYR G 60 20.90 -18.19 -8.32
C TYR G 60 20.77 -16.78 -8.86
N ALA G 61 21.91 -16.16 -9.10
CA ALA G 61 21.93 -14.94 -9.89
C ALA G 61 21.44 -15.27 -11.30
N GLN G 62 20.77 -14.29 -11.90
CA GLN G 62 20.12 -14.53 -13.19
C GLN G 62 21.15 -14.83 -14.27
N ARG G 63 22.31 -14.18 -14.20
CA ARG G 63 23.39 -14.42 -15.16
C ARG G 63 23.79 -15.88 -15.20
N PHE G 64 23.77 -16.55 -14.05
CA PHE G 64 24.30 -17.90 -13.90
C PHE G 64 23.24 -18.99 -13.99
N GLN G 65 21.96 -18.63 -14.11
CA GLN G 65 20.92 -19.65 -14.07
C GLN G 65 21.05 -20.61 -15.25
N GLY G 66 20.99 -21.90 -14.94
CA GLY G 66 21.12 -22.97 -15.90
C GLY G 66 22.53 -23.48 -16.12
N ARG G 67 23.55 -22.65 -15.92
CA ARG G 67 24.92 -23.12 -15.96
C ARG G 67 25.56 -23.31 -14.58
N VAL G 68 24.83 -23.08 -13.49
CA VAL G 68 25.37 -23.23 -12.14
C VAL G 68 24.50 -24.22 -11.37
N THR G 69 25.13 -24.96 -10.46
CA THR G 69 24.43 -25.87 -9.58
C THR G 69 25.11 -25.86 -8.22
N MET G 70 24.31 -25.84 -7.15
CA MET G 70 24.81 -25.85 -5.79
C MET G 70 24.17 -27.00 -5.03
N THR G 71 24.98 -27.71 -4.25
CA THR G 71 24.52 -28.82 -3.43
C THR G 71 25.21 -28.77 -2.08
N LYS G 72 24.51 -29.23 -1.06
CA LYS G 72 25.01 -29.21 0.31
C LYS G 72 24.99 -30.62 0.87
N ASP G 73 26.12 -31.05 1.43
CA ASP G 73 26.27 -32.38 2.00
C ASP G 73 26.36 -32.25 3.52
N THR G 74 25.34 -32.73 4.22
CA THR G 74 25.34 -32.65 5.68
C THR G 74 26.32 -33.62 6.30
N SER G 75 26.58 -34.75 5.62
CA SER G 75 27.44 -35.80 6.17
C SER G 75 28.84 -35.27 6.44
N THR G 76 29.50 -34.78 5.40
CA THR G 76 30.86 -34.28 5.48
C THR G 76 30.91 -32.78 5.71
N SER G 77 29.77 -32.12 5.90
CA SER G 77 29.71 -30.69 6.17
C SER G 77 30.39 -29.89 5.07
N THR G 78 29.98 -30.14 3.83
CA THR G 78 30.59 -29.52 2.68
C THR G 78 29.52 -28.97 1.76
N VAL G 79 29.72 -27.75 1.29
CA VAL G 79 28.90 -27.13 0.27
C VAL G 79 29.70 -27.14 -1.02
N TYR G 80 29.03 -27.43 -2.14
CA TYR G 80 29.69 -27.46 -3.45
C TYR G 80 29.06 -26.49 -4.42
N MET G 81 29.88 -25.94 -5.31
CA MET G 81 29.37 -25.05 -6.35
C MET G 81 29.76 -25.59 -7.71
N GLU G 82 28.79 -25.71 -8.61
CA GLU G 82 29.05 -26.23 -9.95
C GLU G 82 28.94 -25.16 -11.01
N LEU G 83 30.00 -24.94 -11.75
CA LEU G 83 29.99 -23.98 -12.84
C LEU G 83 30.29 -24.78 -14.10
N SER G 84 29.49 -24.58 -15.14
CA SER G 84 29.65 -25.33 -16.39
C SER G 84 29.80 -24.44 -17.61
N SER G 85 30.31 -25.05 -18.69
CA SER G 85 30.56 -24.36 -19.95
C SER G 85 31.39 -23.11 -19.67
N LEU G 86 32.61 -23.34 -19.21
CA LEU G 86 33.52 -22.27 -18.82
C LEU G 86 33.94 -21.33 -19.95
N ARG G 87 34.14 -20.07 -19.59
CA ARG G 87 34.51 -19.01 -20.50
C ARG G 87 35.73 -18.28 -19.96
N SER G 88 36.35 -17.47 -20.79
CA SER G 88 37.52 -16.71 -20.37
C SER G 88 37.19 -15.76 -19.22
N GLU G 89 36.01 -15.14 -19.25
CA GLU G 89 35.58 -14.23 -18.18
C GLU G 89 35.31 -14.93 -16.82
N ASP G 90 35.03 -16.22 -16.85
CA ASP G 90 34.76 -16.99 -15.65
C ASP G 90 35.93 -16.96 -14.66
N THR G 91 37.18 -16.98 -15.15
CA THR G 91 38.38 -16.94 -14.30
C THR G 91 38.27 -15.88 -13.20
N ALA G 92 38.27 -16.35 -11.96
CA ALA G 92 38.06 -15.50 -10.79
C ALA G 92 38.48 -16.26 -9.55
N ILE G 93 38.34 -15.61 -8.41
CA ILE G 93 38.42 -16.27 -7.12
C ILE G 93 37.00 -16.50 -6.60
N TYR G 94 36.75 -17.67 -6.05
CA TYR G 94 35.41 -18.07 -5.63
C TYR G 94 35.36 -18.18 -4.12
N TYR G 95 34.62 -17.28 -3.49
CA TYR G 95 34.53 -17.24 -2.04
C TYR G 95 33.27 -17.93 -1.55
N CYS G 96 33.40 -18.60 -0.42
CA CYS G 96 32.32 -19.27 0.26
C CYS G 96 32.06 -18.53 1.56
N ALA G 97 30.82 -18.07 1.75
CA ALA G 97 30.51 -17.17 2.85
C ALA G 97 29.36 -17.72 3.67
N ARG G 98 29.49 -17.64 5.00
CA ARG G 98 28.44 -18.12 5.88
C ARG G 98 27.54 -16.96 6.28
N ASP G 99 26.24 -17.22 6.36
CA ASP G 99 25.26 -16.18 6.67
C ASP G 99 24.55 -16.48 7.98
N PRO G 100 24.82 -15.70 9.03
CA PRO G 100 24.19 -16.00 10.32
C PRO G 100 22.74 -15.55 10.51
N ASN G 101 22.12 -14.93 9.52
CA ASN G 101 20.76 -14.46 9.71
C ASN G 101 19.71 -15.49 9.27
N VAL G 102 19.23 -16.24 10.25
CA VAL G 102 18.24 -17.30 10.07
C VAL G 102 16.81 -16.97 9.64
N ALA G 103 16.23 -15.87 10.12
CA ALA G 103 14.84 -15.59 9.79
C ALA G 103 14.47 -14.28 9.12
N PHE G 104 13.31 -14.29 8.48
CA PHE G 104 12.73 -13.13 7.82
C PHE G 104 12.01 -12.25 8.83
N TYR G 105 12.10 -10.94 8.59
CA TYR G 105 11.38 -9.96 9.39
C TYR G 105 10.21 -9.44 8.59
N TYR G 106 9.04 -9.48 9.20
CA TYR G 106 7.79 -9.09 8.56
C TYR G 106 7.18 -7.83 9.15
N GLY G 107 7.81 -6.71 8.89
CA GLY G 107 7.33 -5.43 9.36
C GLY G 107 6.39 -4.81 8.35
N SER G 108 5.95 -3.58 8.62
CA SER G 108 5.09 -2.89 7.68
C SER G 108 5.92 -2.69 6.42
N GLY G 109 5.32 -2.90 5.26
CA GLY G 109 6.07 -2.82 4.02
C GLY G 109 6.58 -4.20 3.66
N ASN G 110 7.37 -4.31 2.61
CA ASN G 110 7.87 -5.62 2.18
C ASN G 110 8.79 -6.30 3.20
N TYR G 111 8.69 -7.62 3.31
CA TYR G 111 9.53 -8.39 4.22
C TYR G 111 10.94 -8.57 3.65
N TYR G 112 11.87 -8.98 4.50
CA TYR G 112 13.25 -9.11 4.06
C TYR G 112 14.00 -9.98 5.05
N LYS G 113 15.00 -10.70 4.55
CA LYS G 113 15.98 -11.33 5.40
C LYS G 113 17.29 -10.60 5.20
N ASP G 114 17.97 -10.30 6.30
CA ASP G 114 19.26 -9.65 6.23
C ASP G 114 20.25 -10.66 5.66
N ASN G 115 20.92 -10.28 4.57
CA ASN G 115 21.89 -11.17 3.94
C ASN G 115 23.33 -10.75 4.15
N ALA G 116 23.76 -10.65 5.40
CA ALA G 116 25.13 -10.26 5.70
C ALA G 116 25.92 -11.51 6.06
N MET G 117 27.01 -11.75 5.35
CA MET G 117 27.83 -12.93 5.59
C MET G 117 29.09 -12.65 6.37
N ASP G 118 29.11 -13.06 7.63
CA ASP G 118 30.26 -12.90 8.52
C ASP G 118 31.54 -13.72 8.28
N VAL G 119 31.39 -15.01 7.98
CA VAL G 119 32.56 -15.88 7.78
C VAL G 119 32.80 -16.15 6.31
N TRP G 120 34.01 -15.87 5.86
CA TRP G 120 34.34 -16.06 4.46
C TRP G 120 35.46 -17.08 4.35
N GLY G 121 35.38 -17.88 3.29
CA GLY G 121 36.38 -18.88 3.00
C GLY G 121 37.63 -18.23 2.46
N GLN G 122 38.75 -18.93 2.50
CA GLN G 122 40.01 -18.36 2.00
C GLN G 122 39.93 -18.01 0.51
N GLY G 123 39.24 -18.83 -0.28
CA GLY G 123 39.05 -18.60 -1.70
C GLY G 123 39.80 -19.55 -2.60
N THR G 124 39.28 -19.72 -3.80
CA THR G 124 39.87 -20.61 -4.78
C THR G 124 40.04 -19.88 -6.09
N THR G 125 41.25 -19.99 -6.65
CA THR G 125 41.56 -19.36 -7.92
C THR G 125 41.28 -20.36 -9.03
N VAL G 126 40.27 -20.07 -9.84
CA VAL G 126 39.93 -20.88 -11.00
C VAL G 126 40.27 -20.08 -12.23
N THR G 127 41.17 -20.61 -13.06
CA THR G 127 41.58 -19.99 -14.30
C THR G 127 40.96 -20.76 -15.46
N VAL G 128 40.39 -20.04 -16.41
CA VAL G 128 39.85 -20.64 -17.62
C VAL G 128 40.73 -20.17 -18.77
N SER G 129 41.51 -21.09 -19.32
CA SER G 129 42.55 -20.73 -20.28
C SER G 129 42.83 -21.93 -21.16
N SER G 130 43.51 -21.67 -22.28
CA SER G 130 43.92 -22.73 -23.18
C SER G 130 45.44 -22.87 -23.20
N GLN H 1 17.81 -2.79 -14.49
CA GLN H 1 17.71 -1.35 -14.35
C GLN H 1 17.98 -0.88 -12.93
N SER H 2 18.28 -1.82 -12.04
CA SER H 2 18.59 -1.47 -10.66
C SER H 2 20.08 -1.62 -10.50
N VAL H 3 20.72 -0.55 -10.03
CA VAL H 3 22.17 -0.57 -9.87
C VAL H 3 22.64 -0.05 -8.53
N LEU H 4 23.84 -0.47 -8.14
CA LEU H 4 24.50 -0.01 -6.94
C LEU H 4 25.73 0.69 -7.49
N THR H 5 25.91 1.94 -7.09
CA THR H 5 27.01 2.73 -7.59
C THR H 5 27.76 3.47 -6.50
N GLN H 6 29.08 3.30 -6.46
CA GLN H 6 29.90 3.98 -5.49
C GLN H 6 31.02 4.66 -6.24
N PRO H 7 31.58 5.73 -5.68
CA PRO H 7 32.72 6.42 -6.28
C PRO H 7 33.89 5.44 -6.32
N PRO H 8 34.65 5.41 -7.42
CA PRO H 8 35.73 4.41 -7.50
C PRO H 8 36.82 4.61 -6.46
N SER H 9 37.06 5.83 -6.00
CA SER H 9 38.16 6.07 -5.08
C SER H 9 37.80 7.13 -4.06
N ALA H 10 38.53 7.11 -2.94
CA ALA H 10 38.41 8.10 -1.89
C ALA H 10 39.81 8.34 -1.33
N SER H 11 39.97 9.42 -0.58
CA SER H 11 41.27 9.80 -0.02
C SER H 11 41.07 10.51 1.30
N GLY H 12 42.07 10.43 2.16
CA GLY H 12 42.05 11.14 3.43
C GLY H 12 43.39 10.99 4.12
N THR H 13 43.57 11.76 5.18
CA THR H 13 44.79 11.69 5.96
C THR H 13 44.44 11.14 7.34
N PRO H 14 45.39 10.47 7.99
CA PRO H 14 45.06 9.77 9.24
C PRO H 14 44.49 10.70 10.30
N GLY H 15 43.35 10.30 10.86
CA GLY H 15 42.63 11.12 11.81
C GLY H 15 41.47 11.90 11.23
N GLN H 16 41.46 12.14 9.93
CA GLN H 16 40.34 12.80 9.27
C GLN H 16 39.17 11.83 9.13
N ARG H 17 37.98 12.40 8.91
CA ARG H 17 36.82 11.58 8.61
C ARG H 17 36.70 11.35 7.12
N VAL H 18 36.33 10.13 6.74
CA VAL H 18 36.10 9.78 5.35
C VAL H 18 34.76 9.08 5.26
N THR H 19 33.90 9.55 4.37
CA THR H 19 32.59 8.95 4.16
C THR H 19 32.55 8.33 2.76
N ILE H 20 32.04 7.11 2.67
CA ILE H 20 31.91 6.39 1.41
C ILE H 20 30.44 6.14 1.17
N SER H 21 29.93 6.58 0.02
CA SER H 21 28.53 6.41 -0.26
C SER H 21 28.27 5.67 -1.55
N CYS H 22 27.11 5.04 -1.62
CA CYS H 22 26.70 4.37 -2.84
C CYS H 22 25.25 4.69 -3.09
N SER H 23 24.88 4.70 -4.37
CA SER H 23 23.52 5.02 -4.76
C SER H 23 22.82 3.76 -5.23
N GLY H 24 21.61 3.57 -4.75
CA GLY H 24 20.85 2.39 -5.09
C GLY H 24 19.45 2.65 -5.56
N SER H 25 18.88 1.66 -6.23
CA SER H 25 17.53 1.70 -6.74
C SER H 25 16.52 1.50 -5.61
N SER H 26 15.26 1.82 -5.87
CA SER H 26 14.20 1.65 -4.88
C SER H 26 14.04 0.19 -4.45
N SER H 27 14.19 -0.72 -5.42
CA SER H 27 14.10 -2.14 -5.19
C SER H 27 15.16 -2.67 -4.22
N ASN H 28 16.37 -2.12 -4.24
CA ASN H 28 17.40 -2.63 -3.32
C ASN H 28 17.63 -1.83 -2.03
N ILE H 29 18.32 -0.69 -2.10
CA ILE H 29 18.59 0.07 -0.90
C ILE H 29 17.33 0.61 -0.22
N GLY H 30 16.37 1.04 -1.03
CA GLY H 30 15.16 1.60 -0.49
C GLY H 30 14.33 0.65 0.35
N SER H 31 14.18 -0.60 -0.09
CA SER H 31 13.38 -1.56 0.67
C SER H 31 14.14 -2.65 1.42
N ASN H 32 15.47 -2.66 1.34
CA ASN H 32 16.23 -3.71 2.02
C ASN H 32 17.38 -3.16 2.84
N PRO H 33 17.81 -3.91 3.87
CA PRO H 33 18.92 -3.54 4.75
C PRO H 33 20.23 -3.51 3.98
N VAL H 34 21.12 -2.60 4.35
CA VAL H 34 22.40 -2.47 3.66
C VAL H 34 23.58 -2.88 4.52
N ASN H 35 24.45 -3.74 3.98
CA ASN H 35 25.64 -4.16 4.71
C ASN H 35 26.91 -3.72 4.01
N TRP H 36 27.96 -3.45 4.80
CA TRP H 36 29.24 -2.99 4.29
C TRP H 36 30.37 -3.98 4.50
N TYR H 37 31.16 -4.19 3.47
CA TYR H 37 32.30 -5.10 3.53
C TYR H 37 33.59 -4.38 3.24
N GLN H 38 34.63 -4.69 3.99
CA GLN H 38 35.93 -4.06 3.76
C GLN H 38 36.92 -5.12 3.34
N GLN H 39 37.57 -4.93 2.20
CA GLN H 39 38.52 -5.95 1.77
C GLN H 39 39.94 -5.46 1.55
N LEU H 40 40.86 -5.99 2.34
CA LEU H 40 42.27 -5.67 2.21
C LEU H 40 42.82 -6.47 1.04
N PRO H 41 43.91 -6.00 0.43
CA PRO H 41 44.47 -6.73 -0.71
C PRO H 41 44.96 -8.13 -0.33
N GLY H 42 44.63 -9.11 -1.16
CA GLY H 42 45.06 -10.49 -0.94
C GLY H 42 44.33 -11.24 0.16
N THR H 43 43.22 -10.70 0.63
CA THR H 43 42.44 -11.32 1.70
C THR H 43 40.96 -11.25 1.39
N ALA H 44 40.18 -12.15 1.99
CA ALA H 44 38.74 -12.18 1.80
C ALA H 44 38.08 -10.99 2.50
N PRO H 45 36.89 -10.59 2.00
CA PRO H 45 36.15 -9.46 2.56
C PRO H 45 35.72 -9.67 4.00
N LYS H 46 35.74 -8.61 4.80
CA LYS H 46 35.33 -8.68 6.18
C LYS H 46 34.11 -7.80 6.39
N LEU H 47 33.06 -8.34 7.03
CA LEU H 47 31.86 -7.54 7.25
C LEU H 47 32.15 -6.40 8.20
N LEU H 48 31.73 -5.20 7.85
CA LEU H 48 31.95 -4.02 8.68
C LEU H 48 30.69 -3.53 9.37
N ILE H 49 29.62 -3.43 8.59
CA ILE H 49 28.34 -2.96 9.09
C ILE H 49 27.28 -3.89 8.48
N TYR H 50 26.23 -4.20 9.22
CA TYR H 50 25.13 -5.03 8.74
C TYR H 50 23.82 -4.39 9.21
N SER H 51 22.71 -4.65 8.52
CA SER H 51 21.41 -4.09 8.92
C SER H 51 21.45 -2.56 9.07
N ASN H 52 22.03 -1.92 8.06
CA ASN H 52 22.21 -0.45 7.90
C ASN H 52 23.21 0.21 8.83
N ASN H 53 22.97 0.15 10.13
CA ASN H 53 23.90 0.78 11.07
C ASN H 53 24.53 -0.16 12.10
N GLN H 54 24.00 -1.37 12.21
CA GLN H 54 24.51 -2.31 13.20
C GLN H 54 25.94 -2.74 12.91
N ARG H 55 26.72 -2.88 13.97
CA ARG H 55 28.12 -3.27 13.83
C ARG H 55 28.35 -4.60 14.54
N PRO H 56 29.00 -5.53 13.85
CA PRO H 56 29.32 -6.87 14.33
C PRO H 56 30.34 -6.82 15.46
N SER H 57 30.33 -7.82 16.33
CA SER H 57 31.28 -7.88 17.42
C SER H 57 32.69 -8.02 16.87
N GLY H 58 33.64 -7.36 17.54
CA GLY H 58 35.02 -7.38 17.09
C GLY H 58 35.31 -6.32 16.04
N VAL H 59 34.35 -5.43 15.82
CA VAL H 59 34.51 -4.36 14.85
C VAL H 59 34.63 -3.05 15.60
N PRO H 60 35.63 -2.23 15.23
CA PRO H 60 35.92 -0.95 15.88
C PRO H 60 34.77 0.04 15.79
N ASP H 61 34.61 0.83 16.84
CA ASP H 61 33.57 1.85 16.95
C ASP H 61 33.67 2.99 15.94
N ARG H 62 34.88 3.26 15.44
CA ARG H 62 35.06 4.35 14.50
C ARG H 62 34.25 4.18 13.22
N PHE H 63 34.09 2.97 12.71
CA PHE H 63 33.27 2.77 11.53
C PHE H 63 31.80 3.03 11.86
N SER H 64 31.10 3.72 10.97
CA SER H 64 29.68 4.02 11.17
C SER H 64 28.90 3.89 9.86
N GLY H 65 27.65 3.43 9.94
CA GLY H 65 26.83 3.26 8.75
C GLY H 65 25.49 3.93 8.80
N SER H 66 25.07 4.53 7.69
CA SER H 66 23.79 5.22 7.61
C SER H 66 23.05 4.94 6.31
N LYS H 67 21.73 4.93 6.37
CA LYS H 67 20.93 4.75 5.18
C LYS H 67 19.90 5.87 5.10
N SER H 68 19.88 6.58 3.98
CA SER H 68 18.89 7.63 3.80
C SER H 68 18.20 7.46 2.47
N GLY H 69 16.90 7.22 2.48
CA GLY H 69 16.20 7.04 1.22
C GLY H 69 16.80 5.89 0.44
N THR H 70 17.19 6.17 -0.80
CA THR H 70 17.77 5.17 -1.67
C THR H 70 19.30 5.20 -1.70
N SER H 71 19.90 5.99 -0.81
CA SER H 71 21.35 6.12 -0.74
C SER H 71 21.90 5.64 0.59
N ALA H 72 22.99 4.89 0.54
CA ALA H 72 23.63 4.37 1.75
C ALA H 72 25.05 4.89 1.87
N SER H 73 25.44 5.28 3.06
CA SER H 73 26.79 5.79 3.28
C SER H 73 27.49 5.13 4.46
N LEU H 74 28.80 4.98 4.33
CA LEU H 74 29.63 4.40 5.38
C LEU H 74 30.59 5.48 5.81
N ALA H 75 30.69 5.70 7.12
CA ALA H 75 31.58 6.72 7.64
C ALA H 75 32.72 6.12 8.42
N ILE H 76 33.93 6.55 8.08
CA ILE H 76 35.13 6.12 8.78
C ILE H 76 35.71 7.36 9.44
N SER H 77 35.99 7.28 10.73
CA SER H 77 36.52 8.41 11.47
C SER H 77 37.78 7.97 12.17
N GLY H 78 38.65 8.92 12.52
CA GLY H 78 39.91 8.56 13.16
C GLY H 78 40.69 7.61 12.28
N LEU H 79 40.81 7.97 11.01
CA LEU H 79 41.45 7.16 9.98
C LEU H 79 42.92 6.81 10.21
N GLN H 80 43.28 5.58 9.84
CA GLN H 80 44.63 5.05 9.97
C GLN H 80 45.06 4.33 8.71
N SER H 81 46.36 4.04 8.61
CA SER H 81 46.94 3.39 7.43
C SER H 81 46.33 2.01 7.19
N GLU H 82 46.04 1.28 8.26
CA GLU H 82 45.44 -0.05 8.20
C GLU H 82 44.05 -0.04 7.55
N ASP H 83 43.30 1.03 7.79
CA ASP H 83 41.95 1.17 7.25
C ASP H 83 41.89 1.13 5.73
N GLU H 84 42.93 1.58 5.06
CA GLU H 84 42.98 1.56 3.59
C GLU H 84 42.72 0.20 2.97
N ALA H 85 41.57 0.06 2.31
CA ALA H 85 41.17 -1.18 1.66
C ALA H 85 40.05 -0.89 0.66
N ASP H 86 39.58 -1.91 -0.04
CA ASP H 86 38.46 -1.73 -0.97
C ASP H 86 37.15 -1.89 -0.20
N TYR H 87 36.23 -0.94 -0.36
CA TYR H 87 34.95 -1.00 0.34
C TYR H 87 33.78 -1.26 -0.58
N TYR H 88 32.98 -2.24 -0.22
CA TYR H 88 31.81 -2.62 -0.99
C TYR H 88 30.54 -2.46 -0.18
N CYS H 89 29.51 -1.87 -0.79
CA CYS H 89 28.23 -1.73 -0.12
C CYS H 89 27.34 -2.74 -0.82
N ALA H 90 26.62 -3.54 -0.05
CA ALA H 90 25.76 -4.55 -0.64
C ALA H 90 24.34 -4.50 -0.11
N ALA H 91 23.40 -4.96 -0.93
CA ALA H 91 22.01 -5.03 -0.53
C ALA H 91 21.31 -6.08 -1.37
N TRP H 92 20.33 -6.74 -0.76
CA TRP H 92 19.44 -7.60 -1.53
C TRP H 92 18.62 -6.75 -2.49
N ASP H 93 18.46 -7.21 -3.72
CA ASP H 93 17.70 -6.49 -4.73
C ASP H 93 16.50 -7.33 -5.13
N ASP H 94 15.30 -6.77 -5.01
CA ASP H 94 14.09 -7.50 -5.32
C ASP H 94 13.91 -7.83 -6.80
N SER H 95 14.17 -6.87 -7.69
CA SER H 95 14.00 -7.13 -9.11
C SER H 95 14.94 -8.24 -9.56
N LEU H 96 16.19 -8.15 -9.11
CA LEU H 96 17.21 -9.15 -9.39
C LEU H 96 16.94 -10.47 -8.69
N ASN H 97 16.33 -10.35 -7.50
CA ASN H 97 16.00 -11.47 -6.61
C ASN H 97 17.27 -12.15 -6.21
N GLY H 98 18.23 -11.34 -5.81
CA GLY H 98 19.54 -11.78 -5.37
C GLY H 98 20.30 -10.63 -4.76
N VAL H 99 21.48 -10.95 -4.24
CA VAL H 99 22.33 -9.93 -3.64
C VAL H 99 23.07 -9.18 -4.72
N LEU H 100 23.22 -7.88 -4.53
CA LEU H 100 23.86 -6.99 -5.48
C LEU H 100 24.96 -6.22 -4.76
N PHE H 101 26.15 -6.20 -5.33
CA PHE H 101 27.28 -5.49 -4.77
C PHE H 101 27.54 -4.20 -5.54
N GLY H 102 27.99 -3.19 -4.83
CA GLY H 102 28.53 -2.02 -5.47
C GLY H 102 29.82 -2.35 -6.20
N GLY H 103 30.27 -1.40 -7.02
CA GLY H 103 31.50 -1.63 -7.77
C GLY H 103 32.73 -1.67 -6.89
N GLY H 104 32.62 -1.19 -5.67
CA GLY H 104 33.73 -1.09 -4.74
C GLY H 104 34.37 0.28 -4.78
N THR H 105 34.83 0.72 -3.62
CA THR H 105 35.53 2.00 -3.49
C THR H 105 36.88 1.75 -2.84
N LYS H 106 37.94 1.99 -3.61
CA LYS H 106 39.29 1.87 -3.10
C LYS H 106 39.66 3.13 -2.33
N LEU H 107 39.97 2.97 -1.05
CA LEU H 107 40.38 4.08 -0.20
C LEU H 107 41.89 4.19 -0.21
N THR H 108 42.40 5.42 -0.22
CA THR H 108 43.83 5.67 -0.24
C THR H 108 44.18 6.65 0.86
N VAL H 109 44.92 6.17 1.85
CA VAL H 109 45.52 7.05 2.85
C VAL H 109 46.62 7.89 2.20
N LEU H 110 46.98 8.98 2.86
CA LEU H 110 48.00 9.89 2.37
C LEU H 110 49.21 9.86 3.29
N GLY H 111 50.40 10.05 2.70
CA GLY H 111 51.64 9.96 3.44
C GLY H 111 52.80 9.50 2.58
#